data_2N1T
#
_entry.id   2N1T
#
loop_
_entity.id
_entity.type
_entity.pdbx_description
1 polymer 'Vesicle-associated membrane protein 2'
2 polymer Syntaxin-1A
3 polymer 'Synaptosomal-associated protein 25'
4 polymer 'Synaptosomal-associated protein 25'
5 polymer Synaptotagmin-1
#
loop_
_entity_poly.entity_id
_entity_poly.type
_entity_poly.pdbx_seq_one_letter_code
_entity_poly.pdbx_strand_id
1 'polypeptide(L)' NLTSNRRLQQTQAQVDEVVDIMRVNVDKVLERDQKLSELDDRADALQAGASQFETSAAKLKRKYWWKNL A
2 'polypeptide(L)' SKQALSEIETRHSEIIKLENSIRELHDMFMDMAMLVESQGEMIDRIEYNVEHAVDYVERAVSDTKKAVKYQS B
3 'polypeptide(L)' MRNELEEMQRRADQLADESLESTRRMLQLVEESKDAGIRTLVMLDEQGEQLDRVEEGMNHINQDMKEAEKNLKDLGK C
4 'polypeptide(L)' GGFIRRVTNDARENEMDENLEQVSGIIGNLRHMALDMGNEIDTQNRQIDRIMEKADSNKTRIDEANQRATKMLG D
5 'polypeptide(L)'
;SGGGGGILEKLGDICFSLRYVPTAGKLTVVILEAKNLKKMDVGGLSDPYVKIHLMQNGKRLKKKKTTIKKNTLNPYYNES
FSFEVPFEQIQKVQVVVTVLDYDKIGKNDAIGKVFVGYNSTGAELRHWSDMLANPRRPIAQWHTLQVEEEVDAMLA
;
E
#
# COMPACT_ATOMS: atom_id res chain seq x y z
N ASN A 1 -6.27 28.98 41.34
CA ASN A 1 -7.59 29.47 40.80
C ASN A 1 -8.41 28.28 40.31
N LEU A 2 -9.74 28.42 40.11
CA LEU A 2 -10.56 27.36 39.57
C LEU A 2 -10.21 26.93 38.13
N THR A 3 -9.95 25.61 37.95
CA THR A 3 -9.77 24.84 36.71
C THR A 3 -10.54 25.35 35.50
N SER A 4 -9.90 25.51 34.31
CA SER A 4 -10.47 26.24 33.19
C SER A 4 -10.38 25.44 31.89
N ASN A 5 -11.15 25.82 30.85
CA ASN A 5 -11.47 24.97 29.72
C ASN A 5 -10.58 25.15 28.49
N ARG A 6 -9.37 25.75 28.60
CA ARG A 6 -8.48 25.98 27.46
C ARG A 6 -8.09 24.68 26.73
N ARG A 7 -7.91 23.58 27.49
CA ARG A 7 -7.62 22.25 26.99
C ARG A 7 -8.73 21.66 26.09
N LEU A 8 -10.01 21.90 26.43
CA LEU A 8 -11.13 21.57 25.56
C LEU A 8 -11.14 22.38 24.27
N GLN A 9 -10.85 23.70 24.37
CA GLN A 9 -10.71 24.61 23.23
C GLN A 9 -9.54 24.20 22.31
N GLN A 10 -8.39 23.79 22.89
CA GLN A 10 -7.24 23.21 22.22
C GLN A 10 -7.61 21.96 21.44
N THR A 11 -8.45 21.08 22.02
CA THR A 11 -8.92 19.86 21.38
C THR A 11 -9.72 20.13 20.10
N GLN A 12 -10.59 21.14 20.12
CA GLN A 12 -11.28 21.63 18.92
C GLN A 12 -10.31 22.19 17.88
N ALA A 13 -9.31 23.00 18.32
CA ALA A 13 -8.29 23.54 17.45
C ALA A 13 -7.42 22.48 16.76
N GLN A 14 -7.08 21.39 17.46
CA GLN A 14 -6.36 20.26 16.90
C GLN A 14 -7.10 19.55 15.75
N VAL A 15 -8.42 19.30 15.90
CA VAL A 15 -9.23 18.77 14.80
C VAL A 15 -9.40 19.76 13.65
N ASP A 16 -9.59 21.06 13.96
CA ASP A 16 -9.68 22.15 12.99
C ASP A 16 -8.41 22.29 12.13
N GLU A 17 -7.22 22.19 12.75
CA GLU A 17 -5.94 22.20 12.08
C GLU A 17 -5.71 21.00 11.16
N VAL A 18 -6.01 19.76 11.61
CA VAL A 18 -5.84 18.57 10.77
C VAL A 18 -6.80 18.52 9.58
N VAL A 19 -8.06 18.98 9.73
CA VAL A 19 -9.03 19.06 8.63
C VAL A 19 -8.57 19.97 7.49
N ASP A 20 -7.93 21.13 7.79
CA ASP A 20 -7.36 22.01 6.77
C ASP A 20 -6.27 21.31 5.95
N ILE A 21 -5.36 20.57 6.62
CA ILE A 21 -4.34 19.75 5.97
C ILE A 21 -4.95 18.62 5.13
N MET A 22 -5.98 17.93 5.65
CA MET A 22 -6.69 16.89 4.92
C MET A 22 -7.41 17.37 3.66
N ARG A 23 -8.01 18.58 3.67
CA ARG A 23 -8.58 19.20 2.49
C ARG A 23 -7.54 19.43 1.37
N VAL A 24 -6.32 19.89 1.72
CA VAL A 24 -5.21 19.97 0.79
C VAL A 24 -4.75 18.58 0.30
N ASN A 25 -4.67 17.58 1.21
CA ASN A 25 -4.29 16.21 0.88
C ASN A 25 -5.25 15.52 -0.10
N VAL A 26 -6.58 15.66 0.05
CA VAL A 26 -7.54 15.07 -0.89
C VAL A 26 -7.46 15.65 -2.30
N ASP A 27 -7.20 16.96 -2.48
CA ASP A 27 -6.91 17.58 -3.77
C ASP A 27 -5.63 17.00 -4.39
N LYS A 28 -4.63 16.63 -3.55
CA LYS A 28 -3.48 15.87 -4.02
C LYS A 28 -3.75 14.40 -4.35
N VAL A 29 -4.82 13.77 -3.83
CA VAL A 29 -5.31 12.50 -4.36
C VAL A 29 -5.90 12.68 -5.76
N LEU A 30 -6.62 13.79 -6.01
CA LEU A 30 -7.08 14.21 -7.33
C LEU A 30 -5.93 14.54 -8.30
N GLU A 31 -4.83 15.15 -7.79
CA GLU A 31 -3.56 15.31 -8.51
C GLU A 31 -2.99 13.96 -8.94
N ARG A 32 -2.97 12.97 -8.02
CA ARG A 32 -2.55 11.60 -8.32
C ARG A 32 -3.42 10.93 -9.38
N ASP A 33 -4.76 11.11 -9.32
CA ASP A 33 -5.74 10.56 -10.26
C ASP A 33 -5.50 11.01 -11.70
N GLN A 34 -5.28 12.32 -11.91
CA GLN A 34 -4.95 12.91 -13.21
C GLN A 34 -3.67 12.34 -13.80
N LYS A 35 -2.61 12.21 -12.98
CA LYS A 35 -1.33 11.68 -13.38
C LYS A 35 -1.37 10.19 -13.71
N LEU A 36 -2.10 9.37 -12.92
CA LEU A 36 -2.37 7.97 -13.21
C LEU A 36 -3.18 7.77 -14.49
N SER A 37 -4.20 8.62 -14.73
CA SER A 37 -5.02 8.61 -15.95
C SER A 37 -4.21 8.84 -17.22
N GLU A 38 -3.28 9.82 -17.21
CA GLU A 38 -2.35 10.02 -18.31
C GLU A 38 -1.38 8.85 -18.50
N LEU A 39 -0.87 8.27 -17.39
CA LEU A 39 0.04 7.14 -17.40
C LEU A 39 -0.55 5.87 -18.03
N ASP A 40 -1.85 5.61 -17.81
CA ASP A 40 -2.61 4.51 -18.39
C ASP A 40 -2.60 4.49 -19.93
N ASP A 41 -2.85 5.65 -20.57
CA ASP A 41 -2.72 5.83 -22.01
C ASP A 41 -1.31 5.60 -22.52
N ARG A 42 -0.28 6.09 -21.78
CA ARG A 42 1.11 5.85 -22.13
C ARG A 42 1.50 4.38 -22.04
N ALA A 43 0.98 3.64 -21.05
CA ALA A 43 1.18 2.21 -20.91
C ALA A 43 0.66 1.37 -22.08
N ASP A 44 -0.56 1.67 -22.61
CA ASP A 44 -1.05 1.03 -23.84
C ASP A 44 -0.19 1.36 -25.06
N ALA A 45 0.20 2.64 -25.21
CA ALA A 45 1.07 3.10 -26.29
C ALA A 45 2.45 2.43 -26.27
N LEU A 46 3.05 2.27 -25.08
CA LEU A 46 4.28 1.53 -24.88
C LEU A 46 4.16 0.04 -25.24
N GLN A 47 3.08 -0.62 -24.81
CA GLN A 47 2.79 -2.02 -25.14
C GLN A 47 2.54 -2.25 -26.63
N ALA A 48 1.73 -1.37 -27.27
CA ALA A 48 1.47 -1.38 -28.69
C ALA A 48 2.72 -1.13 -29.53
N GLY A 49 3.57 -0.18 -29.12
CA GLY A 49 4.85 0.08 -29.77
C GLY A 49 5.85 -1.03 -29.63
N ALA A 50 5.88 -1.71 -28.47
CA ALA A 50 6.72 -2.86 -28.22
C ALA A 50 6.39 -4.07 -29.10
N SER A 51 5.10 -4.38 -29.31
CA SER A 51 4.65 -5.42 -30.25
C SER A 51 5.09 -5.12 -31.69
N GLN A 52 4.89 -3.87 -32.15
CA GLN A 52 5.32 -3.43 -33.46
C GLN A 52 6.83 -3.50 -33.64
N PHE A 53 7.61 -3.08 -32.63
CA PHE A 53 9.06 -3.16 -32.65
C PHE A 53 9.61 -4.59 -32.76
N GLU A 54 9.05 -5.57 -32.01
CA GLU A 54 9.46 -6.96 -32.13
C GLU A 54 9.18 -7.55 -33.51
N THR A 55 7.98 -7.31 -34.06
CA THR A 55 7.60 -7.75 -35.40
C THR A 55 8.47 -7.11 -36.47
N SER A 56 8.77 -5.80 -36.36
CA SER A 56 9.75 -5.12 -37.20
C SER A 56 11.16 -5.67 -37.12
N ALA A 57 11.65 -6.03 -35.91
CA ALA A 57 12.93 -6.68 -35.71
C ALA A 57 13.03 -8.04 -36.40
N ALA A 58 11.96 -8.86 -36.32
CA ALA A 58 11.85 -10.12 -37.03
C ALA A 58 11.90 -9.98 -38.55
N LYS A 59 11.22 -8.96 -39.13
CA LYS A 59 11.34 -8.61 -40.53
C LYS A 59 12.77 -8.20 -40.91
N LEU A 60 13.43 -7.38 -40.06
CA LEU A 60 14.78 -6.90 -40.23
C LEU A 60 15.82 -8.01 -40.21
N LYS A 61 15.65 -9.03 -39.34
CA LYS A 61 16.45 -10.24 -39.32
C LYS A 61 16.38 -11.01 -40.62
N ARG A 62 15.17 -11.18 -41.21
CA ARG A 62 14.99 -11.79 -42.51
C ARG A 62 15.62 -10.97 -43.65
N LYS A 63 15.48 -9.63 -43.62
CA LYS A 63 16.10 -8.71 -44.56
C LYS A 63 17.63 -8.73 -44.54
N TYR A 64 18.27 -8.74 -43.35
CA TYR A 64 19.72 -8.76 -43.23
C TYR A 64 20.32 -10.14 -43.51
N TRP A 65 19.53 -11.23 -43.37
CA TRP A 65 19.87 -12.54 -43.88
C TRP A 65 19.97 -12.54 -45.41
N TRP A 66 19.00 -11.92 -46.11
CA TRP A 66 19.04 -11.73 -47.56
C TRP A 66 20.17 -10.82 -48.05
N LYS A 67 20.49 -9.74 -47.32
CA LYS A 67 21.53 -8.75 -47.65
C LYS A 67 22.94 -9.33 -47.80
N ASN A 68 23.31 -10.29 -46.94
CA ASN A 68 24.69 -10.75 -46.82
C ASN A 68 24.93 -12.09 -47.50
N LEU A 69 23.91 -12.65 -48.17
CA LEU A 69 23.92 -13.98 -48.77
C LEU A 69 24.83 -14.13 -50.02
N SER B 1 -22.19 35.27 39.38
CA SER B 1 -20.94 34.72 38.76
C SER B 1 -21.24 33.41 38.04
N LYS B 2 -20.34 32.42 38.13
CA LYS B 2 -20.41 31.10 37.52
C LYS B 2 -21.63 30.27 37.96
N GLN B 3 -22.25 29.51 37.03
CA GLN B 3 -23.51 28.80 37.29
C GLN B 3 -23.45 27.42 36.64
N ALA B 4 -23.81 26.35 37.40
CA ALA B 4 -23.57 24.98 37.01
C ALA B 4 -24.31 24.48 35.77
N LEU B 5 -25.63 24.76 35.66
CA LEU B 5 -26.46 24.31 34.55
C LEU B 5 -26.01 24.93 33.23
N SER B 6 -25.71 26.25 33.24
CA SER B 6 -25.17 26.97 32.10
C SER B 6 -23.84 26.40 31.61
N GLU B 7 -22.92 26.05 32.54
CA GLU B 7 -21.67 25.39 32.20
C GLU B 7 -21.85 24.01 31.60
N ILE B 8 -22.67 23.10 32.17
CA ILE B 8 -22.85 21.76 31.62
C ILE B 8 -23.61 21.74 30.29
N GLU B 9 -24.69 22.54 30.14
CA GLU B 9 -25.46 22.62 28.91
C GLU B 9 -24.67 23.21 27.75
N THR B 10 -23.88 24.27 28.03
CA THR B 10 -22.92 24.82 27.06
C THR B 10 -21.81 23.83 26.72
N ARG B 11 -21.23 23.13 27.73
CA ARG B 11 -20.19 22.13 27.50
C ARG B 11 -20.66 20.97 26.63
N HIS B 12 -21.88 20.44 26.87
CA HIS B 12 -22.50 19.42 26.05
C HIS B 12 -22.68 19.86 24.60
N SER B 13 -23.08 21.14 24.40
CA SER B 13 -23.23 21.76 23.09
C SER B 13 -21.93 21.80 22.30
N GLU B 14 -20.80 22.16 22.94
CA GLU B 14 -19.49 22.11 22.32
C GLU B 14 -18.98 20.69 22.05
N ILE B 15 -19.26 19.72 22.95
CA ILE B 15 -18.90 18.31 22.76
C ILE B 15 -19.58 17.67 21.55
N ILE B 16 -20.90 17.90 21.33
CA ILE B 16 -21.57 17.40 20.13
C ILE B 16 -21.05 18.04 18.84
N LYS B 17 -20.66 19.34 18.89
CA LYS B 17 -19.94 19.98 17.80
C LYS B 17 -18.58 19.34 17.53
N LEU B 18 -17.80 19.02 18.58
CA LEU B 18 -16.53 18.31 18.47
C LEU B 18 -16.66 16.93 17.83
N GLU B 19 -17.72 16.16 18.19
CA GLU B 19 -18.05 14.90 17.54
C GLU B 19 -18.30 15.05 16.04
N ASN B 20 -19.05 16.09 15.63
CA ASN B 20 -19.30 16.36 14.22
C ASN B 20 -18.09 16.91 13.46
N SER B 21 -17.14 17.62 14.11
CA SER B 21 -15.83 17.94 13.54
C SER B 21 -15.03 16.69 13.20
N ILE B 22 -15.00 15.70 14.12
CA ILE B 22 -14.39 14.39 13.92
C ILE B 22 -15.13 13.59 12.85
N ARG B 23 -16.47 13.68 12.78
CA ARG B 23 -17.28 13.05 11.74
C ARG B 23 -16.94 13.49 10.32
N GLU B 24 -16.68 14.81 10.06
CA GLU B 24 -16.18 15.26 8.76
C GLU B 24 -14.82 14.66 8.41
N LEU B 25 -13.88 14.64 9.38
CA LEU B 25 -12.57 14.03 9.24
C LEU B 25 -12.65 12.52 8.92
N HIS B 26 -13.57 11.81 9.61
CA HIS B 26 -13.89 10.42 9.36
C HIS B 26 -14.44 10.14 7.97
N ASP B 27 -15.38 10.98 7.49
CA ASP B 27 -15.97 10.89 6.16
C ASP B 27 -14.91 11.07 5.06
N MET B 28 -13.99 12.05 5.24
CA MET B 28 -12.84 12.26 4.37
C MET B 28 -11.90 11.07 4.32
N PHE B 29 -11.56 10.45 5.47
CA PHE B 29 -10.75 9.24 5.51
C PHE B 29 -11.39 8.05 4.79
N MET B 30 -12.70 7.80 4.98
CA MET B 30 -13.39 6.72 4.31
C MET B 30 -13.47 6.85 2.79
N ASP B 31 -13.78 8.06 2.27
CA ASP B 31 -13.73 8.37 0.85
C ASP B 31 -12.30 8.30 0.30
N MET B 32 -11.29 8.85 1.01
CA MET B 32 -9.89 8.79 0.62
C MET B 32 -9.37 7.36 0.55
N ALA B 33 -9.70 6.52 1.55
CA ALA B 33 -9.35 5.10 1.58
C ALA B 33 -9.95 4.32 0.43
N MET B 34 -11.23 4.59 0.06
CA MET B 34 -11.86 4.01 -1.12
C MET B 34 -11.17 4.44 -2.41
N LEU B 35 -10.87 5.74 -2.58
CA LEU B 35 -10.23 6.25 -3.77
C LEU B 35 -8.80 5.75 -3.98
N VAL B 36 -7.93 5.76 -2.94
CA VAL B 36 -6.56 5.25 -3.08
C VAL B 36 -6.51 3.74 -3.30
N GLU B 37 -7.44 2.96 -2.71
CA GLU B 37 -7.64 1.55 -2.99
C GLU B 37 -8.10 1.29 -4.42
N SER B 38 -9.07 2.07 -4.92
CA SER B 38 -9.56 2.02 -6.30
C SER B 38 -8.51 2.36 -7.33
N GLN B 39 -7.69 3.40 -7.07
CA GLN B 39 -6.52 3.72 -7.86
C GLN B 39 -5.49 2.59 -7.87
N GLY B 40 -5.32 1.88 -6.73
CA GLY B 40 -4.49 0.68 -6.65
C GLY B 40 -4.94 -0.48 -7.51
N GLU B 41 -6.25 -0.62 -7.79
CA GLU B 41 -6.77 -1.56 -8.78
C GLU B 41 -6.37 -1.18 -10.21
N MET B 42 -6.40 0.13 -10.55
CA MET B 42 -5.95 0.66 -11.83
C MET B 42 -4.45 0.44 -12.07
N ILE B 43 -3.60 0.62 -11.04
CA ILE B 43 -2.16 0.42 -11.11
C ILE B 43 -1.77 -1.00 -11.53
N ASP B 44 -2.57 -2.02 -11.17
CA ASP B 44 -2.39 -3.39 -11.67
C ASP B 44 -2.44 -3.51 -13.20
N ARG B 45 -3.35 -2.77 -13.89
CA ARG B 45 -3.38 -2.69 -15.35
C ARG B 45 -2.12 -2.04 -15.93
N ILE B 46 -1.67 -0.92 -15.32
CA ILE B 46 -0.47 -0.23 -15.73
C ILE B 46 0.77 -1.10 -15.57
N GLU B 47 0.90 -1.80 -14.42
CA GLU B 47 1.97 -2.72 -14.12
C GLU B 47 2.07 -3.89 -15.10
N TYR B 48 0.94 -4.57 -15.39
CA TYR B 48 0.93 -5.70 -16.30
C TYR B 48 1.23 -5.31 -17.74
N ASN B 49 0.66 -4.19 -18.23
CA ASN B 49 0.95 -3.67 -19.56
C ASN B 49 2.43 -3.31 -19.73
N VAL B 50 3.06 -2.67 -18.71
CA VAL B 50 4.50 -2.43 -18.67
C VAL B 50 5.31 -3.72 -18.61
N GLU B 51 4.96 -4.70 -17.75
CA GLU B 51 5.67 -5.97 -17.68
C GLU B 51 5.58 -6.81 -18.96
N HIS B 52 4.41 -6.82 -19.62
CA HIS B 52 4.23 -7.42 -20.93
C HIS B 52 5.07 -6.74 -22.01
N ALA B 53 5.17 -5.40 -21.98
CA ALA B 53 6.08 -4.63 -22.81
C ALA B 53 7.55 -4.98 -22.59
N VAL B 54 7.99 -5.23 -21.33
CA VAL B 54 9.33 -5.73 -21.00
C VAL B 54 9.63 -7.07 -21.67
N ASP B 55 8.68 -8.03 -21.71
CA ASP B 55 8.81 -9.28 -22.45
C ASP B 55 9.01 -9.04 -23.95
N TYR B 56 8.21 -8.16 -24.59
CA TYR B 56 8.41 -7.78 -25.98
C TYR B 56 9.76 -7.10 -26.23
N VAL B 57 10.21 -6.17 -25.36
CA VAL B 57 11.54 -5.55 -25.45
C VAL B 57 12.68 -6.55 -25.27
N GLU B 58 12.60 -7.47 -24.27
CA GLU B 58 13.62 -8.49 -24.05
C GLU B 58 13.76 -9.42 -25.24
N ARG B 59 12.63 -9.85 -25.84
CA ARG B 59 12.63 -10.57 -27.10
C ARG B 59 13.15 -9.76 -28.31
N ALA B 60 12.68 -8.51 -28.50
CA ALA B 60 13.05 -7.67 -29.63
C ALA B 60 14.51 -7.28 -29.68
N VAL B 61 15.12 -6.91 -28.54
CA VAL B 61 16.55 -6.61 -28.44
C VAL B 61 17.39 -7.85 -28.71
N SER B 62 16.98 -9.02 -28.19
CA SER B 62 17.66 -10.29 -28.43
C SER B 62 17.70 -10.69 -29.89
N ASP B 63 16.54 -10.57 -30.59
CA ASP B 63 16.41 -10.83 -32.01
C ASP B 63 17.17 -9.81 -32.87
N THR B 64 17.14 -8.51 -32.48
CA THR B 64 17.91 -7.44 -33.12
C THR B 64 19.41 -7.68 -33.05
N LYS B 65 19.93 -8.13 -31.89
CA LYS B 65 21.33 -8.50 -31.72
C LYS B 65 21.73 -9.71 -32.57
N LYS B 66 20.85 -10.71 -32.72
CA LYS B 66 21.00 -11.81 -33.67
C LYS B 66 21.00 -11.33 -35.13
N ALA B 67 20.10 -10.42 -35.50
CA ALA B 67 19.97 -9.87 -36.83
C ALA B 67 21.19 -9.10 -37.35
N VAL B 68 21.76 -8.20 -36.52
CA VAL B 68 22.93 -7.40 -36.88
C VAL B 68 24.18 -8.24 -37.08
N LYS B 69 24.29 -9.37 -36.35
CA LYS B 69 25.47 -10.23 -36.34
C LYS B 69 25.84 -10.83 -37.69
N TYR B 70 24.85 -10.98 -38.59
CA TYR B 70 25.06 -11.47 -39.95
C TYR B 70 25.77 -10.49 -40.87
N GLN B 71 25.92 -9.20 -40.51
CA GLN B 71 26.68 -8.26 -41.31
C GLN B 71 28.19 -8.45 -41.15
N SER B 72 28.85 -8.94 -42.22
CA SER B 72 30.30 -9.04 -42.30
C SER B 72 30.91 -7.85 -43.06
N MET C 1 -41.20 26.41 45.75
CA MET C 1 -41.78 26.03 44.43
C MET C 1 -40.87 25.18 43.53
N ARG C 2 -41.38 24.78 42.34
CA ARG C 2 -40.74 23.84 41.44
C ARG C 2 -39.46 24.30 40.73
N ASN C 3 -39.45 25.51 40.14
CA ASN C 3 -38.42 25.88 39.16
C ASN C 3 -37.23 26.56 39.82
N GLU C 4 -37.19 26.53 41.17
CA GLU C 4 -36.09 26.99 41.99
C GLU C 4 -34.91 26.03 42.03
N LEU C 5 -35.11 24.75 41.65
CA LEU C 5 -34.07 23.74 41.74
C LEU C 5 -34.43 22.44 41.06
N GLU C 6 -35.62 21.85 41.36
CA GLU C 6 -35.96 20.48 41.04
C GLU C 6 -35.93 20.13 39.54
N GLU C 7 -36.45 21.03 38.70
CA GLU C 7 -36.40 20.91 37.25
C GLU C 7 -34.98 20.91 36.67
N MET C 8 -34.10 21.78 37.23
CA MET C 8 -32.73 22.00 36.79
C MET C 8 -31.86 20.76 36.95
N GLN C 9 -32.00 20.06 38.09
CA GLN C 9 -31.22 18.87 38.39
C GLN C 9 -31.46 17.73 37.41
N ARG C 10 -32.74 17.44 37.06
CA ARG C 10 -33.08 16.44 36.07
C ARG C 10 -32.70 16.84 34.65
N ARG C 11 -32.80 18.14 34.29
CA ARG C 11 -32.28 18.64 33.02
C ARG C 11 -30.76 18.42 32.87
N ALA C 12 -29.97 18.73 33.93
CA ALA C 12 -28.55 18.47 33.98
C ALA C 12 -28.18 16.99 33.88
N ASP C 13 -28.95 16.11 34.56
CA ASP C 13 -28.82 14.67 34.52
C ASP C 13 -29.01 14.08 33.12
N GLN C 14 -30.06 14.51 32.39
CA GLN C 14 -30.29 14.10 31.00
C GLN C 14 -29.20 14.56 30.06
N LEU C 15 -28.72 15.82 30.18
CA LEU C 15 -27.61 16.34 29.41
C LEU C 15 -26.31 15.58 29.64
N ALA C 16 -26.00 15.24 30.90
CA ALA C 16 -24.86 14.45 31.28
C ALA C 16 -24.87 13.03 30.73
N ASP C 17 -26.02 12.33 30.79
CA ASP C 17 -26.15 10.99 30.22
C ASP C 17 -26.06 10.94 28.68
N GLU C 18 -26.65 11.91 27.94
CA GLU C 18 -26.44 12.00 26.50
C GLU C 18 -25.02 12.45 26.13
N SER C 19 -24.35 13.22 27.01
CA SER C 19 -22.92 13.53 26.91
C SER C 19 -22.01 12.32 27.05
N LEU C 20 -22.31 11.36 27.97
CA LEU C 20 -21.59 10.09 28.06
C LEU C 20 -21.70 9.31 26.77
N GLU C 21 -22.93 9.22 26.21
CA GLU C 21 -23.21 8.60 24.94
C GLU C 21 -22.44 9.25 23.78
N SER C 22 -22.36 10.60 23.70
CA SER C 22 -21.51 11.28 22.72
C SER C 22 -20.02 11.01 22.92
N THR C 23 -19.49 11.11 24.16
CA THR C 23 -18.06 10.87 24.41
C THR C 23 -17.60 9.45 24.16
N ARG C 24 -18.39 8.43 24.57
CA ARG C 24 -18.13 7.03 24.26
C ARG C 24 -18.18 6.74 22.75
N ARG C 25 -19.19 7.29 22.04
CA ARG C 25 -19.28 7.22 20.59
C ARG C 25 -18.12 7.90 19.88
N MET C 26 -17.75 9.11 20.32
CA MET C 26 -16.62 9.88 19.82
C MET C 26 -15.27 9.22 20.02
N LEU C 27 -15.02 8.60 21.19
CA LEU C 27 -13.81 7.84 21.47
C LEU C 27 -13.65 6.62 20.56
N GLN C 28 -14.73 5.85 20.35
CA GLN C 28 -14.75 4.76 19.40
C GLN C 28 -14.61 5.23 17.95
N LEU C 29 -15.26 6.33 17.55
CA LEU C 29 -15.13 6.96 16.25
C LEU C 29 -13.72 7.45 15.94
N VAL C 30 -13.03 8.10 16.90
CA VAL C 30 -11.64 8.49 16.73
C VAL C 30 -10.66 7.31 16.67
N GLU C 31 -10.87 6.23 17.47
CA GLU C 31 -10.12 4.98 17.32
C GLU C 31 -10.33 4.30 15.96
N GLU C 32 -11.59 4.24 15.48
CA GLU C 32 -11.96 3.76 14.15
C GLU C 32 -11.27 4.55 13.04
N SER C 33 -11.20 5.88 13.21
CA SER C 33 -10.47 6.80 12.34
C SER C 33 -8.97 6.54 12.31
N LYS C 34 -8.34 6.25 13.48
CA LYS C 34 -6.96 5.80 13.52
C LYS C 34 -6.72 4.46 12.83
N ASP C 35 -7.60 3.46 13.03
CA ASP C 35 -7.51 2.16 12.39
C ASP C 35 -7.57 2.25 10.86
N ALA C 36 -8.50 3.08 10.34
CA ALA C 36 -8.55 3.46 8.93
C ALA C 36 -7.32 4.25 8.45
N GLY C 37 -6.85 5.23 9.24
CA GLY C 37 -5.61 5.99 9.04
C GLY C 37 -4.36 5.15 8.89
N ILE C 38 -4.12 4.21 9.83
CA ILE C 38 -3.02 3.27 9.81
C ILE C 38 -3.07 2.36 8.59
N ARG C 39 -4.26 1.83 8.24
CA ARG C 39 -4.42 1.05 7.02
C ARG C 39 -4.07 1.85 5.76
N THR C 40 -4.53 3.11 5.69
CA THR C 40 -4.28 4.03 4.59
C THR C 40 -2.80 4.35 4.45
N LEU C 41 -2.09 4.62 5.56
CA LEU C 41 -0.66 4.87 5.58
C LEU C 41 0.19 3.68 5.15
N VAL C 42 -0.13 2.46 5.65
CA VAL C 42 0.54 1.22 5.25
C VAL C 42 0.28 0.89 3.78
N MET C 43 -0.96 1.09 3.29
CA MET C 43 -1.32 0.95 1.90
C MET C 43 -0.57 1.93 0.99
N LEU C 44 -0.38 3.19 1.43
CA LEU C 44 0.43 4.18 0.71
C LEU C 44 1.89 3.77 0.55
N ASP C 45 2.54 3.24 1.61
CA ASP C 45 3.90 2.71 1.56
C ASP C 45 4.02 1.48 0.64
N GLU C 46 3.04 0.54 0.72
CA GLU C 46 3.06 -0.65 -0.12
C GLU C 46 2.68 -0.38 -1.58
N GLN C 47 1.94 0.71 -1.89
CA GLN C 47 1.88 1.24 -3.24
C GLN C 47 3.22 1.80 -3.72
N GLY C 48 4.05 2.38 -2.83
CA GLY C 48 5.44 2.72 -3.12
C GLY C 48 6.36 1.53 -3.40
N GLU C 49 6.10 0.37 -2.76
CA GLU C 49 6.73 -0.91 -3.05
C GLU C 49 6.45 -1.36 -4.48
N GLN C 50 5.18 -1.20 -4.93
CA GLN C 50 4.77 -1.43 -6.31
C GLN C 50 5.40 -0.47 -7.31
N LEU C 51 5.47 0.85 -7.00
CA LEU C 51 6.04 1.86 -7.87
C LEU C 51 7.53 1.71 -8.19
N ASP C 52 8.40 1.29 -7.23
CA ASP C 52 9.81 1.05 -7.52
C ASP C 52 10.01 -0.09 -8.54
N ARG C 53 9.17 -1.15 -8.51
CA ARG C 53 9.11 -2.19 -9.54
C ARG C 53 8.75 -1.64 -10.93
N VAL C 54 7.81 -0.68 -11.03
CA VAL C 54 7.51 -0.03 -12.30
C VAL C 54 8.71 0.72 -12.87
N GLU C 55 9.44 1.50 -12.02
CA GLU C 55 10.68 2.13 -12.45
C GLU C 55 11.80 1.13 -12.75
N GLU C 56 11.90 -0.01 -12.01
CA GLU C 56 12.82 -1.12 -12.27
C GLU C 56 12.62 -1.69 -13.67
N GLY C 57 11.36 -1.86 -14.11
CA GLY C 57 11.04 -2.26 -15.48
C GLY C 57 11.44 -1.25 -16.52
N MET C 58 11.26 0.05 -16.25
CA MET C 58 11.74 1.14 -17.11
C MET C 58 13.27 1.19 -17.21
N ASN C 59 13.99 0.97 -16.09
CA ASN C 59 15.44 0.87 -16.05
C ASN C 59 15.96 -0.32 -16.86
N HIS C 60 15.30 -1.51 -16.77
CA HIS C 60 15.58 -2.65 -17.63
C HIS C 60 15.33 -2.39 -19.12
N ILE C 61 14.22 -1.72 -19.49
CA ILE C 61 13.98 -1.28 -20.87
C ILE C 61 15.09 -0.34 -21.34
N ASN C 62 15.49 0.64 -20.51
CA ASN C 62 16.56 1.57 -20.81
C ASN C 62 17.90 0.86 -21.04
N GLN C 63 18.27 -0.14 -20.21
CA GLN C 63 19.51 -0.89 -20.33
C GLN C 63 19.67 -1.63 -21.65
N ASP C 64 18.67 -2.45 -22.04
CA ASP C 64 18.68 -3.18 -23.28
C ASP C 64 18.47 -2.29 -24.51
N MET C 65 17.61 -1.25 -24.44
CA MET C 65 17.49 -0.26 -25.51
C MET C 65 18.77 0.53 -25.76
N LYS C 66 19.56 0.84 -24.71
CA LYS C 66 20.87 1.47 -24.84
C LYS C 66 21.89 0.63 -25.60
N GLU C 67 21.91 -0.71 -25.37
CA GLU C 67 22.64 -1.64 -26.23
C GLU C 67 22.07 -1.66 -27.65
N ALA C 68 20.74 -1.78 -27.80
CA ALA C 68 20.07 -1.83 -29.09
C ALA C 68 20.33 -0.62 -29.98
N GLU C 69 20.36 0.59 -29.38
CA GLU C 69 20.62 1.86 -30.04
C GLU C 69 21.93 1.91 -30.81
N LYS C 70 23.03 1.35 -30.24
CA LYS C 70 24.30 1.23 -30.95
C LYS C 70 24.20 0.37 -32.19
N ASN C 71 23.56 -0.81 -32.06
CA ASN C 71 23.37 -1.76 -33.14
C ASN C 71 22.52 -1.18 -34.25
N LEU C 72 21.42 -0.49 -33.91
CA LEU C 72 20.56 0.21 -34.86
C LEU C 72 21.27 1.34 -35.61
N LYS C 73 22.13 2.12 -34.92
CA LYS C 73 22.95 3.16 -35.55
C LYS C 73 24.09 2.64 -36.44
N ASP C 74 24.77 1.53 -36.09
CA ASP C 74 25.75 0.89 -36.96
C ASP C 74 25.13 0.00 -38.06
N LEU C 75 23.86 -0.42 -37.95
CA LEU C 75 23.19 -1.35 -38.86
C LEU C 75 23.08 -0.91 -40.30
N GLY C 76 22.72 0.36 -40.55
CA GLY C 76 22.28 0.87 -41.85
C GLY C 76 23.35 1.20 -42.84
N LYS C 77 24.37 0.34 -43.01
CA LYS C 77 25.47 0.53 -43.92
C LYS C 77 25.28 -0.32 -45.21
N GLY D 1 -8.30 13.50 33.08
CA GLY D 1 -7.68 13.90 34.39
C GLY D 1 -7.30 15.35 34.56
N GLY D 2 -8.25 16.27 34.36
CA GLY D 2 -7.99 17.70 34.40
C GLY D 2 -8.12 18.34 33.05
N PHE D 3 -8.94 17.77 32.14
CA PHE D 3 -9.07 18.28 30.79
C PHE D 3 -10.24 19.27 30.64
N ILE D 4 -11.11 19.36 31.67
CA ILE D 4 -12.30 20.18 31.65
C ILE D 4 -12.54 20.80 33.01
N ARG D 5 -13.30 21.91 33.05
CA ARG D 5 -13.85 22.48 34.26
C ARG D 5 -14.92 21.58 34.87
N ARG D 6 -14.53 20.76 35.88
CA ARG D 6 -15.44 19.88 36.61
C ARG D 6 -16.49 20.65 37.41
N VAL D 7 -17.78 20.33 37.22
CA VAL D 7 -18.88 21.02 37.87
C VAL D 7 -19.52 20.17 38.95
N THR D 8 -19.02 18.94 39.15
CA THR D 8 -19.58 17.99 40.11
C THR D 8 -18.50 16.98 40.46
N ASN D 9 -18.76 16.13 41.47
CA ASN D 9 -17.86 15.12 41.99
C ASN D 9 -18.28 13.71 41.55
N ASP D 10 -19.30 13.61 40.67
CA ASP D 10 -19.80 12.37 40.12
C ASP D 10 -18.81 11.51 39.33
N ALA D 11 -19.00 10.18 39.35
CA ALA D 11 -18.28 9.23 38.51
C ALA D 11 -18.51 9.49 37.02
N ARG D 12 -19.73 9.90 36.65
CA ARG D 12 -20.11 10.36 35.33
C ARG D 12 -19.27 11.53 34.81
N GLU D 13 -18.95 12.54 35.66
CA GLU D 13 -18.02 13.61 35.36
C GLU D 13 -16.58 13.11 35.23
N ASN D 14 -16.16 12.19 36.12
CA ASN D 14 -14.84 11.58 36.09
C ASN D 14 -14.57 10.80 34.81
N GLU D 15 -15.55 9.99 34.33
CA GLU D 15 -15.47 9.30 33.04
C GLU D 15 -15.35 10.27 31.88
N MET D 16 -16.13 11.38 31.92
CA MET D 16 -16.14 12.41 30.89
C MET D 16 -14.78 13.05 30.66
N ASP D 17 -14.07 13.40 31.75
CA ASP D 17 -12.72 13.96 31.75
C ASP D 17 -11.68 13.00 31.15
N GLU D 18 -11.69 11.72 31.55
CA GLU D 18 -10.80 10.71 30.98
C GLU D 18 -11.10 10.41 29.51
N ASN D 19 -12.39 10.27 29.13
CA ASN D 19 -12.80 10.02 27.75
C ASN D 19 -12.38 11.15 26.81
N LEU D 20 -12.57 12.43 27.22
CA LEU D 20 -12.10 13.59 26.46
C LEU D 20 -10.59 13.66 26.33
N GLU D 21 -9.83 13.34 27.40
CA GLU D 21 -8.38 13.24 27.37
C GLU D 21 -7.87 12.19 26.39
N GLN D 22 -8.48 10.99 26.37
CA GLN D 22 -8.18 9.94 25.41
C GLN D 22 -8.49 10.35 23.96
N VAL D 23 -9.64 11.01 23.71
CA VAL D 23 -9.97 11.55 22.38
C VAL D 23 -8.96 12.58 21.91
N SER D 24 -8.57 13.53 22.79
CA SER D 24 -7.62 14.58 22.46
C SER D 24 -6.25 14.07 22.06
N GLY D 25 -5.74 13.04 22.76
CA GLY D 25 -4.46 12.41 22.43
C GLY D 25 -4.45 11.67 21.11
N ILE D 26 -5.56 10.99 20.76
CA ILE D 26 -5.71 10.35 19.45
C ILE D 26 -5.75 11.38 18.32
N ILE D 27 -6.47 12.50 18.50
CA ILE D 27 -6.46 13.62 17.54
C ILE D 27 -5.06 14.21 17.37
N GLY D 28 -4.29 14.38 18.46
CA GLY D 28 -2.89 14.83 18.37
C GLY D 28 -1.98 13.88 17.64
N ASN D 29 -2.20 12.55 17.75
CA ASN D 29 -1.53 11.55 16.95
C ASN D 29 -1.93 11.62 15.47
N LEU D 30 -3.24 11.78 15.17
CA LEU D 30 -3.76 11.94 13.81
C LEU D 30 -3.22 13.17 13.10
N ARG D 31 -3.01 14.29 13.82
CA ARG D 31 -2.36 15.49 13.29
C ARG D 31 -0.98 15.22 12.72
N HIS D 32 -0.12 14.50 13.48
CA HIS D 32 1.21 14.12 13.03
C HIS D 32 1.19 13.08 11.92
N MET D 33 0.27 12.10 12.01
CA MET D 33 0.04 11.10 10.97
C MET D 33 -0.36 11.70 9.63
N ALA D 34 -1.25 12.71 9.62
CA ALA D 34 -1.64 13.46 8.44
C ALA D 34 -0.48 14.23 7.80
N LEU D 35 0.40 14.86 8.61
CA LEU D 35 1.61 15.50 8.14
C LEU D 35 2.60 14.54 7.50
N ASP D 36 2.84 13.35 8.12
CA ASP D 36 3.61 12.28 7.51
C ASP D 36 3.01 11.79 6.21
N MET D 37 1.68 11.53 6.18
CA MET D 37 0.95 11.08 5.01
C MET D 37 1.02 12.06 3.85
N GLY D 38 0.88 13.37 4.13
CA GLY D 38 1.01 14.44 3.14
C GLY D 38 2.41 14.58 2.58
N ASN D 39 3.45 14.42 3.42
CA ASN D 39 4.85 14.43 3.00
C ASN D 39 5.19 13.26 2.06
N GLU D 40 4.75 12.03 2.42
CA GLU D 40 4.97 10.86 1.60
C GLU D 40 4.18 10.89 0.29
N ILE D 41 2.88 11.27 0.31
CA ILE D 41 2.06 11.33 -0.90
C ILE D 41 2.50 12.40 -1.91
N ASP D 42 2.91 13.60 -1.46
CA ASP D 42 3.45 14.62 -2.35
C ASP D 42 4.73 14.16 -3.06
N THR D 43 5.63 13.51 -2.29
CA THR D 43 6.86 12.92 -2.83
C THR D 43 6.56 11.81 -3.83
N GLN D 44 5.58 10.93 -3.52
CA GLN D 44 5.08 9.90 -4.41
C GLN D 44 4.41 10.45 -5.68
N ASN D 45 3.60 11.52 -5.59
CA ASN D 45 2.99 12.17 -6.75
C ASN D 45 4.03 12.73 -7.72
N ARG D 46 5.11 13.34 -7.22
CA ARG D 46 6.18 13.85 -8.06
C ARG D 46 7.11 12.75 -8.58
N GLN D 47 7.14 11.57 -7.92
CA GLN D 47 7.72 10.35 -8.47
C GLN D 47 7.02 9.87 -9.74
N ILE D 48 5.68 10.05 -9.83
CA ILE D 48 4.91 9.73 -11.04
C ILE D 48 5.39 10.53 -12.26
N ASP D 49 5.76 11.82 -12.11
CA ASP D 49 6.37 12.60 -13.19
C ASP D 49 7.68 12.00 -13.67
N ARG D 50 8.55 11.57 -12.72
CA ARG D 50 9.82 10.93 -13.00
C ARG D 50 9.67 9.63 -13.78
N ILE D 51 8.71 8.77 -13.38
CA ILE D 51 8.35 7.56 -14.10
C ILE D 51 7.72 7.84 -15.46
N MET D 52 6.77 8.80 -15.55
CA MET D 52 6.08 9.17 -16.78
C MET D 52 7.00 9.74 -17.85
N GLU D 53 7.94 10.63 -17.48
CA GLU D 53 8.92 11.20 -18.40
C GLU D 53 9.83 10.13 -19.00
N LYS D 54 10.30 9.18 -18.17
CA LYS D 54 11.04 8.00 -18.60
C LYS D 54 10.22 7.07 -19.49
N ALA D 55 8.95 6.83 -19.17
CA ALA D 55 8.03 6.04 -19.96
C ALA D 55 7.76 6.61 -21.35
N ASP D 56 7.45 7.92 -21.46
CA ASP D 56 7.26 8.59 -22.74
C ASP D 56 8.56 8.66 -23.54
N SER D 57 9.70 8.92 -22.88
CA SER D 57 11.01 8.91 -23.52
C SER D 57 11.35 7.56 -24.14
N ASN D 58 11.16 6.46 -23.41
CA ASN D 58 11.34 5.12 -23.95
C ASN D 58 10.30 4.73 -24.99
N LYS D 59 9.01 5.09 -24.84
CA LYS D 59 8.01 4.89 -25.88
C LYS D 59 8.34 5.62 -27.18
N THR D 60 8.78 6.89 -27.08
CA THR D 60 9.23 7.70 -28.22
C THR D 60 10.50 7.12 -28.86
N ARG D 61 11.45 6.64 -28.05
CA ARG D 61 12.64 5.92 -28.49
C ARG D 61 12.32 4.62 -29.23
N ILE D 62 11.32 3.85 -28.76
CA ILE D 62 10.76 2.69 -29.45
C ILE D 62 10.08 3.07 -30.76
N ASP D 63 9.32 4.20 -30.82
CA ASP D 63 8.76 4.72 -32.06
C ASP D 63 9.85 5.08 -33.09
N GLU D 64 10.95 5.75 -32.63
CA GLU D 64 12.14 6.03 -33.43
C GLU D 64 12.81 4.76 -33.93
N ALA D 65 12.99 3.76 -33.04
CA ALA D 65 13.53 2.46 -33.37
C ALA D 65 12.68 1.67 -34.37
N ASN D 66 11.34 1.67 -34.20
CA ASN D 66 10.39 1.07 -35.12
C ASN D 66 10.42 1.72 -36.50
N GLN D 67 10.45 3.08 -36.55
CA GLN D 67 10.60 3.86 -37.77
C GLN D 67 11.93 3.59 -38.46
N ARG D 68 13.03 3.59 -37.69
CA ARG D 68 14.38 3.29 -38.15
C ARG D 68 14.56 1.89 -38.70
N ALA D 69 14.02 0.85 -38.02
CA ALA D 69 14.01 -0.51 -38.51
C ALA D 69 13.15 -0.68 -39.77
N THR D 70 11.96 -0.06 -39.80
CA THR D 70 11.02 -0.09 -40.92
C THR D 70 11.59 0.55 -42.18
N LYS D 71 12.40 1.61 -42.01
CA LYS D 71 13.06 2.30 -43.11
C LYS D 71 14.21 1.52 -43.74
N MET D 72 14.68 0.42 -43.10
CA MET D 72 15.67 -0.47 -43.68
C MET D 72 15.02 -1.65 -44.40
N LEU D 73 13.67 -1.68 -44.48
CA LEU D 73 12.93 -2.73 -45.15
C LEU D 73 12.55 -2.31 -46.55
N GLY D 74 12.68 -3.23 -47.53
CA GLY D 74 12.48 -2.92 -48.92
C GLY D 74 12.35 -4.20 -49.73
N SER E 1 -17.33 -23.62 -1.07
CA SER E 1 -17.08 -24.66 -2.13
C SER E 1 -18.35 -25.03 -2.87
N GLY E 2 -18.46 -26.29 -3.36
CA GLY E 2 -19.46 -26.71 -4.34
C GLY E 2 -20.87 -26.89 -3.86
N GLY E 3 -21.13 -26.67 -2.55
CA GLY E 3 -22.50 -26.60 -2.02
C GLY E 3 -23.17 -25.26 -2.25
N GLY E 4 -22.43 -24.26 -2.76
CA GLY E 4 -23.00 -22.99 -3.23
C GLY E 4 -23.54 -23.06 -4.63
N GLY E 5 -24.03 -21.91 -5.15
CA GLY E 5 -24.68 -21.86 -6.45
C GLY E 5 -23.74 -21.87 -7.62
N GLY E 6 -22.41 -21.81 -7.36
CA GLY E 6 -21.39 -21.72 -8.40
C GLY E 6 -21.13 -23.01 -9.14
N ILE E 7 -21.63 -24.16 -8.63
CA ILE E 7 -21.62 -25.43 -9.34
C ILE E 7 -22.56 -25.44 -10.54
N LEU E 8 -23.75 -24.80 -10.41
CA LEU E 8 -24.77 -24.69 -11.44
C LEU E 8 -24.33 -23.84 -12.62
N GLU E 9 -23.58 -22.76 -12.34
CA GLU E 9 -23.10 -21.81 -13.31
C GLU E 9 -21.67 -22.15 -13.75
N LYS E 10 -21.10 -23.23 -13.19
CA LYS E 10 -19.80 -23.80 -13.55
C LYS E 10 -18.63 -22.83 -13.40
N LEU E 11 -18.52 -22.14 -12.25
CA LEU E 11 -17.51 -21.11 -12.03
C LEU E 11 -16.08 -21.61 -12.05
N GLY E 12 -15.84 -22.81 -11.48
CA GLY E 12 -14.55 -23.50 -11.54
C GLY E 12 -14.00 -23.84 -10.19
N ASP E 13 -13.01 -24.75 -10.17
CA ASP E 13 -12.42 -25.28 -8.96
C ASP E 13 -10.98 -24.79 -8.83
N ILE E 14 -10.58 -24.27 -7.65
CA ILE E 14 -9.22 -23.80 -7.40
C ILE E 14 -8.60 -24.57 -6.25
N CYS E 15 -7.31 -24.93 -6.37
CA CYS E 15 -6.59 -25.72 -5.38
C CYS E 15 -5.52 -24.87 -4.71
N PHE E 16 -5.46 -24.91 -3.36
CA PHE E 16 -4.50 -24.11 -2.62
C PHE E 16 -4.13 -24.78 -1.31
N SER E 17 -3.03 -24.33 -0.69
CA SER E 17 -2.50 -24.89 0.54
C SER E 17 -2.31 -23.78 1.55
N LEU E 18 -2.84 -23.95 2.77
CA LEU E 18 -2.69 -23.01 3.86
C LEU E 18 -1.83 -23.62 4.95
N ARG E 19 -0.84 -22.87 5.49
CA ARG E 19 -0.03 -23.36 6.59
C ARG E 19 0.39 -22.24 7.51
N TYR E 20 0.43 -22.52 8.82
CA TYR E 20 0.71 -21.56 9.87
C TYR E 20 1.68 -22.21 10.83
N VAL E 21 2.39 -21.41 11.66
CA VAL E 21 3.18 -21.92 12.77
C VAL E 21 2.76 -21.16 14.03
N PRO E 22 2.00 -21.71 14.98
CA PRO E 22 1.46 -20.93 16.10
C PRO E 22 2.48 -20.31 17.03
N THR E 23 3.61 -21.01 17.26
CA THR E 23 4.72 -20.57 18.11
C THR E 23 5.45 -19.35 17.58
N ALA E 24 5.68 -19.27 16.25
CA ALA E 24 6.44 -18.20 15.63
C ALA E 24 5.54 -17.16 14.95
N GLY E 25 4.24 -17.44 14.80
CA GLY E 25 3.25 -16.49 14.29
C GLY E 25 3.24 -16.30 12.80
N LYS E 26 4.07 -17.03 12.04
CA LYS E 26 4.16 -16.83 10.60
C LYS E 26 3.16 -17.68 9.83
N LEU E 27 2.57 -17.08 8.79
CA LEU E 27 1.50 -17.64 7.98
C LEU E 27 1.96 -17.68 6.55
N THR E 28 1.77 -18.80 5.83
CA THR E 28 2.12 -18.91 4.41
C THR E 28 0.95 -19.52 3.68
N VAL E 29 0.55 -18.88 2.56
CA VAL E 29 -0.53 -19.31 1.69
C VAL E 29 0.07 -19.60 0.34
N VAL E 30 -0.20 -20.79 -0.24
CA VAL E 30 0.31 -21.16 -1.56
C VAL E 30 -0.84 -21.47 -2.48
N ILE E 31 -0.92 -20.77 -3.63
CA ILE E 31 -1.94 -20.96 -4.65
C ILE E 31 -1.36 -21.88 -5.72
N LEU E 32 -2.01 -23.03 -6.01
CA LEU E 32 -1.42 -24.07 -6.83
C LEU E 32 -1.95 -24.05 -8.26
N GLU E 33 -3.08 -24.71 -8.52
CA GLU E 33 -3.66 -24.83 -9.84
C GLU E 33 -5.15 -24.59 -9.75
N ALA E 34 -5.80 -24.30 -10.88
CA ALA E 34 -7.24 -24.25 -10.96
C ALA E 34 -7.66 -24.97 -12.22
N LYS E 35 -8.93 -25.41 -12.28
CA LYS E 35 -9.38 -26.27 -13.36
C LYS E 35 -10.82 -25.95 -13.68
N ASN E 36 -11.15 -25.90 -14.99
CA ASN E 36 -12.48 -25.64 -15.52
C ASN E 36 -13.10 -24.32 -15.08
N LEU E 37 -12.36 -23.20 -15.16
CA LEU E 37 -12.92 -21.88 -14.97
C LEU E 37 -13.98 -21.48 -16.00
N LYS E 38 -14.98 -20.69 -15.57
CA LYS E 38 -15.91 -20.01 -16.46
C LYS E 38 -15.24 -18.95 -17.32
N LYS E 39 -15.53 -18.93 -18.64
CA LYS E 39 -14.98 -17.95 -19.57
C LYS E 39 -15.88 -16.72 -19.61
N MET E 40 -15.32 -15.51 -19.43
CA MET E 40 -16.16 -14.31 -19.33
C MET E 40 -16.48 -13.68 -20.68
N ASP E 41 -15.46 -13.34 -21.50
CA ASP E 41 -15.68 -12.82 -22.85
C ASP E 41 -16.28 -13.86 -23.80
N VAL E 42 -17.12 -13.42 -24.75
CA VAL E 42 -17.80 -14.30 -25.69
C VAL E 42 -16.87 -14.96 -26.70
N GLY E 43 -16.02 -14.19 -27.40
CA GLY E 43 -15.25 -14.68 -28.54
C GLY E 43 -13.77 -14.76 -28.30
N GLY E 44 -13.24 -14.04 -27.30
CA GLY E 44 -11.84 -14.17 -26.87
C GLY E 44 -11.60 -15.35 -25.98
N LEU E 45 -10.34 -15.48 -25.52
CA LEU E 45 -9.93 -16.43 -24.51
C LEU E 45 -9.53 -15.65 -23.27
N SER E 46 -10.03 -16.09 -22.09
CA SER E 46 -9.74 -15.53 -20.78
C SER E 46 -8.31 -15.66 -20.31
N ASP E 47 -7.86 -14.66 -19.52
CA ASP E 47 -6.53 -14.55 -18.95
C ASP E 47 -6.62 -14.50 -17.42
N PRO E 48 -6.87 -15.58 -16.69
CA PRO E 48 -7.28 -15.52 -15.29
C PRO E 48 -6.16 -15.22 -14.30
N TYR E 49 -6.48 -14.41 -13.27
CA TYR E 49 -5.57 -14.08 -12.19
C TYR E 49 -6.30 -13.90 -10.87
N VAL E 50 -5.57 -14.06 -9.75
CA VAL E 50 -6.18 -14.15 -8.43
C VAL E 50 -5.70 -13.01 -7.55
N LYS E 51 -6.61 -12.33 -6.83
CA LYS E 51 -6.27 -11.33 -5.83
C LYS E 51 -6.74 -11.83 -4.46
N ILE E 52 -5.86 -11.76 -3.45
CA ILE E 52 -6.07 -12.36 -2.14
C ILE E 52 -5.96 -11.28 -1.08
N HIS E 53 -7.02 -11.08 -0.27
CA HIS E 53 -7.11 -9.98 0.69
C HIS E 53 -7.28 -10.51 2.11
N LEU E 54 -6.47 -10.00 3.06
CA LEU E 54 -6.55 -10.36 4.47
C LEU E 54 -7.51 -9.41 5.19
N MET E 55 -8.37 -9.95 6.09
CA MET E 55 -9.36 -9.16 6.79
C MET E 55 -9.43 -9.55 8.26
N GLN E 56 -9.88 -8.62 9.13
CA GLN E 56 -10.04 -8.85 10.56
C GLN E 56 -11.49 -8.61 10.93
N ASN E 57 -12.25 -9.64 11.35
CA ASN E 57 -13.70 -9.57 11.59
C ASN E 57 -14.49 -9.01 10.40
N GLY E 58 -14.12 -9.35 9.14
CA GLY E 58 -14.73 -8.75 7.95
C GLY E 58 -14.27 -7.35 7.59
N LYS E 59 -13.24 -6.82 8.28
CA LYS E 59 -12.67 -5.49 8.06
C LYS E 59 -11.38 -5.62 7.27
N ARG E 60 -11.34 -5.08 6.03
CA ARG E 60 -10.21 -5.15 5.11
C ARG E 60 -8.88 -4.58 5.61
N LEU E 61 -7.76 -5.31 5.37
CA LEU E 61 -6.43 -4.90 5.80
C LEU E 61 -5.53 -4.63 4.60
N LYS E 62 -4.86 -5.64 4.00
CA LYS E 62 -4.06 -5.45 2.81
C LYS E 62 -4.15 -6.68 1.91
N LYS E 63 -3.73 -6.54 0.63
CA LYS E 63 -3.90 -7.60 -0.35
C LYS E 63 -2.65 -7.82 -1.20
N LYS E 64 -2.56 -9.03 -1.81
CA LYS E 64 -1.51 -9.43 -2.72
C LYS E 64 -2.18 -10.18 -3.87
N LYS E 65 -1.44 -10.49 -4.94
CA LYS E 65 -1.99 -11.00 -6.17
C LYS E 65 -1.04 -12.00 -6.81
N THR E 66 -1.57 -12.89 -7.67
CA THR E 66 -0.76 -13.80 -8.47
C THR E 66 -0.28 -13.13 -9.75
N THR E 67 0.74 -13.73 -10.40
CA THR E 67 1.00 -13.46 -11.82
C THR E 67 -0.18 -13.89 -12.70
N ILE E 68 -0.37 -13.24 -13.86
CA ILE E 68 -1.47 -13.57 -14.76
C ILE E 68 -1.06 -14.72 -15.67
N LYS E 69 -1.94 -15.72 -15.89
CA LYS E 69 -1.66 -16.82 -16.78
C LYS E 69 -2.58 -16.72 -17.96
N LYS E 70 -2.03 -16.35 -19.13
CA LYS E 70 -2.86 -16.01 -20.26
C LYS E 70 -3.42 -17.20 -21.03
N ASN E 71 -4.60 -16.96 -21.63
CA ASN E 71 -5.29 -17.77 -22.62
C ASN E 71 -5.64 -19.17 -22.16
N THR E 72 -6.32 -19.30 -21.01
CA THR E 72 -6.57 -20.60 -20.41
C THR E 72 -7.74 -20.56 -19.45
N LEU E 73 -8.36 -21.73 -19.20
CA LEU E 73 -9.37 -21.92 -18.18
C LEU E 73 -8.87 -22.92 -17.14
N ASN E 74 -7.59 -23.31 -17.23
CA ASN E 74 -6.94 -24.25 -16.31
C ASN E 74 -5.59 -23.71 -15.84
N PRO E 75 -5.47 -22.57 -15.17
CA PRO E 75 -4.18 -21.94 -14.89
C PRO E 75 -3.38 -22.65 -13.80
N TYR E 76 -2.05 -22.64 -13.95
CA TYR E 76 -1.10 -23.25 -13.04
C TYR E 76 -0.21 -22.13 -12.51
N TYR E 77 -0.25 -21.87 -11.19
CA TYR E 77 0.45 -20.76 -10.57
C TYR E 77 1.67 -21.23 -9.78
N ASN E 78 1.43 -22.03 -8.72
CA ASN E 78 2.40 -22.44 -7.70
C ASN E 78 3.11 -21.25 -7.04
N GLU E 79 2.33 -20.27 -6.54
CA GLU E 79 2.82 -19.00 -6.05
C GLU E 79 2.54 -18.86 -4.57
N SER E 80 3.51 -18.28 -3.84
CA SER E 80 3.59 -18.34 -2.38
C SER E 80 3.56 -16.94 -1.78
N PHE E 81 2.75 -16.75 -0.73
CA PHE E 81 2.57 -15.48 -0.06
C PHE E 81 2.73 -15.70 1.43
N SER E 82 3.61 -14.92 2.11
CA SER E 82 3.93 -15.11 3.52
C SER E 82 3.65 -13.87 4.33
N PHE E 83 3.10 -14.05 5.54
CA PHE E 83 2.61 -12.99 6.41
C PHE E 83 2.94 -13.32 7.86
N GLU E 84 2.64 -12.41 8.81
CA GLU E 84 2.80 -12.62 10.24
C GLU E 84 1.46 -12.34 10.92
N VAL E 85 0.94 -13.28 11.74
CA VAL E 85 -0.27 -13.10 12.52
C VAL E 85 -0.04 -13.66 13.93
N PRO E 86 -0.03 -12.89 15.02
CA PRO E 86 -0.01 -13.39 16.40
C PRO E 86 -1.06 -14.44 16.76
N PHE E 87 -0.76 -15.36 17.71
CA PHE E 87 -1.65 -16.46 18.08
C PHE E 87 -3.00 -16.02 18.66
N GLU E 88 -3.03 -14.95 19.46
CA GLU E 88 -4.28 -14.37 19.95
C GLU E 88 -5.06 -13.63 18.87
N GLN E 89 -4.42 -13.32 17.71
CA GLN E 89 -5.04 -12.53 16.65
C GLN E 89 -5.40 -13.36 15.42
N ILE E 90 -4.94 -14.63 15.30
CA ILE E 90 -5.38 -15.54 14.24
C ILE E 90 -6.82 -15.98 14.48
N GLN E 91 -7.26 -15.91 15.74
CA GLN E 91 -8.63 -16.14 16.16
C GLN E 91 -9.46 -14.85 16.11
N LYS E 92 -9.23 -14.01 15.06
CA LYS E 92 -9.98 -12.79 14.80
C LYS E 92 -10.04 -12.45 13.30
N VAL E 93 -9.58 -13.34 12.40
CA VAL E 93 -9.32 -12.95 11.02
C VAL E 93 -9.91 -13.89 9.99
N GLN E 94 -10.00 -13.41 8.73
CA GLN E 94 -10.45 -14.15 7.56
C GLN E 94 -9.55 -13.80 6.40
N VAL E 95 -9.46 -14.71 5.39
CA VAL E 95 -8.72 -14.47 4.16
C VAL E 95 -9.67 -14.67 3.00
N VAL E 96 -9.78 -13.68 2.09
CA VAL E 96 -10.74 -13.70 1.00
C VAL E 96 -9.98 -13.81 -0.32
N VAL E 97 -10.40 -14.75 -1.19
CA VAL E 97 -9.72 -15.07 -2.44
C VAL E 97 -10.68 -14.79 -3.58
N THR E 98 -10.30 -13.90 -4.52
CA THR E 98 -11.17 -13.48 -5.62
C THR E 98 -10.44 -13.70 -6.92
N VAL E 99 -11.10 -14.35 -7.91
CA VAL E 99 -10.50 -14.66 -9.20
C VAL E 99 -11.14 -13.79 -10.27
N LEU E 100 -10.32 -13.15 -11.14
CA LEU E 100 -10.80 -12.22 -12.13
C LEU E 100 -10.15 -12.51 -13.48
N ASP E 101 -10.77 -12.00 -14.57
CA ASP E 101 -10.27 -12.10 -15.92
C ASP E 101 -9.55 -10.81 -16.31
N TYR E 102 -8.57 -10.87 -17.23
CA TYR E 102 -7.78 -9.71 -17.63
C TYR E 102 -8.18 -9.26 -19.03
N ASP E 103 -8.91 -8.14 -19.06
CA ASP E 103 -9.24 -7.38 -20.23
C ASP E 103 -8.70 -5.99 -19.94
N LYS E 104 -8.11 -5.32 -20.95
CA LYS E 104 -7.49 -4.02 -20.78
C LYS E 104 -8.49 -2.88 -20.72
N ILE E 105 -9.76 -3.07 -21.17
CA ILE E 105 -10.76 -2.00 -21.17
C ILE E 105 -11.11 -1.48 -19.77
N GLY E 106 -11.14 -2.36 -18.75
CA GLY E 106 -11.45 -1.99 -17.38
C GLY E 106 -12.87 -2.29 -16.99
N LYS E 107 -13.20 -1.97 -15.71
CA LYS E 107 -14.45 -2.35 -15.05
C LYS E 107 -14.64 -3.86 -14.96
N ASN E 108 -13.55 -4.59 -14.68
CA ASN E 108 -13.51 -6.04 -14.63
C ASN E 108 -14.47 -6.64 -13.62
N ASP E 109 -15.14 -7.73 -14.01
CA ASP E 109 -16.03 -8.48 -13.15
C ASP E 109 -15.27 -9.69 -12.63
N ALA E 110 -15.51 -10.10 -11.36
CA ALA E 110 -15.00 -11.35 -10.84
C ALA E 110 -15.60 -12.58 -11.51
N ILE E 111 -14.77 -13.62 -11.75
CA ILE E 111 -15.23 -14.95 -12.17
C ILE E 111 -15.98 -15.60 -11.03
N GLY E 112 -15.43 -15.49 -9.81
CA GLY E 112 -16.05 -15.99 -8.60
C GLY E 112 -15.10 -15.78 -7.46
N LYS E 113 -15.53 -16.10 -6.23
CA LYS E 113 -14.72 -15.88 -5.06
C LYS E 113 -15.02 -16.91 -4.00
N VAL E 114 -14.16 -16.96 -2.96
CA VAL E 114 -14.29 -17.88 -1.84
C VAL E 114 -13.52 -17.27 -0.68
N PHE E 115 -13.74 -17.73 0.57
CA PHE E 115 -12.99 -17.23 1.71
C PHE E 115 -12.69 -18.38 2.65
N VAL E 116 -11.67 -18.20 3.50
CA VAL E 116 -11.36 -19.13 4.57
C VAL E 116 -11.25 -18.31 5.85
N GLY E 117 -11.70 -18.87 6.99
CA GLY E 117 -11.78 -18.16 8.24
C GLY E 117 -13.12 -18.40 8.88
N TYR E 118 -13.30 -17.94 10.12
CA TYR E 118 -14.56 -18.05 10.84
C TYR E 118 -15.71 -17.27 10.20
N ASN E 119 -16.94 -17.83 10.36
CA ASN E 119 -18.18 -17.51 9.66
C ASN E 119 -18.34 -18.41 8.44
N SER E 120 -17.86 -19.67 8.51
CA SER E 120 -17.90 -20.59 7.38
C SER E 120 -18.32 -21.99 7.81
N THR E 121 -18.60 -22.86 6.83
CA THR E 121 -19.04 -24.24 7.01
C THR E 121 -18.13 -25.13 6.17
N GLY E 122 -18.27 -26.47 6.30
CA GLY E 122 -17.65 -27.46 5.42
C GLY E 122 -16.17 -27.34 5.12
N ALA E 123 -15.83 -27.34 3.81
CA ALA E 123 -14.47 -27.34 3.30
C ALA E 123 -13.65 -26.13 3.71
N GLU E 124 -14.25 -24.93 3.65
CA GLU E 124 -13.68 -23.66 4.04
C GLU E 124 -13.29 -23.62 5.52
N LEU E 125 -14.20 -24.09 6.40
CA LEU E 125 -13.96 -24.22 7.82
C LEU E 125 -12.89 -25.24 8.16
N ARG E 126 -12.92 -26.41 7.47
CA ARG E 126 -11.95 -27.48 7.63
C ARG E 126 -10.53 -27.04 7.28
N HIS E 127 -10.33 -26.36 6.15
CA HIS E 127 -9.01 -25.90 5.72
C HIS E 127 -8.37 -24.91 6.67
N TRP E 128 -9.17 -23.96 7.21
CA TRP E 128 -8.74 -23.02 8.23
C TRP E 128 -8.37 -23.70 9.55
N SER E 129 -9.20 -24.66 10.01
CA SER E 129 -8.94 -25.45 11.21
C SER E 129 -7.67 -26.31 11.08
N ASP E 130 -7.48 -26.97 9.92
CA ASP E 130 -6.30 -27.73 9.59
C ASP E 130 -5.02 -26.90 9.54
N MET E 131 -5.09 -25.69 8.96
CA MET E 131 -4.02 -24.71 8.90
C MET E 131 -3.53 -24.29 10.28
N LEU E 132 -4.46 -23.96 11.19
CA LEU E 132 -4.17 -23.56 12.55
C LEU E 132 -3.54 -24.67 13.38
N ALA E 133 -4.09 -25.89 13.28
CA ALA E 133 -3.64 -27.06 14.02
C ALA E 133 -2.24 -27.56 13.71
N ASN E 134 -1.82 -27.58 12.42
CA ASN E 134 -0.66 -28.36 11.99
C ASN E 134 0.51 -27.48 11.50
N PRO E 135 1.61 -27.32 12.25
CA PRO E 135 2.79 -26.57 11.82
C PRO E 135 3.42 -27.00 10.51
N ARG E 136 3.53 -26.08 9.53
CA ARG E 136 4.21 -26.28 8.24
C ARG E 136 3.54 -27.33 7.35
N ARG E 137 2.19 -27.43 7.38
CA ARG E 137 1.41 -28.39 6.62
C ARG E 137 1.62 -28.35 5.08
N PRO E 138 1.88 -29.44 4.36
CA PRO E 138 2.23 -29.35 2.95
C PRO E 138 1.02 -29.69 2.10
N ILE E 139 -0.03 -30.28 2.72
CA ILE E 139 -1.29 -30.69 2.14
C ILE E 139 -2.09 -29.52 1.56
N ALA E 140 -2.86 -29.76 0.49
CA ALA E 140 -3.64 -28.77 -0.21
C ALA E 140 -5.07 -29.25 -0.35
N GLN E 141 -6.00 -28.35 -0.70
CA GLN E 141 -7.40 -28.70 -0.79
C GLN E 141 -8.05 -27.91 -1.92
N TRP E 142 -9.06 -28.50 -2.58
CA TRP E 142 -9.82 -27.89 -3.66
C TRP E 142 -11.04 -27.17 -3.13
N HIS E 143 -11.32 -25.97 -3.66
CA HIS E 143 -12.50 -25.20 -3.34
C HIS E 143 -13.15 -24.70 -4.62
N THR E 144 -14.43 -25.05 -4.87
CA THR E 144 -15.22 -24.46 -5.96
C THR E 144 -15.56 -23.01 -5.69
N LEU E 145 -15.39 -22.12 -6.68
CA LEU E 145 -15.77 -20.72 -6.59
C LEU E 145 -17.28 -20.48 -6.45
N GLN E 146 -17.68 -19.39 -5.77
CA GLN E 146 -19.07 -19.01 -5.59
C GLN E 146 -19.29 -17.57 -6.04
N VAL E 147 -20.55 -17.21 -6.39
CA VAL E 147 -20.97 -15.87 -6.79
C VAL E 147 -20.88 -14.86 -5.67
N GLU E 148 -20.65 -13.56 -5.98
CA GLU E 148 -20.27 -12.58 -4.98
C GLU E 148 -21.30 -12.34 -3.88
N GLU E 149 -22.58 -12.16 -4.25
CA GLU E 149 -23.61 -11.86 -3.26
C GLU E 149 -24.05 -13.08 -2.45
N GLU E 150 -23.80 -14.31 -2.94
CA GLU E 150 -23.94 -15.53 -2.13
C GLU E 150 -22.89 -15.58 -1.03
N VAL E 151 -21.63 -15.22 -1.35
CA VAL E 151 -20.54 -15.09 -0.40
C VAL E 151 -20.82 -14.01 0.65
N ASP E 152 -21.34 -12.84 0.24
CA ASP E 152 -21.76 -11.78 1.16
C ASP E 152 -22.83 -12.25 2.16
N ALA E 153 -23.88 -12.95 1.65
CA ALA E 153 -24.94 -13.52 2.44
C ALA E 153 -24.49 -14.60 3.42
N MET E 154 -23.56 -15.48 2.99
CA MET E 154 -22.93 -16.49 3.80
C MET E 154 -22.06 -15.93 4.93
N LEU E 155 -21.24 -14.90 4.62
CA LEU E 155 -20.34 -14.23 5.55
C LEU E 155 -21.05 -13.47 6.67
N ALA E 156 -22.22 -12.87 6.37
CA ALA E 156 -22.95 -11.98 7.24
C ALA E 156 -23.38 -12.51 8.60
N ASN A 1 -6.49 26.06 42.71
CA ASN A 1 -6.60 25.48 41.36
C ASN A 1 -8.06 25.51 40.87
N LEU A 2 -8.25 26.00 39.64
CA LEU A 2 -9.53 26.07 38.96
C LEU A 2 -9.49 25.18 37.71
N THR A 3 -10.55 24.39 37.53
CA THR A 3 -10.78 23.52 36.37
C THR A 3 -11.34 24.35 35.20
N SER A 4 -11.08 23.90 33.96
CA SER A 4 -11.35 24.69 32.77
C SER A 4 -11.41 23.82 31.50
N ASN A 5 -12.22 24.29 30.53
CA ASN A 5 -12.31 23.79 29.16
C ASN A 5 -11.13 24.28 28.28
N ARG A 6 -10.00 24.69 28.87
CA ARG A 6 -8.86 25.20 28.13
C ARG A 6 -8.26 24.12 27.21
N ARG A 7 -8.19 22.86 27.65
CA ARG A 7 -7.72 21.76 26.82
C ARG A 7 -8.76 21.29 25.80
N LEU A 8 -10.06 21.53 26.05
CA LEU A 8 -11.13 21.28 25.09
C LEU A 8 -11.08 22.29 23.93
N GLN A 9 -10.60 23.52 24.20
CA GLN A 9 -10.42 24.58 23.21
C GLN A 9 -9.12 24.40 22.42
N GLN A 10 -8.09 23.79 23.03
CA GLN A 10 -6.81 23.50 22.38
C GLN A 10 -6.89 22.25 21.49
N THR A 11 -7.80 21.32 21.79
CA THR A 11 -8.03 20.10 21.01
C THR A 11 -9.10 20.34 19.94
N GLN A 12 -9.97 21.34 20.12
CA GLN A 12 -10.82 21.88 19.05
C GLN A 12 -9.95 22.58 18.00
N ALA A 13 -8.83 23.20 18.41
CA ALA A 13 -7.88 23.88 17.54
C ALA A 13 -6.82 22.92 16.96
N GLN A 14 -6.57 21.77 17.60
CA GLN A 14 -5.64 20.75 17.11
C GLN A 14 -6.32 19.89 16.04
N VAL A 15 -7.63 19.63 16.18
CA VAL A 15 -8.42 18.94 15.16
C VAL A 15 -8.64 19.87 13.95
N ASP A 16 -8.70 21.20 14.16
CA ASP A 16 -8.77 22.16 13.06
C ASP A 16 -7.44 22.27 12.30
N GLU A 17 -6.31 22.04 12.98
CA GLU A 17 -4.97 22.04 12.39
C GLU A 17 -4.71 20.76 11.58
N VAL A 18 -5.31 19.63 11.99
CA VAL A 18 -5.13 18.33 11.33
C VAL A 18 -6.21 18.11 10.25
N VAL A 19 -7.33 18.85 10.30
CA VAL A 19 -8.25 19.02 9.18
C VAL A 19 -7.56 19.81 8.06
N ASP A 20 -6.70 20.78 8.38
CA ASP A 20 -5.96 21.56 7.39
C ASP A 20 -4.83 20.73 6.76
N ILE A 21 -4.20 19.82 7.51
CA ILE A 21 -3.14 18.95 6.99
C ILE A 21 -3.77 17.89 6.06
N MET A 22 -4.89 17.27 6.48
CA MET A 22 -5.58 16.23 5.71
C MET A 22 -6.32 16.77 4.49
N ARG A 23 -6.64 18.07 4.43
CA ARG A 23 -7.30 18.70 3.29
C ARG A 23 -6.27 19.10 2.22
N VAL A 24 -5.01 19.38 2.63
CA VAL A 24 -3.89 19.59 1.73
C VAL A 24 -3.37 18.24 1.20
N ASN A 25 -3.53 17.14 1.96
CA ASN A 25 -3.17 15.80 1.53
C ASN A 25 -4.22 15.21 0.59
N VAL A 26 -5.50 15.56 0.75
CA VAL A 26 -6.58 15.20 -0.16
C VAL A 26 -6.42 15.95 -1.49
N ASP A 27 -5.95 17.21 -1.45
CA ASP A 27 -5.72 18.02 -2.64
C ASP A 27 -4.49 17.51 -3.43
N LYS A 28 -3.48 16.96 -2.74
CA LYS A 28 -2.28 16.39 -3.35
C LYS A 28 -2.54 14.97 -3.89
N VAL A 29 -3.49 14.22 -3.30
CA VAL A 29 -3.94 12.91 -3.78
C VAL A 29 -4.82 13.09 -5.03
N LEU A 30 -5.64 14.15 -5.10
CA LEU A 30 -6.42 14.47 -6.28
C LEU A 30 -5.56 15.08 -7.41
N GLU A 31 -4.34 15.57 -7.07
CA GLU A 31 -3.34 16.00 -8.04
C GLU A 31 -2.53 14.81 -8.56
N ARG A 32 -2.33 13.78 -7.72
CA ARG A 32 -1.68 12.52 -8.10
C ARG A 32 -2.54 11.72 -9.08
N ASP A 33 -3.87 11.87 -9.05
CA ASP A 33 -4.78 11.25 -10.01
C ASP A 33 -4.56 11.83 -11.43
N GLN A 34 -4.29 13.14 -11.52
CA GLN A 34 -4.11 13.86 -12.77
C GLN A 34 -2.68 13.68 -13.34
N LYS A 35 -1.73 13.21 -12.52
CA LYS A 35 -0.37 12.89 -12.94
C LYS A 35 -0.23 11.40 -13.30
N LEU A 36 -1.02 10.53 -12.65
CA LEU A 36 -1.10 9.10 -12.94
C LEU A 36 -1.96 8.81 -14.18
N SER A 37 -2.85 9.73 -14.59
CA SER A 37 -3.61 9.60 -15.83
C SER A 37 -2.73 9.88 -17.05
N GLU A 38 -1.66 10.67 -16.87
CA GLU A 38 -0.67 10.97 -17.89
C GLU A 38 0.46 9.93 -17.92
N LEU A 39 0.69 9.22 -16.81
CA LEU A 39 1.63 8.10 -16.76
C LEU A 39 0.95 6.80 -17.25
N ASP A 40 -0.37 6.69 -17.12
CA ASP A 40 -1.16 5.60 -17.67
C ASP A 40 -1.39 5.77 -19.18
N ASP A 41 -1.34 7.02 -19.67
CA ASP A 41 -1.34 7.34 -21.10
C ASP A 41 0.01 7.01 -21.73
N ARG A 42 1.12 7.32 -21.04
CA ARG A 42 2.48 7.09 -21.53
C ARG A 42 2.92 5.63 -21.37
N ALA A 43 2.32 4.87 -20.45
CA ALA A 43 2.64 3.45 -20.24
C ALA A 43 1.91 2.56 -21.24
N ASP A 44 0.69 2.95 -21.63
CA ASP A 44 -0.12 2.24 -22.62
C ASP A 44 0.34 2.54 -24.04
N ALA A 45 0.94 3.72 -24.28
CA ALA A 45 1.53 4.12 -25.56
C ALA A 45 2.99 3.66 -25.70
N LEU A 46 3.67 3.39 -24.57
CA LEU A 46 4.98 2.74 -24.54
C LEU A 46 4.81 1.24 -24.80
N GLN A 47 3.71 0.62 -24.35
CA GLN A 47 3.36 -0.77 -24.62
C GLN A 47 2.93 -0.95 -26.08
N ALA A 48 2.27 0.07 -26.67
CA ALA A 48 1.83 0.04 -28.06
C ALA A 48 3.03 0.16 -29.01
N GLY A 49 4.02 1.01 -28.68
CA GLY A 49 5.23 1.18 -29.45
C GLY A 49 6.23 0.04 -29.24
N ALA A 50 6.09 -0.73 -28.14
CA ALA A 50 6.95 -1.88 -27.84
C ALA A 50 6.46 -3.12 -28.59
N SER A 51 5.14 -3.33 -28.65
CA SER A 51 4.55 -4.45 -29.38
C SER A 51 4.70 -4.28 -30.90
N GLN A 52 4.83 -3.03 -31.39
CA GLN A 52 5.08 -2.74 -32.80
C GLN A 52 6.57 -2.83 -33.15
N PHE A 53 7.47 -2.58 -32.19
CA PHE A 53 8.91 -2.77 -32.36
C PHE A 53 9.30 -4.25 -32.24
N GLU A 54 8.49 -5.06 -31.53
CA GLU A 54 8.67 -6.50 -31.41
C GLU A 54 8.10 -7.21 -32.64
N THR A 55 7.03 -6.67 -33.25
CA THR A 55 6.49 -7.14 -34.53
C THR A 55 7.44 -6.80 -35.68
N SER A 56 8.09 -5.61 -35.64
CA SER A 56 9.05 -5.20 -36.66
C SER A 56 10.36 -5.98 -36.52
N ALA A 57 10.77 -6.34 -35.29
CA ALA A 57 11.96 -7.14 -35.05
C ALA A 57 11.76 -8.61 -35.41
N ALA A 58 10.52 -9.11 -35.34
CA ALA A 58 10.15 -10.46 -35.77
C ALA A 58 10.07 -10.57 -37.29
N LYS A 59 9.76 -9.45 -37.99
CA LYS A 59 9.72 -9.37 -39.45
C LYS A 59 11.11 -9.09 -40.04
N LEU A 60 12.01 -8.47 -39.27
CA LEU A 60 13.42 -8.29 -39.63
C LEU A 60 14.15 -9.63 -39.50
N LYS A 61 13.84 -10.41 -38.46
CA LYS A 61 14.39 -11.74 -38.22
C LYS A 61 13.87 -12.73 -39.27
N ARG A 62 12.62 -12.57 -39.75
CA ARG A 62 12.03 -13.44 -40.76
C ARG A 62 12.62 -13.15 -42.15
N LYS A 63 13.00 -11.88 -42.42
CA LYS A 63 13.54 -11.43 -43.69
C LYS A 63 15.01 -11.82 -43.86
N TYR A 64 15.79 -11.86 -42.76
CA TYR A 64 17.24 -12.00 -42.78
C TYR A 64 17.69 -13.30 -42.12
N TRP A 65 17.62 -13.39 -40.78
CA TRP A 65 18.25 -14.46 -40.01
C TRP A 65 17.64 -15.84 -40.27
N TRP A 66 16.30 -15.92 -40.41
CA TRP A 66 15.55 -17.15 -40.60
C TRP A 66 15.71 -17.69 -42.02
N LYS A 67 15.95 -16.81 -43.00
CA LYS A 67 16.22 -17.15 -44.40
C LYS A 67 17.61 -17.78 -44.57
N ASN A 68 18.49 -17.66 -43.55
CA ASN A 68 19.83 -18.24 -43.51
C ASN A 68 19.97 -19.29 -42.38
N LEU A 69 18.87 -19.67 -41.71
CA LEU A 69 18.83 -20.70 -40.68
C LEU A 69 19.09 -22.08 -41.28
N SER B 1 -35.83 31.85 31.91
CA SER B 1 -34.39 32.05 31.62
C SER B 1 -33.54 30.94 32.23
N LYS B 2 -32.65 30.37 31.42
CA LYS B 2 -31.68 29.36 31.84
C LYS B 2 -30.58 30.02 32.68
N GLN B 3 -30.13 29.31 33.73
CA GLN B 3 -29.11 29.80 34.66
C GLN B 3 -28.50 28.64 35.46
N ALA B 4 -29.33 27.66 35.87
CA ALA B 4 -28.94 26.59 36.77
C ALA B 4 -28.07 25.51 36.10
N LEU B 5 -28.28 25.26 34.80
CA LEU B 5 -27.58 24.25 34.01
C LEU B 5 -26.78 24.87 32.86
N SER B 6 -26.66 26.21 32.79
CA SER B 6 -26.10 26.91 31.64
C SER B 6 -24.62 26.60 31.39
N GLU B 7 -23.84 26.31 32.45
CA GLU B 7 -22.42 25.95 32.31
C GLU B 7 -22.27 24.50 31.84
N ILE B 8 -23.17 23.61 32.25
CA ILE B 8 -23.17 22.19 31.91
C ILE B 8 -23.68 21.98 30.47
N GLU B 9 -24.61 22.84 30.02
CA GLU B 9 -25.25 22.79 28.71
C GLU B 9 -24.33 23.39 27.64
N THR B 10 -23.53 24.41 27.99
CA THR B 10 -22.52 24.98 27.10
C THR B 10 -21.31 24.06 27.01
N ARG B 11 -20.98 23.32 28.08
CA ARG B 11 -19.92 22.31 28.06
C ARG B 11 -20.32 21.13 27.16
N HIS B 12 -21.60 20.73 27.16
CA HIS B 12 -22.14 19.72 26.27
C HIS B 12 -22.12 20.20 24.82
N SER B 13 -22.40 21.50 24.57
CA SER B 13 -22.43 22.08 23.23
C SER B 13 -21.04 22.26 22.62
N GLU B 14 -19.97 22.21 23.42
CA GLU B 14 -18.58 22.31 22.98
C GLU B 14 -17.89 20.93 22.93
N ILE B 15 -18.43 19.94 23.65
CA ILE B 15 -18.00 18.55 23.58
C ILE B 15 -18.58 17.91 22.30
N ILE B 16 -19.83 18.21 21.92
CA ILE B 16 -20.40 17.73 20.66
C ILE B 16 -19.88 18.52 19.44
N LYS B 17 -19.26 19.70 19.65
CA LYS B 17 -18.59 20.45 18.59
C LYS B 17 -17.23 19.82 18.27
N LEU B 18 -16.55 19.26 19.28
CA LEU B 18 -15.32 18.48 19.08
C LEU B 18 -15.65 17.11 18.47
N GLU B 19 -16.81 16.52 18.77
CA GLU B 19 -17.25 15.27 18.15
C GLU B 19 -17.55 15.49 16.67
N ASN B 20 -18.14 16.65 16.32
CA ASN B 20 -18.48 17.03 14.95
C ASN B 20 -17.23 17.30 14.12
N SER B 21 -16.18 17.88 14.72
CA SER B 21 -14.92 18.17 14.03
C SER B 21 -14.06 16.91 13.86
N ILE B 22 -14.21 15.92 14.76
CA ILE B 22 -13.58 14.60 14.66
C ILE B 22 -14.31 13.73 13.64
N ARG B 23 -15.62 13.97 13.39
CA ARG B 23 -16.41 13.25 12.40
C ARG B 23 -16.14 13.77 10.98
N GLU B 24 -15.77 15.04 10.84
CA GLU B 24 -15.37 15.68 9.58
C GLU B 24 -13.90 15.37 9.25
N LEU B 25 -13.06 15.14 10.26
CA LEU B 25 -11.70 14.67 10.09
C LEU B 25 -11.68 13.18 9.70
N HIS B 26 -12.61 12.39 10.29
CA HIS B 26 -12.83 10.99 9.97
C HIS B 26 -13.36 10.81 8.54
N ASP B 27 -14.05 11.81 8.00
CA ASP B 27 -14.58 11.76 6.64
C ASP B 27 -13.45 11.88 5.60
N MET B 28 -12.36 12.60 5.91
CA MET B 28 -11.20 12.73 5.04
C MET B 28 -10.17 11.61 5.27
N PHE B 29 -10.18 10.95 6.43
CA PHE B 29 -9.36 9.76 6.68
C PHE B 29 -9.97 8.50 6.05
N MET B 30 -11.27 8.50 5.73
CA MET B 30 -11.96 7.41 5.05
C MET B 30 -12.09 7.66 3.54
N ASP B 31 -12.18 8.92 3.11
CA ASP B 31 -12.29 9.27 1.70
C ASP B 31 -10.93 9.21 1.00
N MET B 32 -9.86 9.67 1.66
CA MET B 32 -8.50 9.60 1.12
C MET B 32 -7.96 8.17 1.13
N ALA B 33 -8.47 7.31 2.02
CA ALA B 33 -8.13 5.89 2.05
C ALA B 33 -8.67 5.14 0.82
N MET B 34 -9.80 5.59 0.26
CA MET B 34 -10.44 5.01 -0.91
C MET B 34 -10.03 5.71 -2.22
N LEU B 35 -9.49 6.94 -2.14
CA LEU B 35 -8.93 7.65 -3.29
C LEU B 35 -7.53 7.13 -3.61
N VAL B 36 -6.71 6.84 -2.59
CA VAL B 36 -5.39 6.22 -2.74
C VAL B 36 -5.54 4.80 -3.27
N GLU B 37 -6.62 4.08 -2.90
CA GLU B 37 -6.89 2.72 -3.36
C GLU B 37 -7.33 2.68 -4.83
N SER B 38 -8.13 3.67 -5.27
CA SER B 38 -8.61 3.77 -6.65
C SER B 38 -7.52 4.30 -7.59
N GLN B 39 -6.55 5.06 -7.06
CA GLN B 39 -5.35 5.49 -7.77
C GLN B 39 -4.24 4.43 -7.70
N GLY B 40 -4.39 3.44 -6.80
CA GLY B 40 -3.52 2.27 -6.73
C GLY B 40 -3.89 1.23 -7.80
N GLU B 41 -5.10 1.33 -8.37
CA GLU B 41 -5.54 0.55 -9.51
C GLU B 41 -5.01 1.15 -10.83
N MET B 42 -4.69 2.47 -10.84
CA MET B 42 -3.99 3.11 -11.93
C MET B 42 -2.52 2.67 -11.94
N ILE B 43 -1.89 2.57 -10.75
CA ILE B 43 -0.51 2.12 -10.57
C ILE B 43 -0.39 0.62 -10.90
N ASP B 44 -1.46 -0.17 -10.71
CA ASP B 44 -1.50 -1.59 -11.06
C ASP B 44 -1.58 -1.79 -12.58
N ARG B 45 -2.26 -0.89 -13.30
CA ARG B 45 -2.35 -0.92 -14.76
C ARG B 45 -1.08 -0.37 -15.41
N ILE B 46 -0.39 0.57 -14.75
CA ILE B 46 0.89 1.11 -15.21
C ILE B 46 1.98 0.05 -15.06
N GLU B 47 2.00 -0.70 -13.94
CA GLU B 47 2.97 -1.76 -13.70
C GLU B 47 2.73 -2.93 -14.68
N TYR B 48 1.47 -3.23 -15.02
CA TYR B 48 1.11 -4.29 -15.96
C TYR B 48 1.54 -3.94 -17.38
N ASN B 49 1.38 -2.67 -17.80
CA ASN B 49 1.74 -2.21 -19.14
C ASN B 49 3.26 -2.08 -19.31
N VAL B 50 3.99 -1.76 -18.23
CA VAL B 50 5.44 -1.58 -18.23
C VAL B 50 6.16 -2.93 -18.09
N GLU B 51 5.55 -3.93 -17.44
CA GLU B 51 6.09 -5.28 -17.31
C GLU B 51 6.10 -5.98 -18.66
N HIS B 52 5.05 -5.79 -19.47
CA HIS B 52 4.96 -6.32 -20.83
C HIS B 52 5.76 -5.47 -21.82
N ALA B 53 5.99 -4.17 -21.55
CA ALA B 53 6.82 -3.32 -22.38
C ALA B 53 8.33 -3.55 -22.14
N VAL B 54 8.72 -4.15 -21.00
CA VAL B 54 10.08 -4.63 -20.75
C VAL B 54 10.31 -5.92 -21.57
N ASP B 55 9.29 -6.80 -21.62
CA ASP B 55 9.38 -8.09 -22.29
C ASP B 55 9.32 -7.95 -23.82
N TYR B 56 8.52 -7.00 -24.34
CA TYR B 56 8.45 -6.69 -25.76
C TYR B 56 9.77 -6.08 -26.25
N VAL B 57 10.37 -5.16 -25.48
CA VAL B 57 11.60 -4.46 -25.83
C VAL B 57 12.81 -5.41 -25.81
N GLU B 58 12.88 -6.32 -24.83
CA GLU B 58 14.03 -7.21 -24.68
C GLU B 58 14.05 -8.27 -25.78
N ARG B 59 12.88 -8.80 -26.16
CA ARG B 59 12.75 -9.76 -27.25
C ARG B 59 12.86 -9.10 -28.63
N ALA B 60 12.53 -7.80 -28.74
CA ALA B 60 12.71 -7.04 -29.98
C ALA B 60 14.19 -6.82 -30.28
N VAL B 61 15.01 -6.56 -29.25
CA VAL B 61 16.43 -6.28 -29.40
C VAL B 61 17.21 -7.59 -29.55
N SER B 62 16.71 -8.72 -29.04
CA SER B 62 17.29 -10.03 -29.26
C SER B 62 17.10 -10.51 -30.71
N ASP B 63 16.00 -10.09 -31.36
CA ASP B 63 15.67 -10.46 -32.73
C ASP B 63 16.18 -9.45 -33.76
N THR B 64 16.51 -8.20 -33.34
CA THR B 64 17.18 -7.20 -34.17
C THR B 64 18.69 -7.45 -34.17
N LYS B 65 19.28 -7.98 -33.09
CA LYS B 65 20.67 -8.42 -33.05
C LYS B 65 20.93 -9.58 -34.02
N LYS B 66 19.94 -10.47 -34.20
CA LYS B 66 19.99 -11.58 -35.13
C LYS B 66 19.86 -11.10 -36.59
N ALA B 67 18.97 -10.14 -36.83
CA ALA B 67 18.64 -9.66 -38.17
C ALA B 67 19.71 -8.73 -38.77
N VAL B 68 20.47 -8.04 -37.93
CA VAL B 68 21.52 -7.09 -38.29
C VAL B 68 22.84 -7.83 -38.56
N LYS B 69 23.03 -9.01 -37.95
CA LYS B 69 24.15 -9.91 -38.22
C LYS B 69 23.95 -10.72 -39.52
N TYR B 70 22.79 -10.57 -40.21
CA TYR B 70 22.44 -11.28 -41.43
C TYR B 70 21.77 -10.34 -42.46
N GLN B 71 21.87 -9.02 -42.28
CA GLN B 71 21.25 -8.02 -43.16
C GLN B 71 21.81 -8.05 -44.59
N SER B 72 23.05 -8.52 -44.78
CA SER B 72 23.75 -8.57 -46.06
C SER B 72 23.40 -9.86 -46.79
N MET C 1 -44.77 23.71 39.85
CA MET C 1 -43.74 23.77 40.91
C MET C 1 -42.82 22.56 40.82
N ARG C 2 -43.34 21.36 41.09
CA ARG C 2 -42.57 20.12 41.14
C ARG C 2 -42.15 19.65 39.74
N ASN C 3 -42.92 20.01 38.71
CA ASN C 3 -42.62 19.65 37.32
C ASN C 3 -41.31 20.31 36.84
N GLU C 4 -40.99 21.53 37.29
CA GLU C 4 -39.77 22.23 36.91
C GLU C 4 -38.54 21.67 37.66
N LEU C 5 -38.73 21.20 38.91
CA LEU C 5 -37.66 20.63 39.73
C LEU C 5 -37.29 19.22 39.26
N GLU C 6 -38.25 18.47 38.71
CA GLU C 6 -38.04 17.14 38.16
C GLU C 6 -37.46 17.21 36.74
N GLU C 7 -37.81 18.26 35.96
CA GLU C 7 -37.32 18.45 34.60
C GLU C 7 -35.88 19.01 34.59
N MET C 8 -35.45 19.67 35.67
CA MET C 8 -34.09 20.18 35.81
C MET C 8 -33.11 19.04 36.14
N GLN C 9 -33.54 18.02 36.90
CA GLN C 9 -32.75 16.84 37.19
C GLN C 9 -32.77 15.85 36.02
N ARG C 10 -33.85 15.84 35.23
CA ARG C 10 -33.99 15.03 34.03
C ARG C 10 -33.07 15.54 32.92
N ARG C 11 -32.91 16.87 32.82
CA ARG C 11 -32.05 17.54 31.85
C ARG C 11 -30.59 17.50 32.31
N ALA C 12 -30.30 17.48 33.62
CA ALA C 12 -28.95 17.39 34.15
C ALA C 12 -28.38 15.96 33.97
N ASP C 13 -29.24 14.94 34.04
CA ASP C 13 -28.89 13.54 33.80
C ASP C 13 -28.73 13.27 32.30
N GLN C 14 -29.48 13.99 31.45
CA GLN C 14 -29.40 13.90 29.99
C GLN C 14 -28.11 14.58 29.49
N LEU C 15 -27.72 15.71 30.10
CA LEU C 15 -26.48 16.41 29.77
C LEU C 15 -25.23 15.69 30.32
N ALA C 16 -25.39 14.75 31.27
CA ALA C 16 -24.31 13.95 31.82
C ALA C 16 -24.09 12.65 31.04
N ASP C 17 -25.14 12.10 30.41
CA ASP C 17 -25.10 10.85 29.67
C ASP C 17 -24.81 11.07 28.18
N GLU C 18 -25.25 12.21 27.62
CA GLU C 18 -25.02 12.55 26.21
C GLU C 18 -23.67 13.24 26.00
N SER C 19 -23.04 13.79 27.07
CA SER C 19 -21.65 14.24 27.04
C SER C 19 -20.69 13.08 27.27
N LEU C 20 -21.10 12.04 28.02
CA LEU C 20 -20.31 10.84 28.23
C LEU C 20 -20.30 9.98 26.96
N GLU C 21 -21.47 9.86 26.29
CA GLU C 21 -21.59 9.11 25.05
C GLU C 21 -21.00 9.90 23.87
N SER C 22 -20.91 11.24 23.95
CA SER C 22 -20.25 12.04 22.93
C SER C 22 -18.75 11.76 22.91
N THR C 23 -18.11 11.65 24.08
CA THR C 23 -16.67 11.38 24.21
C THR C 23 -16.32 9.91 23.96
N ARG C 24 -17.32 9.02 23.90
CA ARG C 24 -17.18 7.61 23.53
C ARG C 24 -17.44 7.41 22.02
N ARG C 25 -18.23 8.30 21.39
CA ARG C 25 -18.40 8.36 19.94
C ARG C 25 -17.18 9.03 19.29
N MET C 26 -16.50 9.95 20.00
CA MET C 26 -15.19 10.43 19.60
C MET C 26 -14.19 9.28 19.61
N LEU C 27 -14.23 8.42 20.63
CA LEU C 27 -13.26 7.35 20.84
C LEU C 27 -13.49 6.16 19.89
N GLN C 28 -14.63 6.14 19.16
CA GLN C 28 -14.84 5.26 18.01
C GLN C 28 -14.28 5.93 16.74
N LEU C 29 -14.64 7.19 16.49
CA LEU C 29 -14.35 7.91 15.25
C LEU C 29 -12.84 8.18 15.08
N VAL C 30 -12.15 8.60 16.14
CA VAL C 30 -10.76 9.03 16.12
C VAL C 30 -9.79 7.82 16.02
N GLU C 31 -10.23 6.65 16.52
CA GLU C 31 -9.51 5.40 16.47
C GLU C 31 -9.71 4.69 15.12
N GLU C 32 -10.83 4.98 14.42
CA GLU C 32 -11.09 4.55 13.06
C GLU C 32 -10.46 5.50 12.03
N SER C 33 -10.14 6.75 12.42
CA SER C 33 -9.34 7.67 11.62
C SER C 33 -7.87 7.24 11.61
N LYS C 34 -7.40 6.65 12.72
CA LYS C 34 -6.06 6.15 12.88
C LYS C 34 -5.91 4.75 12.27
N ASP C 35 -6.98 3.93 12.26
CA ASP C 35 -6.98 2.61 11.64
C ASP C 35 -7.01 2.71 10.11
N ALA C 36 -7.74 3.71 9.57
CA ALA C 36 -7.75 4.02 8.15
C ALA C 36 -6.51 4.85 7.74
N GLY C 37 -5.83 5.50 8.70
CA GLY C 37 -4.66 6.33 8.45
C GLY C 37 -3.35 5.53 8.45
N ILE C 38 -3.33 4.36 9.12
CA ILE C 38 -2.17 3.47 9.17
C ILE C 38 -2.24 2.41 8.08
N ARG C 39 -3.46 2.02 7.64
CA ARG C 39 -3.65 1.10 6.51
C ARG C 39 -3.44 1.80 5.17
N THR C 40 -3.64 3.13 5.09
CA THR C 40 -3.32 3.94 3.91
C THR C 40 -1.82 4.22 3.83
N LEU C 41 -1.11 4.26 4.96
CA LEU C 41 0.34 4.45 5.00
C LEU C 41 1.08 3.15 4.65
N VAL C 42 0.48 1.98 4.92
CA VAL C 42 0.95 0.66 4.49
C VAL C 42 0.59 0.44 3.01
N MET C 43 -0.48 1.06 2.50
CA MET C 43 -0.87 1.00 1.10
C MET C 43 -0.01 1.94 0.25
N LEU C 44 0.49 3.04 0.81
CA LEU C 44 1.45 3.95 0.17
C LEU C 44 2.85 3.35 0.19
N ASP C 45 3.18 2.47 1.14
CA ASP C 45 4.44 1.75 1.17
C ASP C 45 4.48 0.70 0.06
N GLU C 46 3.37 -0.03 -0.16
CA GLU C 46 3.26 -1.07 -1.16
C GLU C 46 2.95 -0.52 -2.56
N GLN C 47 2.43 0.70 -2.69
CA GLN C 47 2.37 1.43 -3.97
C GLN C 47 3.74 2.03 -4.30
N GLY C 48 4.60 2.24 -3.29
CA GLY C 48 6.00 2.60 -3.48
C GLY C 48 6.85 1.39 -3.88
N GLU C 49 6.32 0.16 -3.72
CA GLU C 49 6.93 -1.08 -4.18
C GLU C 49 6.55 -1.36 -5.64
N GLN C 50 5.35 -0.93 -6.07
CA GLN C 50 4.91 -1.01 -7.46
C GLN C 50 5.63 0.06 -8.31
N LEU C 51 5.81 1.27 -7.76
CA LEU C 51 6.49 2.38 -8.42
C LEU C 51 8.01 2.21 -8.42
N ASP C 52 8.56 1.36 -7.52
CA ASP C 52 9.97 0.96 -7.58
C ASP C 52 10.21 -0.02 -8.74
N ARG C 53 9.22 -0.88 -9.05
CA ARG C 53 9.29 -1.82 -10.18
C ARG C 53 8.99 -1.13 -11.52
N VAL C 54 8.26 0.01 -11.52
CA VAL C 54 8.00 0.79 -12.71
C VAL C 54 9.23 1.64 -13.05
N GLU C 55 9.91 2.22 -12.05
CA GLU C 55 11.13 3.02 -12.26
C GLU C 55 12.32 2.14 -12.65
N GLU C 56 12.35 0.89 -12.15
CA GLU C 56 13.30 -0.14 -12.53
C GLU C 56 12.97 -0.69 -13.93
N GLY C 57 11.70 -0.65 -14.35
CA GLY C 57 11.24 -1.08 -15.66
C GLY C 57 11.52 -0.01 -16.73
N MET C 58 11.61 1.27 -16.36
CA MET C 58 12.04 2.35 -17.23
C MET C 58 13.57 2.38 -17.36
N ASN C 59 14.30 1.89 -16.35
CA ASN C 59 15.75 1.76 -16.38
C ASN C 59 16.17 0.58 -17.27
N HIS C 60 15.38 -0.50 -17.31
CA HIS C 60 15.66 -1.68 -18.12
C HIS C 60 15.21 -1.50 -19.57
N ILE C 61 14.17 -0.69 -19.84
CA ILE C 61 13.78 -0.32 -21.21
C ILE C 61 14.85 0.58 -21.81
N ASN C 62 15.39 1.55 -21.04
CA ASN C 62 16.44 2.46 -21.51
C ASN C 62 17.78 1.73 -21.71
N GLN C 63 18.04 0.64 -20.96
CA GLN C 63 19.24 -0.16 -21.07
C GLN C 63 19.22 -1.06 -22.32
N ASP C 64 18.03 -1.53 -22.73
CA ASP C 64 17.84 -2.28 -23.96
C ASP C 64 17.72 -1.34 -25.18
N MET C 65 17.32 -0.08 -24.99
CA MET C 65 17.28 0.93 -26.06
C MET C 65 18.69 1.44 -26.42
N LYS C 66 19.69 1.23 -25.54
CA LYS C 66 21.10 1.46 -25.85
C LYS C 66 21.66 0.34 -26.71
N GLU C 67 21.24 -0.92 -26.45
CA GLU C 67 21.57 -2.07 -27.28
C GLU C 67 20.80 -2.05 -28.61
N ALA C 68 19.68 -1.30 -28.70
CA ALA C 68 18.94 -1.06 -29.93
C ALA C 68 19.62 0.04 -30.76
N GLU C 69 20.23 1.04 -30.10
CA GLU C 69 20.84 2.18 -30.75
C GLU C 69 22.08 1.78 -31.55
N LYS C 70 22.81 0.73 -31.12
CA LYS C 70 24.01 0.23 -31.80
C LYS C 70 23.67 -0.63 -33.02
N ASN C 71 22.59 -1.41 -32.96
CA ASN C 71 22.21 -2.34 -34.02
C ASN C 71 21.37 -1.66 -35.12
N LEU C 72 20.60 -0.61 -34.79
CA LEU C 72 19.82 0.15 -35.76
C LEU C 72 20.66 1.22 -36.46
N LYS C 73 21.78 1.63 -35.85
CA LYS C 73 22.82 2.45 -36.48
C LYS C 73 23.57 1.63 -37.54
N ASP C 74 23.68 0.30 -37.35
CA ASP C 74 24.30 -0.62 -38.30
C ASP C 74 23.30 -1.11 -39.36
N LEU C 75 21.98 -1.09 -39.06
CA LEU C 75 20.92 -1.51 -39.96
C LEU C 75 20.82 -0.52 -41.13
N GLY C 76 20.80 -1.07 -42.36
CA GLY C 76 21.02 -0.33 -43.59
C GLY C 76 22.53 -0.14 -43.75
N LYS C 77 23.15 -0.94 -44.62
CA LYS C 77 24.59 -1.06 -44.73
C LYS C 77 25.16 -0.01 -45.69
N GLY D 1 -8.11 13.08 35.10
CA GLY D 1 -7.14 14.16 35.34
C GLY D 1 -7.81 15.53 35.28
N GLY D 2 -7.46 16.30 34.25
CA GLY D 2 -8.03 17.61 33.96
C GLY D 2 -8.04 17.87 32.46
N PHE D 3 -9.14 18.44 31.97
CA PHE D 3 -9.40 18.66 30.55
C PHE D 3 -10.60 19.60 30.33
N ILE D 4 -11.63 19.48 31.17
CA ILE D 4 -12.89 20.23 31.09
C ILE D 4 -13.18 20.93 32.42
N ARG D 5 -14.08 21.92 32.35
CA ARG D 5 -14.63 22.59 33.52
C ARG D 5 -15.50 21.58 34.28
N ARG D 6 -15.11 21.32 35.54
CA ARG D 6 -15.84 20.46 36.45
C ARG D 6 -16.91 21.29 37.17
N VAL D 7 -18.12 20.72 37.30
CA VAL D 7 -19.28 21.38 37.87
C VAL D 7 -20.05 20.39 38.75
N THR D 8 -20.38 19.20 38.22
CA THR D 8 -21.16 18.18 38.89
C THR D 8 -20.27 17.30 39.79
N ASN D 9 -20.88 16.73 40.84
CA ASN D 9 -20.24 15.77 41.73
C ASN D 9 -20.23 14.34 41.18
N ASP D 10 -20.89 14.10 40.03
CA ASP D 10 -21.11 12.78 39.46
C ASP D 10 -19.82 12.22 38.84
N ALA D 11 -19.65 10.89 38.91
CA ALA D 11 -18.48 10.17 38.42
C ALA D 11 -18.38 10.14 36.88
N ARG D 12 -19.51 10.37 36.17
CA ARG D 12 -19.55 10.42 34.71
C ARG D 12 -18.78 11.63 34.14
N GLU D 13 -18.60 12.69 34.94
CA GLU D 13 -17.86 13.90 34.56
C GLU D 13 -16.35 13.67 34.55
N ASN D 14 -15.85 12.82 35.47
CA ASN D 14 -14.45 12.41 35.50
C ASN D 14 -14.15 11.37 34.41
N GLU D 15 -15.16 10.58 34.00
CA GLU D 15 -15.01 9.55 32.98
C GLU D 15 -15.03 10.14 31.56
N MET D 16 -15.79 11.24 31.32
CA MET D 16 -15.78 11.93 30.04
C MET D 16 -14.54 12.82 29.88
N ASP D 17 -13.93 13.27 30.99
CA ASP D 17 -12.67 13.98 31.02
C ASP D 17 -11.51 13.04 30.68
N GLU D 18 -11.61 11.77 31.11
CA GLU D 18 -10.62 10.71 30.91
C GLU D 18 -10.80 10.04 29.53
N ASN D 19 -11.98 10.16 28.91
CA ASN D 19 -12.22 9.78 27.52
C ASN D 19 -11.72 10.88 26.58
N LEU D 20 -11.72 12.15 27.02
CA LEU D 20 -11.13 13.26 26.29
C LEU D 20 -9.60 13.27 26.42
N GLU D 21 -9.04 12.61 27.45
CA GLU D 21 -7.61 12.40 27.60
C GLU D 21 -7.12 11.33 26.60
N GLN D 22 -7.96 10.32 26.32
CA GLN D 22 -7.66 9.23 25.40
C GLN D 22 -7.85 9.68 23.94
N VAL D 23 -8.85 10.53 23.67
CA VAL D 23 -9.14 11.09 22.35
C VAL D 23 -8.04 12.08 21.97
N SER D 24 -7.60 12.95 22.89
CA SER D 24 -6.53 13.92 22.69
C SER D 24 -5.15 13.25 22.64
N GLY D 25 -5.02 12.01 23.14
CA GLY D 25 -3.81 11.22 23.07
C GLY D 25 -3.68 10.51 21.72
N ILE D 26 -4.82 10.15 21.09
CA ILE D 26 -4.85 9.60 19.73
C ILE D 26 -4.68 10.76 18.73
N ILE D 27 -5.18 11.96 19.01
CA ILE D 27 -4.95 13.17 18.20
C ILE D 27 -3.50 13.64 18.34
N GLY D 28 -2.84 13.34 19.47
CA GLY D 28 -1.43 13.65 19.70
C GLY D 28 -0.50 12.74 18.89
N ASN D 29 -1.04 11.67 18.28
CA ASN D 29 -0.34 10.78 17.35
C ASN D 29 -0.85 10.98 15.91
N LEU D 30 -2.12 11.38 15.73
CA LEU D 30 -2.77 11.53 14.43
C LEU D 30 -2.36 12.84 13.74
N ARG D 31 -1.83 13.81 14.51
CA ARG D 31 -1.26 15.05 13.99
C ARG D 31 0.11 14.84 13.36
N HIS D 32 0.85 13.80 13.81
CA HIS D 32 2.15 13.41 13.29
C HIS D 32 2.02 12.30 12.24
N MET D 33 0.93 11.50 12.29
CA MET D 33 0.62 10.49 11.29
C MET D 33 0.09 11.16 10.02
N ALA D 34 -0.69 12.25 10.15
CA ALA D 34 -1.21 13.01 9.02
C ALA D 34 -0.10 13.79 8.32
N LEU D 35 0.87 14.33 9.07
CA LEU D 35 1.94 15.15 8.52
C LEU D 35 3.04 14.29 7.87
N ASP D 36 3.30 13.09 8.42
CA ASP D 36 4.28 12.15 7.87
C ASP D 36 3.71 11.40 6.66
N MET D 37 2.41 11.07 6.66
CA MET D 37 1.72 10.49 5.52
C MET D 37 1.56 11.52 4.41
N GLY D 38 1.47 12.82 4.74
CA GLY D 38 1.41 13.91 3.79
C GLY D 38 2.75 14.14 3.08
N ASN D 39 3.87 13.72 3.70
CA ASN D 39 5.19 13.73 3.10
C ASN D 39 5.43 12.46 2.27
N GLU D 40 4.85 11.31 2.66
CA GLU D 40 4.92 10.07 1.88
C GLU D 40 3.96 10.12 0.67
N ILE D 41 3.03 11.07 0.64
CA ILE D 41 2.16 11.37 -0.49
C ILE D 41 2.91 12.29 -1.47
N ASP D 42 3.66 13.29 -0.97
CA ASP D 42 4.29 14.32 -1.79
C ASP D 42 5.66 13.88 -2.35
N THR D 43 6.39 13.01 -1.63
CA THR D 43 7.63 12.40 -2.10
C THR D 43 7.34 11.34 -3.15
N GLN D 44 6.18 10.65 -3.06
CA GLN D 44 5.73 9.69 -4.05
C GLN D 44 5.04 10.39 -5.24
N ASN D 45 4.53 11.62 -5.07
CA ASN D 45 4.08 12.45 -6.18
C ASN D 45 5.28 12.94 -7.02
N ARG D 46 6.43 13.14 -6.38
CA ARG D 46 7.70 13.48 -7.01
C ARG D 46 8.44 12.25 -7.54
N GLN D 47 8.05 11.04 -7.11
CA GLN D 47 8.51 9.78 -7.71
C GLN D 47 7.72 9.49 -8.99
N ILE D 48 6.41 9.78 -9.01
CA ILE D 48 5.56 9.64 -10.17
C ILE D 48 5.96 10.69 -11.23
N ASP D 49 6.46 11.87 -10.81
CA ASP D 49 6.96 12.92 -11.69
C ASP D 49 8.34 12.58 -12.26
N ARG D 50 9.17 11.84 -11.50
CA ARG D 50 10.47 11.37 -11.95
C ARG D 50 10.31 10.20 -12.93
N ILE D 51 9.29 9.36 -12.74
CA ILE D 51 8.96 8.23 -13.62
C ILE D 51 8.31 8.76 -14.91
N MET D 52 7.56 9.87 -14.85
CA MET D 52 6.97 10.54 -16.00
C MET D 52 8.04 11.10 -16.94
N GLU D 53 9.21 11.47 -16.41
CA GLU D 53 10.34 11.96 -17.19
C GLU D 53 10.96 10.82 -18.00
N LYS D 54 11.04 9.60 -17.44
CA LYS D 54 11.62 8.44 -18.10
C LYS D 54 10.59 7.73 -19.02
N ALA D 55 9.29 7.89 -18.74
CA ALA D 55 8.21 7.32 -19.52
C ALA D 55 7.97 8.11 -20.81
N ASP D 56 8.28 9.41 -20.81
CA ASP D 56 8.23 10.27 -21.98
C ASP D 56 9.49 10.11 -22.83
N SER D 57 10.65 9.86 -22.20
CA SER D 57 11.93 9.66 -22.89
C SER D 57 12.00 8.30 -23.58
N ASN D 58 11.37 7.26 -23.00
CA ASN D 58 11.31 5.93 -23.58
C ASN D 58 10.19 5.81 -24.62
N LYS D 59 9.13 6.64 -24.53
CA LYS D 59 8.07 6.73 -25.53
C LYS D 59 8.58 7.43 -26.80
N THR D 60 9.54 8.35 -26.66
CA THR D 60 10.21 9.01 -27.78
C THR D 60 11.21 8.06 -28.45
N ARG D 61 11.95 7.27 -27.65
CA ARG D 61 13.08 6.47 -28.12
C ARG D 61 12.64 5.11 -28.69
N ILE D 62 11.45 4.62 -28.31
CA ILE D 62 10.90 3.37 -28.84
C ILE D 62 10.23 3.59 -30.21
N ASP D 63 9.73 4.81 -30.46
CA ASP D 63 9.24 5.24 -31.76
C ASP D 63 10.42 5.53 -32.70
N GLU D 64 11.53 6.07 -32.16
CA GLU D 64 12.78 6.28 -32.89
C GLU D 64 13.37 4.94 -33.34
N ALA D 65 13.30 3.92 -32.47
CA ALA D 65 13.82 2.58 -32.74
C ALA D 65 12.95 1.83 -33.76
N ASN D 66 11.63 2.08 -33.77
CA ASN D 66 10.69 1.43 -34.66
C ASN D 66 10.66 2.08 -36.06
N GLN D 67 11.02 3.36 -36.18
CA GLN D 67 11.10 4.07 -37.45
C GLN D 67 12.30 3.61 -38.28
N ARG D 68 13.43 3.30 -37.62
CA ARG D 68 14.63 2.77 -38.25
C ARG D 68 14.51 1.28 -38.59
N ALA D 69 13.54 0.57 -37.96
CA ALA D 69 13.27 -0.85 -38.21
C ALA D 69 12.27 -1.05 -39.35
N THR D 70 11.30 -0.14 -39.52
CA THR D 70 10.17 -0.27 -40.43
C THR D 70 10.50 0.21 -41.85
N LYS D 71 11.55 1.04 -42.04
CA LYS D 71 12.03 1.45 -43.36
C LYS D 71 12.64 0.28 -44.16
N MET D 72 13.01 -0.82 -43.47
CA MET D 72 13.55 -2.04 -44.07
C MET D 72 12.46 -3.11 -44.27
N LEU D 73 11.18 -2.78 -44.04
CA LEU D 73 10.04 -3.70 -44.05
C LEU D 73 8.93 -3.19 -44.96
N GLY D 74 8.05 -4.11 -45.39
CA GLY D 74 6.86 -3.81 -46.15
C GLY D 74 6.13 -5.10 -46.53
N SER E 1 20.02 10.92 19.87
CA SER E 1 20.82 9.81 19.32
C SER E 1 21.12 8.77 20.39
N GLY E 2 20.84 7.50 20.07
CA GLY E 2 21.09 6.35 20.92
C GLY E 2 21.19 5.07 20.10
N GLY E 3 21.94 4.09 20.64
CA GLY E 3 22.22 2.81 20.00
C GLY E 3 21.16 1.77 20.37
N GLY E 4 21.63 0.56 20.72
CA GLY E 4 20.82 -0.62 20.95
C GLY E 4 20.38 -0.78 22.40
N GLY E 5 19.69 -1.90 22.68
CA GLY E 5 19.21 -2.27 24.01
C GLY E 5 17.83 -1.67 24.29
N GLY E 6 16.91 -2.52 24.75
CA GLY E 6 15.56 -2.13 25.16
C GLY E 6 15.48 -1.93 26.67
N ILE E 7 14.51 -1.13 27.11
CA ILE E 7 14.23 -0.87 28.53
C ILE E 7 13.58 -2.10 29.19
N LEU E 8 12.80 -2.88 28.42
CA LEU E 8 12.30 -4.20 28.78
C LEU E 8 13.35 -5.24 28.40
N GLU E 9 13.28 -6.42 29.05
CA GLU E 9 14.16 -7.54 28.79
C GLU E 9 13.94 -8.04 27.36
N LYS E 10 15.04 -8.25 26.63
CA LYS E 10 15.03 -8.73 25.25
C LYS E 10 14.58 -10.20 25.20
N LEU E 11 13.75 -10.52 24.21
CA LEU E 11 13.36 -11.89 23.90
C LEU E 11 14.45 -12.58 23.04
N GLY E 12 15.23 -11.78 22.29
CA GLY E 12 16.34 -12.28 21.49
C GLY E 12 17.26 -11.16 20.97
N ASP E 13 18.16 -11.58 20.08
CA ASP E 13 19.10 -10.76 19.33
C ASP E 13 18.98 -11.12 17.84
N ILE E 14 19.82 -10.50 17.01
CA ILE E 14 19.86 -10.69 15.57
C ILE E 14 21.25 -10.30 15.06
N CYS E 15 21.90 -11.25 14.36
CA CYS E 15 23.14 -11.03 13.64
C CYS E 15 22.84 -10.67 12.20
N PHE E 16 23.64 -9.76 11.65
CA PHE E 16 23.61 -9.37 10.25
C PHE E 16 24.97 -8.76 9.86
N SER E 17 25.21 -8.74 8.55
CA SER E 17 26.49 -8.45 7.94
C SER E 17 26.39 -7.21 7.05
N LEU E 18 27.51 -6.47 6.97
CA LEU E 18 27.67 -5.26 6.17
C LEU E 18 28.99 -5.31 5.40
N ARG E 19 29.07 -4.49 4.35
CA ARG E 19 30.19 -4.29 3.43
C ARG E 19 29.80 -3.17 2.47
N TYR E 20 30.79 -2.40 1.98
CA TYR E 20 30.56 -1.27 1.09
C TYR E 20 31.66 -1.18 0.03
N VAL E 21 31.29 -1.44 -1.24
CA VAL E 21 32.15 -1.24 -2.40
C VAL E 21 32.11 0.27 -2.73
N PRO E 22 33.28 0.93 -2.92
CA PRO E 22 33.35 2.38 -3.11
C PRO E 22 33.05 2.81 -4.55
N THR E 23 33.48 2.01 -5.55
CA THR E 23 33.38 2.36 -6.97
C THR E 23 31.97 2.15 -7.52
N ALA E 24 31.26 1.13 -7.02
CA ALA E 24 29.87 0.84 -7.38
C ALA E 24 28.87 1.55 -6.45
N GLY E 25 29.32 1.99 -5.26
CA GLY E 25 28.46 2.50 -4.22
C GLY E 25 27.66 1.37 -3.52
N LYS E 26 28.00 0.10 -3.79
CA LYS E 26 27.19 -1.06 -3.45
C LYS E 26 27.34 -1.39 -1.96
N LEU E 27 26.40 -0.88 -1.16
CA LEU E 27 26.19 -1.22 0.24
C LEU E 27 25.49 -2.58 0.28
N THR E 28 26.28 -3.64 0.49
CA THR E 28 25.83 -5.02 0.57
C THR E 28 25.38 -5.32 2.00
N VAL E 29 24.20 -5.97 2.13
CA VAL E 29 23.56 -6.31 3.40
C VAL E 29 22.99 -7.73 3.29
N VAL E 30 23.10 -8.52 4.38
CA VAL E 30 22.52 -9.85 4.49
C VAL E 30 22.41 -10.25 5.97
N ILE E 31 21.26 -10.81 6.36
CA ILE E 31 20.98 -11.22 7.74
C ILE E 31 21.50 -12.65 7.93
N LEU E 32 22.32 -12.83 8.97
CA LEU E 32 23.13 -14.03 9.18
C LEU E 32 22.41 -15.03 10.09
N GLU E 33 21.99 -14.60 11.30
CA GLU E 33 21.42 -15.45 12.35
C GLU E 33 20.39 -14.66 13.17
N ALA E 34 19.71 -15.36 14.10
CA ALA E 34 18.76 -14.82 15.05
C ALA E 34 18.71 -15.71 16.32
N LYS E 35 18.31 -15.11 17.45
CA LYS E 35 18.27 -15.77 18.76
C LYS E 35 16.86 -16.24 19.13
N ASN E 36 15.81 -15.57 18.61
CA ASN E 36 14.41 -15.91 18.83
C ASN E 36 13.50 -15.11 17.86
N LEU E 37 12.30 -15.66 17.62
CA LEU E 37 11.19 -14.99 16.95
C LEU E 37 9.84 -15.56 17.41
N LYS E 38 8.77 -14.79 17.16
CA LYS E 38 7.42 -15.03 17.69
C LYS E 38 6.76 -16.26 17.06
N LYS E 39 5.86 -16.90 17.81
CA LYS E 39 5.12 -18.10 17.40
C LYS E 39 4.03 -17.79 16.37
N MET E 40 3.61 -18.85 15.66
CA MET E 40 2.54 -18.84 14.68
C MET E 40 1.17 -18.93 15.38
N ASP E 41 0.15 -18.31 14.77
CA ASP E 41 -1.17 -18.10 15.38
C ASP E 41 -2.02 -19.37 15.47
N VAL E 42 -1.69 -20.43 14.70
CA VAL E 42 -2.35 -21.73 14.77
C VAL E 42 -1.91 -22.54 16.01
N GLY E 43 -0.80 -22.16 16.65
CA GLY E 43 -0.21 -22.81 17.81
C GLY E 43 1.17 -23.41 17.54
N GLY E 44 1.67 -23.32 16.29
CA GLY E 44 2.98 -23.81 15.89
C GLY E 44 4.06 -22.75 16.05
N LEU E 45 5.22 -23.00 15.42
CA LEU E 45 6.33 -22.05 15.30
C LEU E 45 6.25 -21.36 13.93
N SER E 46 6.61 -20.06 13.91
CA SER E 46 6.78 -19.31 12.66
C SER E 46 8.17 -19.57 12.06
N ASP E 47 8.33 -19.14 10.81
CA ASP E 47 9.58 -19.19 10.06
C ASP E 47 10.11 -17.75 9.83
N PRO E 48 11.44 -17.55 9.74
CA PRO E 48 12.04 -16.23 9.65
C PRO E 48 11.65 -15.51 8.36
N TYR E 49 10.93 -14.40 8.54
CA TYR E 49 10.64 -13.39 7.53
C TYR E 49 11.01 -12.02 8.10
N VAL E 50 11.52 -11.17 7.20
CA VAL E 50 12.21 -9.93 7.51
C VAL E 50 11.89 -8.88 6.43
N LYS E 51 12.20 -7.63 6.76
CA LYS E 51 12.23 -6.52 5.83
C LYS E 51 13.26 -5.50 6.31
N ILE E 52 14.16 -5.13 5.40
CA ILE E 52 15.20 -4.13 5.59
C ILE E 52 14.65 -2.79 5.07
N HIS E 53 15.08 -1.69 5.69
CA HIS E 53 14.73 -0.34 5.30
C HIS E 53 16.01 0.49 5.26
N LEU E 54 16.40 0.92 4.06
CA LEU E 54 17.41 1.94 3.89
C LEU E 54 16.79 3.29 4.24
N MET E 55 17.53 4.11 4.99
CA MET E 55 17.04 5.36 5.57
C MET E 55 18.14 6.43 5.55
N GLN E 56 17.80 7.62 6.05
CA GLN E 56 18.66 8.78 6.25
C GLN E 56 17.92 9.79 7.11
N ASN E 57 18.55 10.18 8.24
CA ASN E 57 17.98 11.08 9.24
C ASN E 57 16.71 10.50 9.90
N GLY E 58 16.53 9.18 9.81
CA GLY E 58 15.38 8.45 10.33
C GLY E 58 14.21 8.34 9.34
N LYS E 59 14.23 9.10 8.24
CA LYS E 59 13.24 9.06 7.16
C LYS E 59 13.68 8.08 6.07
N ARG E 60 12.72 7.61 5.26
CA ARG E 60 12.90 6.54 4.27
C ARG E 60 13.80 6.96 3.09
N LEU E 61 14.30 5.95 2.35
CA LEU E 61 15.07 6.10 1.13
C LEU E 61 14.73 4.94 0.19
N LYS E 62 15.03 3.69 0.60
CA LYS E 62 14.68 2.46 -0.10
C LYS E 62 14.32 1.36 0.92
N LYS E 63 14.15 0.11 0.44
CA LYS E 63 13.76 -1.05 1.22
C LYS E 63 14.00 -2.35 0.44
N LYS E 64 13.83 -3.49 1.14
CA LYS E 64 13.97 -4.84 0.64
C LYS E 64 13.11 -5.77 1.51
N LYS E 65 12.61 -6.86 0.91
CA LYS E 65 11.89 -7.93 1.60
C LYS E 65 12.17 -9.27 0.94
N THR E 66 11.85 -10.35 1.67
CA THR E 66 12.26 -11.72 1.36
C THR E 66 11.03 -12.65 1.30
N THR E 67 11.28 -13.96 1.43
CA THR E 67 10.27 -14.98 1.74
C THR E 67 10.79 -15.84 2.91
N ILE E 68 9.92 -16.68 3.47
CA ILE E 68 10.27 -17.58 4.57
C ILE E 68 11.25 -18.66 4.11
N LYS E 69 12.24 -18.92 4.97
CA LYS E 69 13.06 -20.13 4.94
C LYS E 69 12.47 -21.05 6.00
N LYS E 70 11.94 -22.20 5.58
CA LYS E 70 11.05 -23.02 6.42
C LYS E 70 11.84 -23.95 7.34
N ASN E 71 11.28 -24.13 8.55
CA ASN E 71 11.73 -25.04 9.60
C ASN E 71 13.15 -24.71 10.07
N THR E 72 13.34 -23.48 10.56
CA THR E 72 14.60 -22.94 11.09
C THR E 72 14.34 -21.63 11.85
N LEU E 73 15.32 -21.20 12.65
CA LEU E 73 15.38 -19.91 13.31
C LEU E 73 16.33 -18.99 12.54
N ASN E 74 17.54 -19.48 12.22
CA ASN E 74 18.57 -18.73 11.53
C ASN E 74 18.24 -18.68 10.02
N PRO E 75 18.15 -17.48 9.41
CA PRO E 75 17.86 -17.35 7.99
C PRO E 75 19.11 -17.60 7.13
N TYR E 76 18.88 -17.81 5.83
CA TYR E 76 19.92 -17.91 4.81
C TYR E 76 19.35 -17.44 3.46
N TYR E 77 20.24 -16.84 2.65
CA TYR E 77 19.94 -16.31 1.33
C TYR E 77 21.11 -16.66 0.40
N ASN E 78 20.77 -17.11 -0.82
CA ASN E 78 21.73 -17.65 -1.79
C ASN E 78 22.72 -16.59 -2.27
N GLU E 79 22.31 -15.31 -2.30
CA GLU E 79 23.18 -14.15 -2.49
C GLU E 79 22.69 -13.02 -1.58
N SER E 80 23.63 -12.10 -1.25
CA SER E 80 23.37 -10.93 -0.42
C SER E 80 22.55 -9.88 -1.18
N PHE E 81 21.72 -9.15 -0.44
CA PHE E 81 20.99 -7.96 -0.91
C PHE E 81 21.96 -6.79 -1.08
N SER E 82 21.50 -5.69 -1.70
CA SER E 82 22.32 -4.48 -1.87
C SER E 82 21.50 -3.22 -2.23
N PHE E 83 22.19 -2.08 -2.17
CA PHE E 83 21.69 -0.75 -2.52
C PHE E 83 22.85 0.09 -3.05
N GLU E 84 22.62 0.85 -4.13
CA GLU E 84 23.62 1.78 -4.67
C GLU E 84 23.43 3.16 -4.04
N VAL E 85 24.48 3.65 -3.35
CA VAL E 85 24.56 4.95 -2.70
C VAL E 85 26.04 5.38 -2.76
N PRO E 86 26.38 6.56 -3.30
CA PRO E 86 27.75 7.06 -3.32
C PRO E 86 28.19 7.53 -1.93
N PHE E 87 29.51 7.55 -1.70
CA PHE E 87 30.08 7.90 -0.39
C PHE E 87 29.85 9.39 -0.03
N GLU E 88 29.59 10.24 -1.04
CA GLU E 88 29.30 11.65 -0.90
C GLU E 88 27.88 11.92 -0.37
N GLN E 89 27.11 10.86 -0.07
CA GLN E 89 25.72 10.91 0.36
C GLN E 89 25.42 9.89 1.48
N ILE E 90 26.33 8.93 1.74
CA ILE E 90 26.11 7.83 2.68
C ILE E 90 26.37 8.23 4.15
N GLN E 91 26.84 9.46 4.42
CA GLN E 91 27.16 9.93 5.76
C GLN E 91 25.92 10.22 6.62
N LYS E 92 24.78 10.57 5.98
CA LYS E 92 23.49 10.73 6.63
C LYS E 92 22.71 9.41 6.66
N VAL E 93 23.10 8.43 5.82
CA VAL E 93 22.39 7.17 5.61
C VAL E 93 22.65 6.21 6.78
N GLN E 94 21.64 5.37 7.01
CA GLN E 94 21.59 4.30 8.00
C GLN E 94 20.79 3.13 7.41
N VAL E 95 20.70 2.01 8.15
CA VAL E 95 19.90 0.85 7.76
C VAL E 95 19.23 0.25 9.00
N VAL E 96 18.01 -0.25 8.82
CA VAL E 96 17.11 -0.71 9.87
C VAL E 96 16.57 -2.07 9.46
N VAL E 97 16.82 -3.12 10.26
CA VAL E 97 16.20 -4.43 10.11
C VAL E 97 14.92 -4.45 10.95
N THR E 98 13.89 -5.14 10.45
CA THR E 98 12.61 -5.34 11.11
C THR E 98 12.18 -6.79 10.88
N VAL E 99 12.03 -7.54 11.97
CA VAL E 99 11.47 -8.89 11.99
C VAL E 99 9.95 -8.76 12.09
N LEU E 100 9.20 -9.66 11.42
CA LEU E 100 7.74 -9.66 11.36
C LEU E 100 7.18 -10.99 10.84
N ASP E 101 5.86 -11.17 10.99
CA ASP E 101 5.11 -12.31 10.50
C ASP E 101 4.84 -12.19 8.99
N TYR E 102 4.86 -13.34 8.30
CA TYR E 102 4.82 -13.43 6.84
C TYR E 102 3.42 -13.30 6.24
N ASP E 103 2.35 -13.27 7.06
CA ASP E 103 0.99 -13.12 6.57
C ASP E 103 0.80 -11.71 5.98
N LYS E 104 0.55 -11.67 4.66
CA LYS E 104 0.40 -10.45 3.89
C LYS E 104 -0.98 -9.83 4.10
N ILE E 105 -1.97 -10.63 4.54
CA ILE E 105 -3.31 -10.20 4.92
C ILE E 105 -3.26 -9.55 6.32
N GLY E 106 -2.37 -10.02 7.20
CA GLY E 106 -2.28 -9.62 8.59
C GLY E 106 -1.79 -8.19 8.77
N LYS E 107 -2.15 -7.60 9.92
CA LYS E 107 -1.85 -6.21 10.26
C LYS E 107 -0.35 -6.01 10.49
N ASN E 108 0.13 -4.81 10.15
CA ASN E 108 1.54 -4.44 10.26
C ASN E 108 1.95 -4.35 11.73
N ASP E 109 3.03 -5.07 12.08
CA ASP E 109 3.54 -5.20 13.45
C ASP E 109 4.94 -5.81 13.40
N ALA E 110 5.85 -5.25 14.22
CA ALA E 110 7.21 -5.75 14.38
C ALA E 110 7.30 -6.71 15.57
N ILE E 111 8.00 -7.83 15.36
CA ILE E 111 8.46 -8.75 16.39
C ILE E 111 9.68 -8.13 17.10
N GLY E 112 10.51 -7.38 16.38
CA GLY E 112 11.65 -6.64 16.91
C GLY E 112 12.34 -5.80 15.83
N LYS E 113 13.31 -4.97 16.27
CA LYS E 113 14.06 -4.05 15.40
C LYS E 113 15.48 -3.83 15.92
N VAL E 114 16.39 -3.57 14.97
CA VAL E 114 17.74 -3.04 15.18
C VAL E 114 17.99 -1.93 14.15
N PHE E 115 18.97 -1.06 14.45
CA PHE E 115 19.32 0.08 13.61
C PHE E 115 20.78 0.49 13.88
N VAL E 116 21.51 0.79 12.80
CA VAL E 116 22.95 1.06 12.81
C VAL E 116 23.29 2.15 11.80
N GLY E 117 24.29 2.97 12.14
CA GLY E 117 24.76 4.09 11.32
C GLY E 117 24.34 5.42 11.94
N TYR E 118 23.70 6.29 11.15
CA TYR E 118 23.28 7.63 11.56
C TYR E 118 22.26 7.55 12.71
N ASN E 119 22.42 8.48 13.66
CA ASN E 119 21.69 8.62 14.94
C ASN E 119 21.83 7.41 15.90
N SER E 120 22.62 6.39 15.53
CA SER E 120 23.05 5.32 16.42
C SER E 120 24.37 5.71 17.10
N THR E 121 24.66 5.06 18.25
CA THR E 121 25.85 5.32 19.05
C THR E 121 26.43 4.00 19.59
N GLY E 122 27.71 4.03 19.97
CA GLY E 122 28.41 2.90 20.58
C GLY E 122 28.77 1.87 19.53
N ALA E 123 28.46 0.60 19.82
CA ALA E 123 28.71 -0.54 18.93
C ALA E 123 27.80 -0.53 17.70
N GLU E 124 26.64 0.14 17.77
CA GLU E 124 25.69 0.29 16.67
C GLU E 124 26.17 1.32 15.65
N LEU E 125 27.00 2.29 16.08
CA LEU E 125 27.69 3.19 15.17
C LEU E 125 28.95 2.51 14.60
N ARG E 126 29.61 1.63 15.38
CA ARG E 126 30.90 1.03 15.04
C ARG E 126 30.79 -0.04 13.95
N HIS E 127 29.67 -0.79 13.92
CA HIS E 127 29.39 -1.82 12.93
C HIS E 127 29.27 -1.22 11.52
N TRP E 128 28.74 0.00 11.43
CA TRP E 128 28.50 0.73 10.19
C TRP E 128 29.74 1.53 9.76
N SER E 129 30.47 2.14 10.71
CA SER E 129 31.56 3.06 10.43
C SER E 129 32.88 2.35 10.10
N ASP E 130 33.02 1.05 10.43
CA ASP E 130 34.24 0.28 10.19
C ASP E 130 34.32 -0.20 8.74
N MET E 131 33.20 -0.64 8.15
CA MET E 131 33.14 -1.05 6.75
C MET E 131 33.14 0.14 5.79
N LEU E 132 32.99 1.38 6.30
CA LEU E 132 33.16 2.63 5.57
C LEU E 132 34.58 3.20 5.77
N ALA E 133 35.25 2.90 6.90
CA ALA E 133 36.63 3.31 7.17
C ALA E 133 37.64 2.53 6.34
N ASN E 134 37.26 1.35 5.85
CA ASN E 134 37.94 0.64 4.78
C ASN E 134 36.86 0.04 3.89
N PRO E 135 36.56 0.66 2.72
CA PRO E 135 35.66 0.09 1.72
C PRO E 135 36.16 -1.27 1.23
N ARG E 136 35.21 -2.21 1.06
CA ARG E 136 35.34 -3.60 0.62
C ARG E 136 35.66 -4.55 1.81
N ARG E 137 35.82 -4.02 3.03
CA ARG E 137 36.02 -4.84 4.22
C ARG E 137 34.67 -5.41 4.70
N PRO E 138 34.52 -6.75 4.79
CA PRO E 138 33.34 -7.37 5.36
C PRO E 138 33.37 -7.29 6.89
N ILE E 139 32.17 -7.38 7.49
CA ILE E 139 31.95 -7.34 8.93
C ILE E 139 30.60 -8.01 9.25
N ALA E 140 30.47 -8.55 10.46
CA ALA E 140 29.24 -9.16 10.97
C ALA E 140 29.22 -9.04 12.49
N GLN E 141 28.02 -8.80 13.05
CA GLN E 141 27.87 -8.41 14.45
C GLN E 141 26.43 -8.61 14.93
N TRP E 142 26.29 -9.11 16.18
CA TRP E 142 25.03 -9.27 16.88
C TRP E 142 24.56 -7.94 17.47
N HIS E 143 23.23 -7.78 17.58
CA HIS E 143 22.54 -6.58 18.07
C HIS E 143 21.19 -6.98 18.68
N THR E 144 20.82 -6.31 19.78
CA THR E 144 19.62 -6.62 20.57
C THR E 144 18.35 -6.18 19.83
N LEU E 145 17.38 -7.10 19.70
CA LEU E 145 16.04 -6.80 19.22
C LEU E 145 15.31 -5.92 20.23
N GLN E 146 14.64 -4.88 19.73
CA GLN E 146 14.03 -3.80 20.50
C GLN E 146 12.59 -3.57 20.05
N VAL E 147 11.79 -2.97 20.94
CA VAL E 147 10.41 -2.57 20.69
C VAL E 147 10.40 -1.44 19.65
N GLU E 148 9.43 -1.48 18.73
CA GLU E 148 9.27 -0.54 17.63
C GLU E 148 9.04 0.90 18.10
N GLU E 149 8.37 1.09 19.25
CA GLU E 149 8.07 2.39 19.82
C GLU E 149 9.32 3.04 20.44
N GLU E 150 10.26 2.24 20.97
CA GLU E 150 11.53 2.72 21.51
C GLU E 150 12.49 3.14 20.39
N VAL E 151 12.48 2.41 19.26
CA VAL E 151 13.39 2.61 18.14
C VAL E 151 12.97 3.84 17.32
N ASP E 152 11.67 4.05 17.11
CA ASP E 152 11.13 5.16 16.32
C ASP E 152 11.33 6.53 17.00
N ALA E 153 11.53 6.54 18.34
CA ALA E 153 11.85 7.74 19.10
C ALA E 153 13.30 8.21 18.89
N MET E 154 14.20 7.31 18.43
CA MET E 154 15.56 7.64 18.03
C MET E 154 15.63 8.02 16.54
N LEU E 155 14.68 7.55 15.72
CA LEU E 155 14.51 7.94 14.32
C LEU E 155 13.80 9.31 14.21
N ALA E 156 13.34 9.89 15.33
CA ALA E 156 12.83 11.27 15.39
C ALA E 156 13.97 12.30 15.36
N ASN A 1 -13.96 26.73 42.95
CA ASN A 1 -13.79 25.92 41.72
C ASN A 1 -13.28 26.80 40.58
N LEU A 2 -12.11 26.41 40.02
CA LEU A 2 -11.37 27.17 39.01
C LEU A 2 -11.28 26.46 37.65
N THR A 3 -11.96 25.32 37.48
CA THR A 3 -11.93 24.50 36.26
C THR A 3 -12.55 25.25 35.07
N SER A 4 -12.12 24.86 33.86
CA SER A 4 -12.47 25.53 32.62
C SER A 4 -12.42 24.56 31.42
N ASN A 5 -13.11 24.97 30.35
CA ASN A 5 -13.15 24.28 29.06
C ASN A 5 -11.97 24.68 28.15
N ARG A 6 -10.87 25.17 28.73
CA ARG A 6 -9.67 25.59 27.99
C ARG A 6 -9.09 24.43 27.16
N ARG A 7 -9.09 23.20 27.67
CA ARG A 7 -8.48 22.07 26.98
C ARG A 7 -9.39 21.50 25.87
N LEU A 8 -10.69 21.83 25.85
CA LEU A 8 -11.55 21.59 24.69
C LEU A 8 -11.18 22.55 23.54
N GLN A 9 -10.65 23.75 23.84
CA GLN A 9 -10.23 24.73 22.84
C GLN A 9 -8.83 24.43 22.32
N GLN A 10 -7.96 23.82 23.14
CA GLN A 10 -6.62 23.39 22.74
C GLN A 10 -6.70 22.13 21.89
N THR A 11 -7.63 21.21 22.19
CA THR A 11 -7.83 19.98 21.44
C THR A 11 -8.66 20.26 20.18
N GLN A 12 -9.51 21.32 20.16
CA GLN A 12 -10.16 21.79 18.94
C GLN A 12 -9.13 22.39 17.97
N ALA A 13 -8.07 23.03 18.50
CA ALA A 13 -6.97 23.57 17.70
C ALA A 13 -6.02 22.47 17.22
N GLN A 14 -5.97 21.31 17.89
CA GLN A 14 -5.17 20.15 17.48
C GLN A 14 -5.93 19.28 16.47
N VAL A 15 -7.27 19.25 16.50
CA VAL A 15 -8.06 18.59 15.46
C VAL A 15 -8.03 19.46 14.20
N ASP A 16 -8.08 20.79 14.32
CA ASP A 16 -8.02 21.71 13.20
C ASP A 16 -6.65 21.71 12.52
N GLU A 17 -5.58 21.42 13.29
CA GLU A 17 -4.21 21.31 12.79
C GLU A 17 -3.98 19.99 12.07
N VAL A 18 -4.67 18.90 12.48
CA VAL A 18 -4.51 17.57 11.89
C VAL A 18 -5.52 17.36 10.74
N VAL A 19 -6.61 18.13 10.68
CA VAL A 19 -7.48 18.25 9.52
C VAL A 19 -6.79 19.09 8.44
N ASP A 20 -5.91 20.05 8.82
CA ASP A 20 -5.13 20.83 7.87
C ASP A 20 -4.04 19.98 7.20
N ILE A 21 -3.48 19.00 7.90
CA ILE A 21 -2.52 18.05 7.34
C ILE A 21 -3.26 17.08 6.41
N MET A 22 -4.40 16.52 6.85
CA MET A 22 -5.15 15.50 6.13
C MET A 22 -5.91 16.05 4.92
N ARG A 23 -6.15 17.38 4.84
CA ARG A 23 -6.76 18.00 3.66
C ARG A 23 -5.73 18.06 2.53
N VAL A 24 -4.46 18.33 2.87
CA VAL A 24 -3.33 18.35 1.95
C VAL A 24 -2.92 16.93 1.54
N ASN A 25 -3.19 15.91 2.38
CA ASN A 25 -2.91 14.51 2.07
C ASN A 25 -3.93 13.94 1.10
N VAL A 26 -5.22 14.32 1.26
CA VAL A 26 -6.30 13.92 0.36
C VAL A 26 -6.24 14.74 -0.94
N ASP A 27 -5.63 15.94 -0.94
CA ASP A 27 -5.38 16.72 -2.13
C ASP A 27 -4.27 16.07 -2.98
N LYS A 28 -3.24 15.52 -2.33
CA LYS A 28 -2.08 14.92 -3.00
C LYS A 28 -2.32 13.46 -3.41
N VAL A 29 -3.27 12.75 -2.78
CA VAL A 29 -3.67 11.41 -3.20
C VAL A 29 -4.61 11.47 -4.40
N LEU A 30 -5.41 12.54 -4.51
CA LEU A 30 -6.25 12.81 -5.68
C LEU A 30 -5.42 13.44 -6.82
N GLU A 31 -4.26 14.03 -6.52
CA GLU A 31 -3.30 14.48 -7.54
C GLU A 31 -2.46 13.29 -8.03
N ARG A 32 -2.24 12.27 -7.18
CA ARG A 32 -1.65 11.00 -7.59
C ARG A 32 -2.66 10.23 -8.46
N ASP A 33 -3.97 10.35 -8.19
CA ASP A 33 -5.04 9.70 -8.95
C ASP A 33 -5.20 10.29 -10.35
N GLN A 34 -5.02 11.62 -10.49
CA GLN A 34 -5.06 12.33 -11.76
C GLN A 34 -3.91 11.88 -12.66
N LYS A 35 -2.73 11.62 -12.07
CA LYS A 35 -1.53 11.19 -12.77
C LYS A 35 -1.53 9.68 -13.04
N LEU A 36 -2.29 8.87 -12.28
CA LEU A 36 -2.42 7.43 -12.47
C LEU A 36 -3.39 7.08 -13.59
N SER A 37 -4.43 7.91 -13.80
CA SER A 37 -5.41 7.72 -14.88
C SER A 37 -4.79 8.04 -16.25
N GLU A 38 -3.75 8.89 -16.29
CA GLU A 38 -3.06 9.30 -17.49
C GLU A 38 -1.76 8.51 -17.71
N LEU A 39 -1.16 7.95 -16.65
CA LEU A 39 -0.02 7.03 -16.76
C LEU A 39 -0.49 5.65 -17.22
N ASP A 40 -1.72 5.24 -16.88
CA ASP A 40 -2.31 4.00 -17.36
C ASP A 40 -2.64 4.09 -18.86
N ASP A 41 -2.99 5.29 -19.35
CA ASP A 41 -3.26 5.55 -20.75
C ASP A 41 -1.97 5.65 -21.58
N ARG A 42 -0.90 6.22 -21.01
CA ARG A 42 0.38 6.41 -21.69
C ARG A 42 1.24 5.14 -21.64
N ALA A 43 1.07 4.26 -20.64
CA ALA A 43 1.75 2.97 -20.55
C ALA A 43 1.16 1.98 -21.55
N ASP A 44 -0.16 2.07 -21.82
CA ASP A 44 -0.85 1.27 -22.83
C ASP A 44 -0.56 1.78 -24.24
N ALA A 45 -0.19 3.05 -24.40
CA ALA A 45 0.26 3.64 -25.68
C ALA A 45 1.75 3.39 -25.92
N LEU A 46 2.53 3.12 -24.86
CA LEU A 46 3.92 2.68 -24.92
C LEU A 46 3.95 1.20 -25.33
N GLN A 47 3.02 0.40 -24.79
CA GLN A 47 2.82 -1.01 -25.13
C GLN A 47 2.36 -1.17 -26.59
N ALA A 48 1.57 -0.21 -27.10
CA ALA A 48 1.08 -0.22 -28.48
C ALA A 48 2.21 0.09 -29.48
N GLY A 49 3.16 0.95 -29.10
CA GLY A 49 4.35 1.25 -29.89
C GLY A 49 5.39 0.12 -29.80
N ALA A 50 5.39 -0.65 -28.69
CA ALA A 50 6.27 -1.79 -28.48
C ALA A 50 5.79 -3.02 -29.26
N SER A 51 4.47 -3.14 -29.49
CA SER A 51 3.88 -4.18 -30.32
C SER A 51 4.19 -3.92 -31.80
N GLN A 52 4.24 -2.64 -32.22
CA GLN A 52 4.61 -2.24 -33.58
C GLN A 52 6.10 -2.44 -33.83
N PHE A 53 6.96 -2.19 -32.83
CA PHE A 53 8.41 -2.34 -32.96
C PHE A 53 8.86 -3.80 -32.90
N GLU A 54 8.10 -4.67 -32.19
CA GLU A 54 8.37 -6.11 -32.11
C GLU A 54 7.97 -6.80 -33.42
N THR A 55 6.90 -6.32 -34.08
CA THR A 55 6.45 -6.79 -35.38
C THR A 55 7.42 -6.34 -36.49
N SER A 56 7.90 -5.08 -36.43
CA SER A 56 8.78 -4.51 -37.45
C SER A 56 10.23 -5.00 -37.34
N ALA A 57 10.67 -5.43 -36.15
CA ALA A 57 12.01 -5.96 -35.93
C ALA A 57 12.11 -7.44 -36.32
N ALA A 58 10.99 -8.20 -36.23
CA ALA A 58 10.90 -9.58 -36.67
C ALA A 58 10.89 -9.68 -38.20
N LYS A 59 10.36 -8.65 -38.89
CA LYS A 59 10.34 -8.52 -40.34
C LYS A 59 11.72 -8.07 -40.86
N LEU A 60 12.45 -7.25 -40.09
CA LEU A 60 13.73 -6.67 -40.46
C LEU A 60 14.87 -7.68 -40.23
N LYS A 61 14.69 -8.63 -39.31
CA LYS A 61 15.61 -9.74 -39.08
C LYS A 61 15.60 -10.70 -40.27
N ARG A 62 14.43 -10.93 -40.88
CA ARG A 62 14.28 -11.77 -42.06
C ARG A 62 14.93 -11.13 -43.29
N LYS A 63 14.89 -9.78 -43.40
CA LYS A 63 15.49 -9.06 -44.51
C LYS A 63 17.02 -9.11 -44.45
N TYR A 64 17.61 -8.89 -43.25
CA TYR A 64 19.05 -8.89 -43.05
C TYR A 64 19.66 -10.30 -42.97
N TRP A 65 18.85 -11.35 -42.77
CA TRP A 65 19.30 -12.73 -42.92
C TRP A 65 19.41 -13.10 -44.40
N TRP A 66 18.39 -12.74 -45.18
CA TRP A 66 18.19 -13.21 -46.55
C TRP A 66 19.10 -12.50 -47.56
N LYS A 67 19.42 -11.21 -47.32
CA LYS A 67 20.24 -10.41 -48.23
C LYS A 67 21.74 -10.74 -48.11
N ASN A 68 22.15 -11.38 -47.00
CA ASN A 68 23.52 -11.84 -46.74
C ASN A 68 23.65 -13.37 -46.92
N LEU A 69 22.56 -14.07 -47.30
CA LEU A 69 22.58 -15.50 -47.60
C LEU A 69 23.38 -15.75 -48.88
N SER B 1 -32.55 29.96 28.42
CA SER B 1 -32.11 29.29 29.66
C SER B 1 -31.34 30.25 30.56
N LYS B 2 -31.47 30.06 31.88
CA LYS B 2 -30.74 30.81 32.89
C LYS B 2 -29.26 30.38 32.94
N GLN B 3 -28.42 31.21 33.60
CA GLN B 3 -26.97 31.14 33.54
C GLN B 3 -26.38 29.81 34.04
N ALA B 4 -27.05 29.13 34.98
CA ALA B 4 -26.58 27.87 35.58
C ALA B 4 -26.72 26.68 34.62
N LEU B 5 -27.82 26.63 33.85
CA LEU B 5 -28.02 25.62 32.81
C LEU B 5 -27.26 25.99 31.52
N SER B 6 -27.06 27.29 31.26
CA SER B 6 -26.32 27.78 30.10
C SER B 6 -24.83 27.47 30.20
N GLU B 7 -24.29 27.18 31.40
CA GLU B 7 -22.90 26.76 31.59
C GLU B 7 -22.67 25.34 31.05
N ILE B 8 -23.72 24.51 31.06
CA ILE B 8 -23.69 23.11 30.64
C ILE B 8 -24.10 23.00 29.15
N GLU B 9 -24.90 23.93 28.64
CA GLU B 9 -25.32 24.00 27.24
C GLU B 9 -24.21 24.60 26.35
N THR B 10 -23.35 25.47 26.89
CA THR B 10 -22.19 26.01 26.19
C THR B 10 -21.03 25.01 26.18
N ARG B 11 -20.91 24.17 27.23
CA ARG B 11 -19.97 23.06 27.24
C ARG B 11 -20.42 21.99 26.25
N HIS B 12 -21.73 21.74 26.13
CA HIS B 12 -22.28 20.82 25.15
C HIS B 12 -22.10 21.35 23.73
N SER B 13 -22.08 22.69 23.53
CA SER B 13 -21.83 23.31 22.23
C SER B 13 -20.35 23.22 21.82
N GLU B 14 -19.42 23.08 22.76
CA GLU B 14 -18.01 22.85 22.50
C GLU B 14 -17.70 21.35 22.32
N ILE B 15 -18.54 20.46 22.85
CA ILE B 15 -18.35 19.01 22.79
C ILE B 15 -18.99 18.43 21.54
N ILE B 16 -20.07 19.01 20.99
CA ILE B 16 -20.62 18.64 19.68
C ILE B 16 -19.83 19.28 18.53
N LYS B 17 -19.09 20.37 18.80
CA LYS B 17 -18.17 20.98 17.84
C LYS B 17 -16.88 20.15 17.75
N LEU B 18 -16.42 19.58 18.88
CA LEU B 18 -15.26 18.70 18.93
C LEU B 18 -15.59 17.29 18.46
N GLU B 19 -16.87 16.86 18.56
CA GLU B 19 -17.37 15.61 18.00
C GLU B 19 -17.47 15.73 16.48
N ASN B 20 -17.94 16.89 15.98
CA ASN B 20 -18.06 17.19 14.56
C ASN B 20 -16.69 17.27 13.89
N SER B 21 -15.68 17.78 14.60
CA SER B 21 -14.33 17.94 14.05
C SER B 21 -13.57 16.60 14.05
N ILE B 22 -13.82 15.72 15.04
CA ILE B 22 -13.23 14.37 15.10
C ILE B 22 -13.97 13.41 14.14
N ARG B 23 -15.24 13.69 13.83
CA ARG B 23 -16.02 12.94 12.83
C ARG B 23 -15.59 13.33 11.42
N GLU B 24 -15.26 14.60 11.19
CA GLU B 24 -14.77 15.11 9.90
C GLU B 24 -13.30 14.78 9.69
N LEU B 25 -12.54 14.52 10.76
CA LEU B 25 -11.18 13.99 10.67
C LEU B 25 -11.23 12.48 10.40
N HIS B 26 -12.24 11.78 10.94
CA HIS B 26 -12.46 10.35 10.69
C HIS B 26 -12.99 10.11 9.27
N ASP B 27 -13.76 11.06 8.71
CA ASP B 27 -14.16 11.02 7.31
C ASP B 27 -12.94 11.16 6.41
N MET B 28 -11.95 11.97 6.83
CA MET B 28 -10.77 12.29 6.04
C MET B 28 -9.68 11.20 6.13
N PHE B 29 -9.67 10.41 7.21
CA PHE B 29 -8.78 9.25 7.39
C PHE B 29 -9.36 7.99 6.74
N MET B 30 -10.69 7.86 6.65
CA MET B 30 -11.35 6.76 5.96
C MET B 30 -11.40 7.00 4.44
N ASP B 31 -11.41 8.27 4.00
CA ASP B 31 -11.22 8.63 2.60
C ASP B 31 -9.78 8.34 2.18
N MET B 32 -8.79 8.70 3.02
CA MET B 32 -7.38 8.54 2.71
C MET B 32 -6.96 7.06 2.69
N ALA B 33 -7.63 6.19 3.45
CA ALA B 33 -7.35 4.76 3.51
C ALA B 33 -8.02 3.96 2.38
N MET B 34 -9.09 4.50 1.77
CA MET B 34 -9.84 3.86 0.69
C MET B 34 -9.45 4.41 -0.68
N LEU B 35 -8.90 5.64 -0.76
CA LEU B 35 -8.40 6.23 -1.99
C LEU B 35 -7.08 5.58 -2.39
N VAL B 36 -6.19 5.24 -1.43
CA VAL B 36 -4.97 4.50 -1.72
C VAL B 36 -5.29 3.03 -2.10
N GLU B 37 -6.44 2.48 -1.65
CA GLU B 37 -6.84 1.11 -1.94
C GLU B 37 -7.35 0.98 -3.39
N SER B 38 -8.12 1.97 -3.87
CA SER B 38 -8.65 2.02 -5.22
C SER B 38 -7.59 2.46 -6.24
N GLN B 39 -6.55 3.19 -5.79
CA GLN B 39 -5.36 3.53 -6.57
C GLN B 39 -4.30 2.41 -6.51
N GLY B 40 -4.44 1.46 -5.58
CA GLY B 40 -3.63 0.25 -5.52
C GLY B 40 -4.08 -0.78 -6.57
N GLU B 41 -5.33 -0.67 -7.05
CA GLU B 41 -5.85 -1.44 -8.16
C GLU B 41 -5.40 -0.82 -9.50
N MET B 42 -5.21 0.50 -9.56
CA MET B 42 -4.67 1.20 -10.72
C MET B 42 -3.15 1.00 -10.85
N ILE B 43 -2.43 0.84 -9.72
CA ILE B 43 -0.99 0.63 -9.71
C ILE B 43 -0.67 -0.84 -10.06
N ASP B 44 -1.52 -1.78 -9.68
CA ASP B 44 -1.41 -3.20 -10.03
C ASP B 44 -1.74 -3.43 -11.52
N ARG B 45 -2.62 -2.58 -12.08
CA ARG B 45 -3.04 -2.61 -13.48
C ARG B 45 -1.98 -1.98 -14.40
N ILE B 46 -1.26 -0.95 -13.93
CA ILE B 46 -0.12 -0.36 -14.62
C ILE B 46 1.07 -1.33 -14.58
N GLU B 47 1.24 -2.07 -13.47
CA GLU B 47 2.31 -3.05 -13.29
C GLU B 47 2.16 -4.24 -14.24
N TYR B 48 0.92 -4.63 -14.57
CA TYR B 48 0.63 -5.69 -15.52
C TYR B 48 0.92 -5.24 -16.96
N ASN B 49 0.57 -4.00 -17.29
CA ASN B 49 0.73 -3.44 -18.63
C ASN B 49 2.21 -3.15 -18.94
N VAL B 50 3.01 -2.76 -17.93
CA VAL B 50 4.42 -2.47 -18.05
C VAL B 50 5.25 -3.76 -18.07
N GLU B 51 4.77 -4.85 -17.44
CA GLU B 51 5.43 -6.15 -17.43
C GLU B 51 5.37 -6.81 -18.81
N HIS B 52 4.29 -6.59 -19.57
CA HIS B 52 4.12 -7.09 -20.93
C HIS B 52 4.71 -6.15 -21.98
N ALA B 53 4.87 -4.85 -21.67
CA ALA B 53 5.57 -3.90 -22.51
C ALA B 53 7.09 -4.07 -22.43
N VAL B 54 7.60 -4.59 -21.29
CA VAL B 54 8.98 -5.01 -21.11
C VAL B 54 9.29 -6.23 -21.99
N ASP B 55 8.31 -7.14 -22.15
CA ASP B 55 8.48 -8.38 -22.92
C ASP B 55 8.41 -8.13 -24.42
N TYR B 56 7.58 -7.17 -24.89
CA TYR B 56 7.56 -6.75 -26.29
C TYR B 56 8.88 -6.11 -26.70
N VAL B 57 9.45 -5.26 -25.83
CA VAL B 57 10.69 -4.53 -26.11
C VAL B 57 11.89 -5.49 -26.09
N GLU B 58 11.92 -6.49 -25.21
CA GLU B 58 13.03 -7.43 -25.11
C GLU B 58 13.08 -8.35 -26.35
N ARG B 59 11.91 -8.78 -26.85
CA ARG B 59 11.80 -9.60 -28.06
C ARG B 59 12.09 -8.80 -29.33
N ALA B 60 11.83 -7.48 -29.32
CA ALA B 60 12.08 -6.61 -30.46
C ALA B 60 13.58 -6.33 -30.63
N VAL B 61 14.28 -6.09 -29.51
CA VAL B 61 15.69 -5.74 -29.49
C VAL B 61 16.58 -6.98 -29.68
N SER B 62 16.09 -8.18 -29.33
CA SER B 62 16.77 -9.43 -29.65
C SER B 62 16.83 -9.68 -31.15
N ASP B 63 15.84 -9.19 -31.93
CA ASP B 63 15.78 -9.32 -33.38
C ASP B 63 16.55 -8.19 -34.08
N THR B 64 16.71 -7.02 -33.42
CA THR B 64 17.49 -5.89 -33.91
C THR B 64 18.99 -6.17 -33.78
N LYS B 65 19.40 -6.88 -32.72
CA LYS B 65 20.76 -7.34 -32.50
C LYS B 65 21.11 -8.47 -33.48
N LYS B 66 20.18 -9.39 -33.76
CA LYS B 66 20.41 -10.56 -34.59
C LYS B 66 20.55 -10.17 -36.08
N ALA B 67 19.91 -9.07 -36.51
CA ALA B 67 20.04 -8.51 -37.84
C ALA B 67 21.46 -7.95 -38.09
N VAL B 68 22.14 -7.46 -37.04
CA VAL B 68 23.51 -6.97 -37.11
C VAL B 68 24.51 -8.14 -37.15
N LYS B 69 24.20 -9.27 -36.50
CA LYS B 69 25.05 -10.48 -36.55
C LYS B 69 24.97 -11.18 -37.92
N TYR B 70 23.92 -10.91 -38.72
CA TYR B 70 23.77 -11.47 -40.06
C TYR B 70 24.46 -10.63 -41.14
N GLN B 71 24.92 -9.40 -40.83
CA GLN B 71 25.65 -8.56 -41.79
C GLN B 71 27.03 -9.16 -42.13
N SER B 72 27.47 -8.91 -43.37
CA SER B 72 28.79 -9.23 -43.86
C SER B 72 29.71 -8.03 -43.65
N MET C 1 -42.44 25.96 41.75
CA MET C 1 -41.01 26.17 42.04
C MET C 1 -40.22 24.89 41.79
N ARG C 2 -40.58 23.80 42.48
CA ARG C 2 -39.80 22.57 42.53
C ARG C 2 -39.69 21.89 41.16
N ASN C 3 -40.78 21.88 40.37
CA ASN C 3 -40.83 21.19 39.08
C ASN C 3 -40.04 21.91 37.99
N GLU C 4 -39.90 23.24 38.09
CA GLU C 4 -39.12 24.04 37.13
C GLU C 4 -37.61 23.85 37.36
N LEU C 5 -37.19 23.67 38.62
CA LEU C 5 -35.81 23.43 39.00
C LEU C 5 -35.42 21.95 38.79
N GLU C 6 -36.38 21.03 38.91
CA GLU C 6 -36.19 19.60 38.70
C GLU C 6 -36.03 19.30 37.20
N GLU C 7 -36.72 20.03 36.32
CA GLU C 7 -36.62 19.92 34.88
C GLU C 7 -35.34 20.60 34.35
N MET C 8 -34.82 21.60 35.08
CA MET C 8 -33.54 22.25 34.76
C MET C 8 -32.38 21.30 35.08
N GLN C 9 -32.46 20.57 36.20
CA GLN C 9 -31.46 19.61 36.63
C GLN C 9 -31.58 18.28 35.89
N ARG C 10 -32.73 17.99 35.26
CA ARG C 10 -32.93 16.84 34.39
C ARG C 10 -32.30 17.09 33.03
N ARG C 11 -32.37 18.34 32.53
CA ARG C 11 -31.74 18.77 31.29
C ARG C 11 -30.22 18.88 31.46
N ALA C 12 -29.75 19.28 32.66
CA ALA C 12 -28.33 19.38 32.99
C ALA C 12 -27.66 18.01 33.05
N ASP C 13 -28.36 17.02 33.61
CA ASP C 13 -27.89 15.65 33.79
C ASP C 13 -27.98 14.86 32.47
N GLN C 14 -28.94 15.20 31.59
CA GLN C 14 -29.10 14.60 30.28
C GLN C 14 -28.00 15.08 29.31
N LEU C 15 -27.61 16.36 29.40
CA LEU C 15 -26.54 16.94 28.59
C LEU C 15 -25.16 16.48 29.07
N ALA C 16 -25.02 15.98 30.31
CA ALA C 16 -23.78 15.41 30.82
C ALA C 16 -23.69 13.89 30.55
N ASP C 17 -24.82 13.24 30.23
CA ASP C 17 -24.86 11.85 29.79
C ASP C 17 -24.67 11.75 28.27
N GLU C 18 -25.06 12.80 27.52
CA GLU C 18 -24.92 12.88 26.07
C GLU C 18 -23.61 13.55 25.65
N SER C 19 -22.95 14.29 26.56
CA SER C 19 -21.57 14.71 26.40
C SER C 19 -20.59 13.59 26.83
N LEU C 20 -21.05 12.63 27.66
CA LEU C 20 -20.28 11.44 28.01
C LEU C 20 -20.38 10.40 26.87
N GLU C 21 -21.54 10.31 26.21
CA GLU C 21 -21.75 9.49 25.02
C GLU C 21 -21.00 10.08 23.81
N SER C 22 -20.84 11.41 23.78
CA SER C 22 -20.11 12.12 22.73
C SER C 22 -18.62 11.85 22.83
N THR C 23 -18.05 11.81 24.05
CA THR C 23 -16.61 11.61 24.26
C THR C 23 -16.20 10.13 24.18
N ARG C 24 -17.17 9.20 24.29
CA ARG C 24 -16.98 7.78 23.99
C ARG C 24 -17.09 7.52 22.49
N ARG C 25 -17.80 8.38 21.75
CA ARG C 25 -17.88 8.35 20.29
C ARG C 25 -16.68 9.07 19.67
N MET C 26 -16.07 10.05 20.35
CA MET C 26 -14.78 10.60 19.97
C MET C 26 -13.70 9.53 20.10
N LEU C 27 -13.77 8.70 21.16
CA LEU C 27 -12.80 7.65 21.46
C LEU C 27 -12.94 6.45 20.51
N GLN C 28 -14.13 6.24 19.92
CA GLN C 28 -14.38 5.23 18.91
C GLN C 28 -13.85 5.69 17.55
N LEU C 29 -14.11 6.95 17.17
CA LEU C 29 -13.79 7.50 15.86
C LEU C 29 -12.29 7.75 15.70
N VAL C 30 -11.61 8.29 16.73
CA VAL C 30 -10.19 8.65 16.65
C VAL C 30 -9.27 7.42 16.71
N GLU C 31 -9.75 6.32 17.32
CA GLU C 31 -9.03 5.05 17.42
C GLU C 31 -9.25 4.19 16.17
N GLU C 32 -10.35 4.39 15.45
CA GLU C 32 -10.61 3.79 14.14
C GLU C 32 -10.00 4.64 13.01
N SER C 33 -9.64 5.91 13.28
CA SER C 33 -8.80 6.73 12.42
C SER C 33 -7.32 6.33 12.55
N LYS C 34 -6.92 5.77 13.71
CA LYS C 34 -5.58 5.23 13.92
C LYS C 34 -5.45 3.87 13.22
N ASP C 35 -6.52 3.07 13.19
CA ASP C 35 -6.57 1.80 12.45
C ASP C 35 -6.57 2.04 10.94
N ALA C 36 -7.22 3.13 10.48
CA ALA C 36 -7.24 3.55 9.10
C ALA C 36 -5.94 4.26 8.70
N GLY C 37 -5.21 4.82 9.67
CA GLY C 37 -3.95 5.53 9.44
C GLY C 37 -2.79 4.56 9.29
N ILE C 38 -2.85 3.42 9.98
CA ILE C 38 -1.92 2.30 9.83
C ILE C 38 -2.20 1.60 8.50
N ARG C 39 -3.47 1.51 8.07
CA ARG C 39 -3.86 0.88 6.81
C ARG C 39 -3.40 1.70 5.60
N THR C 40 -3.34 3.04 5.72
CA THR C 40 -2.81 3.91 4.67
C THR C 40 -1.29 3.70 4.53
N LEU C 41 -0.57 3.58 5.65
CA LEU C 41 0.88 3.47 5.69
C LEU C 41 1.39 2.09 5.24
N VAL C 42 0.58 1.04 5.38
CA VAL C 42 0.88 -0.31 4.91
C VAL C 42 0.58 -0.42 3.40
N MET C 43 -0.43 0.32 2.91
CA MET C 43 -0.79 0.36 1.49
C MET C 43 0.18 1.22 0.68
N LEU C 44 0.79 2.26 1.28
CA LEU C 44 1.82 3.08 0.63
C LEU C 44 3.20 2.42 0.72
N ASP C 45 3.42 1.48 1.66
CA ASP C 45 4.64 0.67 1.70
C ASP C 45 4.59 -0.41 0.61
N GLU C 46 3.41 -0.99 0.35
CA GLU C 46 3.19 -2.01 -0.66
C GLU C 46 3.24 -1.40 -2.05
N GLN C 47 2.58 -0.25 -2.26
CA GLN C 47 2.49 0.43 -3.55
C GLN C 47 3.75 1.24 -3.86
N GLY C 48 4.65 1.45 -2.88
CA GLY C 48 5.97 2.03 -3.11
C GLY C 48 6.93 0.99 -3.73
N GLU C 49 6.69 -0.30 -3.48
CA GLU C 49 7.40 -1.42 -4.09
C GLU C 49 6.81 -1.78 -5.47
N GLN C 50 5.55 -1.39 -5.74
CA GLN C 50 4.93 -1.56 -7.05
C GLN C 50 5.29 -0.39 -7.99
N LEU C 51 5.53 0.81 -7.44
CA LEU C 51 6.08 1.94 -8.19
C LEU C 51 7.57 1.72 -8.50
N ASP C 52 8.28 0.88 -7.71
CA ASP C 52 9.64 0.48 -7.96
C ASP C 52 9.71 -0.63 -9.03
N ARG C 53 8.68 -1.49 -9.13
CA ARG C 53 8.60 -2.55 -10.13
C ARG C 53 8.16 -1.99 -11.49
N VAL C 54 7.40 -0.87 -11.50
CA VAL C 54 6.99 -0.15 -12.70
C VAL C 54 8.15 0.71 -13.21
N GLU C 55 8.92 1.36 -12.33
CA GLU C 55 10.02 2.26 -12.70
C GLU C 55 11.29 1.49 -13.10
N GLU C 56 11.47 0.25 -12.58
CA GLU C 56 12.48 -0.67 -13.05
C GLU C 56 12.03 -1.37 -14.35
N GLY C 57 10.72 -1.35 -14.65
CA GLY C 57 10.18 -1.76 -15.94
C GLY C 57 10.36 -0.67 -17.01
N MET C 58 10.46 0.61 -16.60
CA MET C 58 10.85 1.72 -17.48
C MET C 58 12.36 1.71 -17.70
N ASN C 59 13.16 1.28 -16.71
CA ASN C 59 14.61 1.22 -16.80
C ASN C 59 15.09 -0.01 -17.57
N HIS C 60 14.32 -1.10 -17.57
CA HIS C 60 14.59 -2.30 -18.37
C HIS C 60 14.38 -1.99 -19.86
N ILE C 61 13.32 -1.22 -20.17
CA ILE C 61 13.01 -0.74 -21.51
C ILE C 61 14.06 0.28 -21.97
N ASN C 62 14.61 1.10 -21.06
CA ASN C 62 15.62 2.11 -21.39
C ASN C 62 16.97 1.45 -21.72
N GLN C 63 17.33 0.37 -21.00
CA GLN C 63 18.56 -0.38 -21.22
C GLN C 63 18.51 -1.20 -22.52
N ASP C 64 17.32 -1.69 -22.92
CA ASP C 64 17.13 -2.40 -24.18
C ASP C 64 17.21 -1.43 -25.36
N MET C 65 16.54 -0.27 -25.28
CA MET C 65 16.33 0.62 -26.41
C MET C 65 17.50 1.60 -26.66
N LYS C 66 18.39 1.80 -25.68
CA LYS C 66 19.64 2.53 -25.89
C LYS C 66 20.68 1.63 -26.57
N GLU C 67 20.64 0.32 -26.31
CA GLU C 67 21.45 -0.67 -27.02
C GLU C 67 20.90 -0.90 -28.44
N ALA C 68 19.58 -0.80 -28.63
CA ALA C 68 18.93 -0.98 -29.92
C ALA C 68 19.25 0.17 -30.89
N GLU C 69 19.48 1.38 -30.36
CA GLU C 69 19.83 2.56 -31.15
C GLU C 69 21.24 2.42 -31.74
N LYS C 70 22.14 1.68 -31.06
CA LYS C 70 23.50 1.41 -31.51
C LYS C 70 23.53 0.29 -32.55
N ASN C 71 22.55 -0.63 -32.55
CA ASN C 71 22.43 -1.70 -33.54
C ASN C 71 21.71 -1.22 -34.80
N LEU C 72 20.71 -0.33 -34.69
CA LEU C 72 20.03 0.29 -35.83
C LEU C 72 20.97 1.23 -36.60
N LYS C 73 22.02 1.73 -35.95
CA LYS C 73 23.09 2.53 -36.56
C LYS C 73 24.06 1.65 -37.36
N ASP C 74 24.31 0.41 -36.89
CA ASP C 74 25.24 -0.51 -37.55
C ASP C 74 24.63 -1.15 -38.80
N LEU C 75 23.29 -1.28 -38.86
CA LEU C 75 22.57 -1.75 -40.05
C LEU C 75 22.76 -0.75 -41.20
N GLY C 76 23.17 -1.27 -42.36
CA GLY C 76 23.64 -0.50 -43.49
C GLY C 76 25.09 -0.10 -43.24
N LYS C 77 26.00 -0.63 -44.07
CA LYS C 77 27.45 -0.58 -43.83
C LYS C 77 28.20 -0.91 -45.12
N GLY D 1 -7.09 14.80 32.74
CA GLY D 1 -7.08 15.64 33.94
C GLY D 1 -7.22 17.12 33.62
N GLY D 2 -8.31 17.74 34.10
CA GLY D 2 -8.57 19.18 33.95
C GLY D 2 -9.10 19.55 32.57
N PHE D 3 -9.68 18.59 31.83
CA PHE D 3 -10.09 18.74 30.44
C PHE D 3 -11.30 19.67 30.26
N ILE D 4 -12.21 19.70 31.24
CA ILE D 4 -13.49 20.39 31.18
C ILE D 4 -13.76 21.18 32.46
N ARG D 5 -14.72 22.10 32.37
CA ARG D 5 -15.32 22.76 33.51
C ARG D 5 -16.26 21.78 34.22
N ARG D 6 -15.99 21.57 35.51
CA ARG D 6 -16.87 20.86 36.43
C ARG D 6 -17.98 21.82 36.87
N VAL D 7 -19.22 21.32 36.96
CA VAL D 7 -20.42 22.12 37.18
C VAL D 7 -21.65 21.23 37.48
N THR D 8 -21.78 20.09 36.80
CA THR D 8 -22.96 19.22 36.87
C THR D 8 -22.98 18.44 38.20
N ASN D 9 -24.19 18.07 38.63
CA ASN D 9 -24.47 17.42 39.91
C ASN D 9 -23.78 16.06 40.07
N ASP D 10 -23.68 15.27 38.99
CA ASP D 10 -23.18 13.90 39.04
C ASP D 10 -21.65 13.84 38.86
N ALA D 11 -21.05 12.77 39.40
CA ALA D 11 -19.61 12.52 39.38
C ALA D 11 -19.09 11.96 38.04
N ARG D 12 -19.97 11.77 37.04
CA ARG D 12 -19.60 11.28 35.70
C ARG D 12 -18.85 12.32 34.87
N GLU D 13 -18.63 13.53 35.39
CA GLU D 13 -17.78 14.54 34.78
C GLU D 13 -16.30 14.11 34.83
N ASN D 14 -15.91 13.30 35.82
CA ASN D 14 -14.58 12.69 35.88
C ASN D 14 -14.44 11.58 34.82
N GLU D 15 -15.54 10.91 34.46
CA GLU D 15 -15.56 9.87 33.43
C GLU D 15 -15.49 10.49 32.02
N MET D 16 -16.07 11.69 31.84
CA MET D 16 -16.05 12.46 30.60
C MET D 16 -14.66 13.06 30.37
N ASP D 17 -14.03 13.53 31.45
CA ASP D 17 -12.67 14.08 31.48
C ASP D 17 -11.63 12.99 31.19
N GLU D 18 -11.92 11.73 31.57
CA GLU D 18 -11.06 10.57 31.33
C GLU D 18 -11.19 10.06 29.89
N ASN D 19 -12.40 10.10 29.30
CA ASN D 19 -12.61 9.76 27.89
C ASN D 19 -12.03 10.81 26.95
N LEU D 20 -11.87 12.06 27.41
CA LEU D 20 -11.19 13.12 26.67
C LEU D 20 -9.67 13.02 26.80
N GLU D 21 -9.16 12.46 27.92
CA GLU D 21 -7.72 12.22 28.13
C GLU D 21 -7.25 11.02 27.30
N GLN D 22 -8.13 10.04 27.05
CA GLN D 22 -7.86 8.89 26.18
C GLN D 22 -7.93 9.29 24.70
N VAL D 23 -8.76 10.30 24.35
CA VAL D 23 -8.81 10.91 23.02
C VAL D 23 -7.57 11.80 22.80
N SER D 24 -7.00 12.38 23.87
CA SER D 24 -5.81 13.24 23.81
C SER D 24 -4.53 12.41 23.63
N GLY D 25 -4.53 11.14 24.04
CA GLY D 25 -3.40 10.22 23.87
C GLY D 25 -3.38 9.55 22.49
N ILE D 26 -4.50 9.63 21.73
CA ILE D 26 -4.63 9.02 20.41
C ILE D 26 -4.59 10.09 19.31
N ILE D 27 -5.03 11.34 19.58
CA ILE D 27 -4.92 12.43 18.62
C ILE D 27 -3.47 12.90 18.46
N GLY D 28 -2.67 12.83 19.53
CA GLY D 28 -1.25 13.19 19.50
C GLY D 28 -0.42 12.12 18.78
N ASN D 29 -0.97 10.90 18.60
CA ASN D 29 -0.39 9.82 17.83
C ASN D 29 -0.88 9.85 16.37
N LEU D 30 -2.13 10.29 16.15
CA LEU D 30 -2.77 10.42 14.85
C LEU D 30 -2.23 11.64 14.09
N ARG D 31 -1.68 12.62 14.81
CA ARG D 31 -0.95 13.76 14.26
C ARG D 31 0.31 13.29 13.55
N HIS D 32 1.06 12.36 14.17
CA HIS D 32 2.31 11.85 13.64
C HIS D 32 2.08 10.83 12.51
N MET D 33 0.90 10.18 12.45
CA MET D 33 0.51 9.31 11.34
C MET D 33 0.05 10.12 10.13
N ALA D 34 -0.52 11.31 10.34
CA ALA D 34 -0.90 12.24 9.28
C ALA D 34 0.34 12.89 8.66
N LEU D 35 1.38 13.16 9.45
CA LEU D 35 2.66 13.69 8.97
C LEU D 35 3.49 12.62 8.26
N ASP D 36 3.31 11.33 8.61
CA ASP D 36 4.05 10.23 8.01
C ASP D 36 3.51 9.96 6.60
N MET D 37 2.18 9.82 6.46
CA MET D 37 1.54 9.56 5.17
C MET D 37 1.55 10.81 4.26
N GLY D 38 1.69 12.02 4.84
CA GLY D 38 1.77 13.26 4.10
C GLY D 38 3.14 13.46 3.46
N ASN D 39 4.19 12.83 4.03
CA ASN D 39 5.53 12.80 3.46
C ASN D 39 5.61 11.72 2.37
N GLU D 40 5.01 10.54 2.60
CA GLU D 40 5.07 9.40 1.68
C GLU D 40 4.25 9.64 0.41
N ILE D 41 3.13 10.37 0.51
CA ILE D 41 2.25 10.63 -0.64
C ILE D 41 2.67 11.92 -1.38
N ASP D 42 3.49 12.78 -0.77
CA ASP D 42 4.17 13.86 -1.51
C ASP D 42 5.32 13.29 -2.34
N THR D 43 6.03 12.27 -1.83
CA THR D 43 7.12 11.59 -2.50
C THR D 43 6.58 10.72 -3.65
N GLN D 44 5.40 10.11 -3.50
CA GLN D 44 4.79 9.27 -4.53
C GLN D 44 3.95 10.08 -5.54
N ASN D 45 3.58 11.33 -5.23
CA ASN D 45 2.98 12.24 -6.20
C ASN D 45 4.06 12.87 -7.11
N ARG D 46 5.30 12.94 -6.65
CA ARG D 46 6.45 13.41 -7.40
C ARG D 46 7.18 12.27 -8.13
N GLN D 47 7.05 11.02 -7.65
CA GLN D 47 7.63 9.84 -8.28
C GLN D 47 6.74 9.35 -9.43
N ILE D 48 5.41 9.44 -9.30
CA ILE D 48 4.49 9.03 -10.37
C ILE D 48 4.55 10.02 -11.54
N ASP D 49 4.93 11.29 -11.28
CA ASP D 49 5.17 12.32 -12.29
C ASP D 49 6.53 12.14 -12.97
N ARG D 50 7.52 11.55 -12.27
CA ARG D 50 8.81 11.18 -12.82
C ARG D 50 8.70 9.93 -13.68
N ILE D 51 7.80 9.00 -13.32
CA ILE D 51 7.49 7.79 -14.08
C ILE D 51 6.64 8.15 -15.31
N MET D 52 5.87 9.26 -15.26
CA MET D 52 5.09 9.77 -16.38
C MET D 52 5.99 10.46 -17.41
N GLU D 53 7.12 11.03 -16.97
CA GLU D 53 8.15 11.61 -17.84
C GLU D 53 9.03 10.52 -18.45
N LYS D 54 9.25 9.40 -17.73
CA LYS D 54 9.97 8.23 -18.23
C LYS D 54 9.11 7.40 -19.19
N ALA D 55 7.78 7.37 -18.98
CA ALA D 55 6.82 6.70 -19.86
C ALA D 55 6.52 7.54 -21.11
N ASP D 56 6.93 8.81 -21.15
CA ASP D 56 6.84 9.66 -22.33
C ASP D 56 8.13 9.58 -23.15
N SER D 57 9.30 9.50 -22.48
CA SER D 57 10.60 9.46 -23.13
C SER D 57 10.93 8.07 -23.68
N ASN D 58 10.37 7.00 -23.10
CA ASN D 58 10.52 5.62 -23.58
C ASN D 58 9.46 5.27 -24.62
N LYS D 59 8.28 5.92 -24.59
CA LYS D 59 7.31 5.84 -25.68
C LYS D 59 7.89 6.49 -26.94
N THR D 60 8.67 7.57 -26.78
CA THR D 60 9.38 8.24 -27.87
C THR D 60 10.58 7.41 -28.33
N ARG D 61 11.26 6.69 -27.44
CA ARG D 61 12.46 5.90 -27.76
C ARG D 61 12.10 4.66 -28.58
N ILE D 62 10.92 4.08 -28.36
CA ILE D 62 10.39 2.92 -29.06
C ILE D 62 9.77 3.36 -30.39
N ASP D 63 9.11 4.54 -30.44
CA ASP D 63 8.43 5.04 -31.63
C ASP D 63 9.43 5.52 -32.67
N GLU D 64 10.56 6.12 -32.25
CA GLU D 64 11.64 6.54 -33.14
C GLU D 64 12.39 5.33 -33.70
N ALA D 65 12.49 4.24 -32.92
CA ALA D 65 13.11 2.99 -33.35
C ALA D 65 12.19 2.18 -34.28
N ASN D 66 10.87 2.38 -34.20
CA ASN D 66 9.88 1.75 -35.06
C ASN D 66 9.83 2.45 -36.42
N GLN D 67 9.97 3.78 -36.44
CA GLN D 67 10.05 4.59 -37.65
C GLN D 67 11.39 4.37 -38.38
N ARG D 68 12.45 4.01 -37.64
CA ARG D 68 13.78 3.73 -38.17
C ARG D 68 13.88 2.29 -38.71
N ALA D 69 13.10 1.35 -38.13
CA ALA D 69 13.04 -0.04 -38.58
C ALA D 69 12.21 -0.17 -39.86
N THR D 70 11.13 0.62 -40.01
CA THR D 70 10.28 0.63 -41.20
C THR D 70 10.90 1.42 -42.35
N LYS D 71 11.86 2.33 -42.06
CA LYS D 71 12.66 3.02 -43.07
C LYS D 71 13.66 2.05 -43.72
N MET D 72 14.10 1.01 -42.98
CA MET D 72 14.99 -0.04 -43.46
C MET D 72 14.24 -1.28 -43.98
N LEU D 73 12.90 -1.35 -43.83
CA LEU D 73 12.07 -2.37 -44.46
C LEU D 73 11.73 -1.95 -45.89
N GLY D 74 11.75 -2.95 -46.79
CA GLY D 74 11.41 -2.79 -48.20
C GLY D 74 11.91 -3.98 -49.01
N SER E 1 -35.94 -35.20 -5.27
CA SER E 1 -36.94 -34.37 -5.95
C SER E 1 -36.56 -32.89 -5.94
N GLY E 2 -36.98 -32.15 -6.98
CA GLY E 2 -36.74 -30.73 -7.14
C GLY E 2 -35.33 -30.48 -7.69
N GLY E 3 -34.58 -29.60 -7.02
CA GLY E 3 -33.22 -29.20 -7.36
C GLY E 3 -33.14 -27.76 -7.89
N GLY E 4 -31.89 -27.32 -8.16
CA GLY E 4 -31.58 -25.96 -8.56
C GLY E 4 -31.75 -25.73 -10.07
N GLY E 5 -31.42 -24.51 -10.51
CA GLY E 5 -31.54 -24.05 -11.88
C GLY E 5 -30.29 -24.34 -12.72
N GLY E 6 -30.21 -23.69 -13.88
CA GLY E 6 -29.12 -23.86 -14.84
C GLY E 6 -29.27 -25.12 -15.69
N ILE E 7 -30.49 -25.67 -15.80
CA ILE E 7 -30.78 -26.99 -16.35
C ILE E 7 -30.77 -27.04 -17.89
N LEU E 8 -30.31 -25.98 -18.58
CA LEU E 8 -30.11 -25.92 -20.02
C LEU E 8 -28.94 -25.01 -20.40
N GLU E 9 -28.73 -23.92 -19.63
CA GLU E 9 -27.66 -22.95 -19.83
C GLU E 9 -27.47 -22.14 -18.54
N LYS E 10 -26.21 -21.90 -18.17
CA LYS E 10 -25.83 -21.20 -16.95
C LYS E 10 -25.76 -19.69 -17.18
N LEU E 11 -25.76 -18.94 -16.07
CA LEU E 11 -25.40 -17.52 -16.05
C LEU E 11 -23.88 -17.32 -16.20
N GLY E 12 -23.10 -18.42 -16.14
CA GLY E 12 -21.69 -18.45 -16.44
C GLY E 12 -21.04 -19.77 -16.00
N ASP E 13 -19.98 -20.15 -16.70
CA ASP E 13 -19.07 -21.23 -16.35
C ASP E 13 -17.62 -20.75 -16.53
N ILE E 14 -16.66 -21.62 -16.17
CA ILE E 14 -15.23 -21.38 -16.32
C ILE E 14 -14.48 -22.70 -16.41
N CYS E 15 -13.56 -22.78 -17.38
CA CYS E 15 -12.65 -23.90 -17.60
C CYS E 15 -11.29 -23.55 -17.00
N PHE E 16 -10.59 -24.57 -16.48
CA PHE E 16 -9.39 -24.41 -15.66
C PHE E 16 -8.57 -25.70 -15.61
N SER E 17 -7.39 -25.62 -14.97
CA SER E 17 -6.63 -26.76 -14.46
C SER E 17 -5.94 -26.38 -13.13
N LEU E 18 -5.54 -27.40 -12.36
CA LEU E 18 -4.97 -27.28 -11.02
C LEU E 18 -3.80 -28.25 -10.86
N ARG E 19 -2.73 -27.78 -10.23
CA ARG E 19 -1.41 -28.43 -10.18
C ARG E 19 -0.65 -27.93 -8.95
N TYR E 20 0.30 -28.72 -8.45
CA TYR E 20 1.17 -28.37 -7.32
C TYR E 20 2.57 -28.97 -7.48
N VAL E 21 3.55 -28.36 -6.82
CA VAL E 21 4.90 -28.88 -6.67
C VAL E 21 5.32 -28.65 -5.20
N PRO E 22 5.79 -29.68 -4.46
CA PRO E 22 6.16 -29.55 -3.06
C PRO E 22 7.44 -28.72 -2.87
N THR E 23 8.36 -28.76 -3.84
CA THR E 23 9.55 -27.92 -3.88
C THR E 23 9.14 -26.53 -4.37
N ALA E 24 9.41 -25.52 -3.54
CA ALA E 24 9.08 -24.10 -3.72
C ALA E 24 7.57 -23.81 -3.60
N GLY E 25 6.72 -24.84 -3.46
CA GLY E 25 5.29 -24.71 -3.21
C GLY E 25 4.51 -24.20 -4.42
N LYS E 26 4.92 -24.54 -5.66
CA LYS E 26 4.38 -23.94 -6.87
C LYS E 26 3.00 -24.52 -7.23
N LEU E 27 1.95 -23.88 -6.70
CA LEU E 27 0.55 -24.07 -7.03
C LEU E 27 0.28 -23.30 -8.32
N THR E 28 0.15 -24.03 -9.45
CA THR E 28 -0.14 -23.44 -10.75
C THR E 28 -1.62 -23.66 -11.08
N VAL E 29 -2.24 -22.62 -11.65
CA VAL E 29 -3.65 -22.58 -12.00
C VAL E 29 -3.78 -21.91 -13.38
N VAL E 30 -4.04 -22.72 -14.41
CA VAL E 30 -4.33 -22.23 -15.75
C VAL E 30 -5.84 -22.00 -15.86
N ILE E 31 -6.24 -21.04 -16.70
CA ILE E 31 -7.63 -20.73 -17.01
C ILE E 31 -7.76 -20.93 -18.51
N LEU E 32 -8.43 -22.01 -18.94
CA LEU E 32 -8.45 -22.44 -20.34
C LEU E 32 -9.37 -21.55 -21.19
N GLU E 33 -10.52 -21.16 -20.64
CA GLU E 33 -11.60 -20.40 -21.30
C GLU E 33 -12.75 -20.15 -20.30
N ALA E 34 -13.88 -19.65 -20.81
CA ALA E 34 -15.15 -19.46 -20.10
C ALA E 34 -16.31 -19.39 -21.12
N LYS E 35 -17.57 -19.36 -20.66
CA LYS E 35 -18.76 -19.37 -21.52
C LYS E 35 -20.02 -18.86 -20.80
N ASN E 36 -20.99 -18.37 -21.60
CA ASN E 36 -22.36 -18.03 -21.22
C ASN E 36 -22.44 -16.92 -20.15
N LEU E 37 -21.47 -15.99 -20.16
CA LEU E 37 -21.21 -15.06 -19.07
C LEU E 37 -22.29 -13.98 -18.89
N LYS E 38 -22.30 -13.37 -17.70
CA LYS E 38 -23.33 -12.48 -17.19
C LYS E 38 -23.23 -11.07 -17.81
N LYS E 39 -24.38 -10.43 -17.98
CA LYS E 39 -24.51 -9.03 -18.39
C LYS E 39 -24.30 -8.12 -17.19
N MET E 40 -23.33 -7.20 -17.29
CA MET E 40 -22.95 -6.25 -16.23
C MET E 40 -23.20 -4.79 -16.64
N ASP E 41 -23.62 -4.55 -17.89
CA ASP E 41 -23.85 -3.23 -18.47
C ASP E 41 -24.85 -3.35 -19.62
N VAL E 42 -25.67 -2.31 -19.82
CA VAL E 42 -26.71 -2.28 -20.84
C VAL E 42 -26.10 -2.28 -22.25
N GLY E 43 -24.94 -1.64 -22.44
CA GLY E 43 -24.27 -1.52 -23.73
C GLY E 43 -23.22 -2.60 -24.01
N GLY E 44 -22.86 -3.43 -23.02
CA GLY E 44 -21.82 -4.46 -23.14
C GLY E 44 -22.39 -5.86 -22.83
N LEU E 45 -22.02 -6.84 -23.66
CA LEU E 45 -22.38 -8.24 -23.47
C LEU E 45 -21.37 -9.16 -24.18
N SER E 46 -20.14 -9.33 -23.66
CA SER E 46 -19.56 -8.69 -22.48
C SER E 46 -18.04 -8.53 -22.69
N ASP E 47 -17.37 -7.83 -21.77
CA ASP E 47 -15.95 -7.50 -21.86
C ASP E 47 -15.16 -8.15 -20.71
N PRO E 48 -15.16 -9.50 -20.60
CA PRO E 48 -14.71 -10.19 -19.39
C PRO E 48 -13.19 -10.18 -19.22
N TYR E 49 -12.76 -10.37 -17.96
CA TYR E 49 -11.39 -10.67 -17.56
C TYR E 49 -11.41 -11.30 -16.18
N VAL E 50 -10.76 -12.46 -16.06
CA VAL E 50 -10.74 -13.30 -14.88
C VAL E 50 -9.55 -12.88 -13.99
N LYS E 51 -9.74 -13.01 -12.66
CA LYS E 51 -8.73 -12.90 -11.62
C LYS E 51 -8.69 -14.20 -10.81
N ILE E 52 -7.51 -14.49 -10.24
CA ILE E 52 -7.34 -15.51 -9.21
C ILE E 52 -6.76 -14.82 -7.97
N HIS E 53 -7.30 -15.16 -6.80
CA HIS E 53 -6.90 -14.60 -5.51
C HIS E 53 -6.52 -15.74 -4.58
N LEU E 54 -5.26 -15.74 -4.11
CA LEU E 54 -4.81 -16.61 -3.04
C LEU E 54 -5.19 -15.97 -1.71
N MET E 55 -5.62 -16.79 -0.75
CA MET E 55 -6.01 -16.39 0.60
C MET E 55 -5.57 -17.46 1.61
N GLN E 56 -5.83 -17.21 2.90
CA GLN E 56 -5.61 -18.10 4.01
C GLN E 56 -6.49 -17.61 5.16
N ASN E 57 -7.51 -18.40 5.49
CA ASN E 57 -8.72 -17.94 6.17
C ASN E 57 -9.35 -16.83 5.31
N GLY E 58 -9.83 -15.73 5.94
CA GLY E 58 -10.37 -14.58 5.23
C GLY E 58 -9.30 -13.59 4.76
N LYS E 59 -8.03 -13.75 5.17
CA LYS E 59 -6.94 -12.82 4.86
C LYS E 59 -6.44 -13.05 3.43
N ARG E 60 -6.30 -11.96 2.67
CA ARG E 60 -5.79 -11.97 1.31
C ARG E 60 -4.26 -12.08 1.33
N LEU E 61 -3.72 -12.91 0.43
CA LEU E 61 -2.28 -13.13 0.28
C LEU E 61 -1.78 -12.56 -1.06
N LYS E 62 -2.26 -13.09 -2.19
CA LYS E 62 -1.82 -12.72 -3.54
C LYS E 62 -3.00 -12.50 -4.48
N LYS E 63 -2.70 -12.05 -5.71
CA LYS E 63 -3.66 -11.66 -6.73
C LYS E 63 -3.03 -11.72 -8.13
N LYS E 64 -3.87 -12.04 -9.13
CA LYS E 64 -3.52 -12.29 -10.53
C LYS E 64 -4.68 -11.82 -11.42
N LYS E 65 -4.44 -11.75 -12.75
CA LYS E 65 -5.42 -11.29 -13.73
C LYS E 65 -5.02 -11.61 -15.18
N THR E 66 -6.03 -11.86 -16.03
CA THR E 66 -5.93 -12.10 -17.45
C THR E 66 -5.98 -10.78 -18.25
N THR E 67 -5.88 -10.90 -19.58
CA THR E 67 -6.14 -9.83 -20.52
C THR E 67 -7.64 -9.55 -20.62
N ILE E 68 -7.99 -8.31 -20.97
CA ILE E 68 -9.35 -7.87 -21.23
C ILE E 68 -9.82 -8.34 -22.62
N LYS E 69 -11.13 -8.52 -22.77
CA LYS E 69 -11.78 -9.09 -23.95
C LYS E 69 -12.87 -8.15 -24.47
N LYS E 70 -13.35 -8.43 -25.68
CA LYS E 70 -14.26 -7.55 -26.44
C LYS E 70 -15.49 -8.35 -26.88
N ASN E 71 -16.67 -7.84 -26.51
CA ASN E 71 -18.03 -8.32 -26.81
C ASN E 71 -18.11 -9.83 -27.12
N THR E 72 -18.23 -10.64 -26.07
CA THR E 72 -18.14 -12.09 -26.11
C THR E 72 -18.73 -12.70 -24.84
N LEU E 73 -19.45 -13.82 -25.02
CA LEU E 73 -19.92 -14.68 -23.94
C LEU E 73 -18.93 -15.84 -23.73
N ASN E 74 -18.26 -16.29 -24.80
CA ASN E 74 -17.29 -17.38 -24.80
C ASN E 74 -15.89 -16.81 -25.11
N PRO E 75 -15.20 -16.22 -24.12
CA PRO E 75 -13.82 -15.75 -24.28
C PRO E 75 -12.83 -16.93 -24.24
N TYR E 76 -11.79 -16.82 -25.07
CA TYR E 76 -10.59 -17.65 -24.96
C TYR E 76 -9.65 -17.02 -23.92
N TYR E 77 -8.78 -17.84 -23.31
CA TYR E 77 -7.75 -17.38 -22.38
C TYR E 77 -6.50 -18.26 -22.58
N ASN E 78 -6.50 -19.45 -21.95
CA ASN E 78 -5.37 -20.37 -21.83
C ASN E 78 -4.19 -19.81 -21.02
N GLU E 79 -4.43 -18.74 -20.23
CA GLU E 79 -3.41 -18.01 -19.48
C GLU E 79 -3.11 -18.71 -18.15
N SER E 80 -1.82 -18.94 -17.88
CA SER E 80 -1.30 -19.61 -16.70
C SER E 80 -0.95 -18.61 -15.58
N PHE E 81 -1.04 -19.07 -14.32
CA PHE E 81 -0.79 -18.26 -13.13
C PHE E 81 -0.25 -19.13 -11.99
N SER E 82 1.03 -18.93 -11.64
CA SER E 82 1.70 -19.65 -10.56
C SER E 82 1.62 -18.86 -9.24
N PHE E 83 1.79 -19.59 -8.13
CA PHE E 83 1.80 -19.09 -6.77
C PHE E 83 2.79 -19.95 -5.97
N GLU E 84 3.90 -19.37 -5.52
CA GLU E 84 4.92 -20.06 -4.74
C GLU E 84 4.81 -19.66 -3.27
N VAL E 85 4.71 -20.67 -2.41
CA VAL E 85 4.49 -20.55 -0.96
C VAL E 85 5.51 -21.43 -0.21
N PRO E 86 5.64 -21.29 1.12
CA PRO E 86 6.39 -22.24 1.96
C PRO E 86 5.91 -23.69 1.76
N PHE E 87 6.82 -24.64 1.97
CA PHE E 87 6.75 -25.99 1.40
C PHE E 87 5.59 -26.85 1.92
N GLU E 88 4.98 -26.50 3.05
CA GLU E 88 3.86 -27.23 3.67
C GLU E 88 2.63 -26.34 3.87
N GLN E 89 2.69 -25.06 3.49
CA GLN E 89 1.62 -24.08 3.70
C GLN E 89 0.42 -24.31 2.75
N ILE E 90 0.50 -25.25 1.80
CA ILE E 90 -0.65 -25.60 0.96
C ILE E 90 -1.82 -26.18 1.78
N GLN E 91 -1.54 -26.74 2.97
CA GLN E 91 -2.52 -27.27 3.90
C GLN E 91 -3.42 -26.17 4.50
N LYS E 92 -3.00 -24.89 4.46
CA LYS E 92 -3.70 -23.76 5.08
C LYS E 92 -4.33 -22.83 4.04
N VAL E 93 -3.64 -22.55 2.91
CA VAL E 93 -4.12 -21.61 1.90
C VAL E 93 -5.31 -22.19 1.12
N GLN E 94 -6.03 -21.29 0.45
CA GLN E 94 -7.27 -21.57 -0.26
C GLN E 94 -7.56 -20.44 -1.26
N VAL E 95 -7.98 -20.82 -2.47
CA VAL E 95 -8.11 -19.94 -3.62
C VAL E 95 -9.58 -19.53 -3.83
N VAL E 96 -9.76 -18.33 -4.42
CA VAL E 96 -11.03 -17.84 -4.94
C VAL E 96 -10.76 -17.33 -6.35
N VAL E 97 -11.43 -17.94 -7.33
CA VAL E 97 -11.47 -17.48 -8.71
C VAL E 97 -12.68 -16.55 -8.86
N THR E 98 -12.54 -15.51 -9.69
CA THR E 98 -13.51 -14.43 -9.87
C THR E 98 -13.46 -13.97 -11.33
N VAL E 99 -14.62 -13.86 -11.97
CA VAL E 99 -14.76 -13.22 -13.28
C VAL E 99 -15.32 -11.81 -13.05
N LEU E 100 -14.78 -10.82 -13.80
CA LEU E 100 -15.19 -9.42 -13.77
C LEU E 100 -15.49 -8.94 -15.18
N ASP E 101 -16.30 -7.89 -15.31
CA ASP E 101 -16.43 -7.11 -16.55
C ASP E 101 -15.48 -5.91 -16.48
N TYR E 102 -14.88 -5.57 -17.62
CA TYR E 102 -13.99 -4.43 -17.75
C TYR E 102 -14.80 -3.14 -17.88
N ASP E 103 -14.80 -2.37 -16.78
CA ASP E 103 -15.21 -0.97 -16.75
C ASP E 103 -13.92 -0.16 -16.82
N LYS E 104 -13.86 0.80 -17.76
CA LYS E 104 -12.62 1.45 -18.17
C LYS E 104 -11.95 2.23 -17.04
N ILE E 105 -12.73 2.88 -16.16
CA ILE E 105 -12.25 3.59 -14.97
C ILE E 105 -13.24 3.47 -13.79
N GLY E 106 -14.47 2.98 -14.05
CA GLY E 106 -15.49 2.78 -13.03
C GLY E 106 -15.30 1.46 -12.29
N LYS E 107 -16.22 1.19 -11.35
CA LYS E 107 -16.19 0.03 -10.47
C LYS E 107 -16.49 -1.25 -11.25
N ASN E 108 -15.67 -2.28 -11.03
CA ASN E 108 -15.90 -3.63 -11.53
C ASN E 108 -16.82 -4.39 -10.57
N ASP E 109 -17.48 -5.44 -11.08
CA ASP E 109 -18.36 -6.30 -10.30
C ASP E 109 -18.39 -7.71 -10.89
N ALA E 110 -18.72 -8.69 -10.03
CA ALA E 110 -18.62 -10.11 -10.34
C ALA E 110 -19.66 -10.53 -11.39
N ILE E 111 -19.13 -11.02 -12.52
CA ILE E 111 -19.84 -11.86 -13.47
C ILE E 111 -20.16 -13.21 -12.80
N GLY E 112 -19.26 -13.69 -11.92
CA GLY E 112 -19.48 -14.87 -11.09
C GLY E 112 -18.16 -15.39 -10.52
N LYS E 113 -18.21 -15.89 -9.29
CA LYS E 113 -17.07 -16.43 -8.55
C LYS E 113 -17.21 -17.94 -8.33
N VAL E 114 -16.15 -18.58 -7.81
CA VAL E 114 -16.14 -19.98 -7.41
C VAL E 114 -14.97 -20.23 -6.45
N PHE E 115 -15.24 -20.98 -5.38
CA PHE E 115 -14.25 -21.35 -4.37
C PHE E 115 -13.48 -22.61 -4.79
N VAL E 116 -12.20 -22.66 -4.40
CA VAL E 116 -11.29 -23.79 -4.53
C VAL E 116 -10.55 -23.94 -3.19
N GLY E 117 -10.43 -25.17 -2.69
CA GLY E 117 -9.75 -25.46 -1.43
C GLY E 117 -10.29 -26.72 -0.74
N TYR E 118 -9.91 -26.85 0.54
CA TYR E 118 -10.26 -28.00 1.38
C TYR E 118 -11.63 -27.85 2.06
N ASN E 119 -12.18 -26.62 2.13
CA ASN E 119 -13.52 -26.35 2.66
C ASN E 119 -14.63 -26.77 1.67
N SER E 120 -14.25 -27.25 0.47
CA SER E 120 -15.13 -27.88 -0.51
C SER E 120 -15.63 -29.25 -0.02
N THR E 121 -16.56 -29.85 -0.79
CA THR E 121 -17.19 -31.13 -0.49
C THR E 121 -17.33 -31.98 -1.77
N GLY E 122 -17.36 -33.31 -1.60
CA GLY E 122 -17.68 -34.26 -2.65
C GLY E 122 -16.54 -34.38 -3.66
N ALA E 123 -16.88 -34.16 -4.94
CA ALA E 123 -15.94 -34.17 -6.05
C ALA E 123 -14.98 -32.96 -5.99
N GLU E 124 -15.43 -31.82 -5.48
CA GLU E 124 -14.62 -30.60 -5.37
C GLU E 124 -13.62 -30.68 -4.21
N LEU E 125 -13.86 -31.55 -3.22
CA LEU E 125 -12.88 -31.88 -2.19
C LEU E 125 -11.75 -32.73 -2.77
N ARG E 126 -12.06 -33.62 -3.73
CA ARG E 126 -11.09 -34.47 -4.42
C ARG E 126 -10.29 -33.68 -5.47
N HIS E 127 -10.86 -32.62 -6.06
CA HIS E 127 -10.17 -31.77 -7.03
C HIS E 127 -9.06 -30.94 -6.37
N TRP E 128 -9.08 -30.81 -5.03
CA TRP E 128 -8.02 -30.21 -4.24
C TRP E 128 -7.11 -31.30 -3.66
N SER E 129 -7.67 -32.28 -2.94
CA SER E 129 -6.91 -33.22 -2.10
C SER E 129 -6.11 -34.24 -2.91
N ASP E 130 -6.59 -34.65 -4.10
CA ASP E 130 -5.87 -35.55 -5.00
C ASP E 130 -4.79 -34.80 -5.78
N MET E 131 -4.95 -33.48 -5.98
CA MET E 131 -3.98 -32.62 -6.64
C MET E 131 -2.81 -32.27 -5.69
N LEU E 132 -3.06 -32.23 -4.37
CA LEU E 132 -2.03 -32.15 -3.34
C LEU E 132 -1.25 -33.48 -3.28
N ALA E 133 -1.95 -34.63 -3.42
CA ALA E 133 -1.39 -35.97 -3.28
C ALA E 133 -0.67 -36.47 -4.54
N ASN E 134 -0.88 -35.82 -5.69
CA ASN E 134 -0.25 -36.16 -6.96
C ASN E 134 0.28 -34.87 -7.58
N PRO E 135 1.48 -34.40 -7.16
CA PRO E 135 2.09 -33.18 -7.67
C PRO E 135 2.63 -33.39 -9.09
N ARG E 136 2.59 -32.31 -9.86
CA ARG E 136 3.04 -32.14 -11.25
C ARG E 136 2.02 -32.70 -12.26
N ARG E 137 1.12 -33.60 -11.83
CA ARG E 137 0.00 -34.06 -12.62
C ARG E 137 -1.15 -33.05 -12.48
N PRO E 138 -1.68 -32.50 -13.59
CA PRO E 138 -2.79 -31.56 -13.57
C PRO E 138 -4.14 -32.27 -13.38
N ILE E 139 -5.17 -31.49 -13.07
CA ILE E 139 -6.57 -31.93 -13.06
C ILE E 139 -7.42 -30.78 -13.59
N ALA E 140 -8.02 -31.00 -14.78
CA ALA E 140 -8.73 -29.99 -15.55
C ALA E 140 -10.22 -30.36 -15.67
N GLN E 141 -11.08 -29.34 -15.69
CA GLN E 141 -12.54 -29.49 -15.71
C GLN E 141 -13.23 -28.15 -16.01
N TRP E 142 -14.54 -28.24 -16.27
CA TRP E 142 -15.49 -27.13 -16.22
C TRP E 142 -16.18 -27.11 -14.85
N HIS E 143 -16.39 -25.90 -14.31
CA HIS E 143 -17.19 -25.63 -13.12
C HIS E 143 -18.12 -24.44 -13.38
N THR E 144 -19.32 -24.51 -12.79
CA THR E 144 -20.34 -23.47 -12.85
C THR E 144 -20.03 -22.38 -11.82
N LEU E 145 -20.24 -21.12 -12.22
CA LEU E 145 -20.02 -19.93 -11.39
C LEU E 145 -21.19 -19.69 -10.42
N GLN E 146 -20.96 -18.80 -9.45
CA GLN E 146 -21.77 -18.58 -8.26
C GLN E 146 -21.83 -17.08 -7.92
N VAL E 147 -22.58 -16.72 -6.87
CA VAL E 147 -22.60 -15.38 -6.30
C VAL E 147 -21.45 -15.20 -5.29
N GLU E 148 -21.23 -13.94 -4.88
CA GLU E 148 -20.13 -13.54 -4.02
C GLU E 148 -20.33 -13.96 -2.55
N GLU E 149 -21.58 -14.21 -2.14
CA GLU E 149 -21.93 -14.62 -0.77
C GLU E 149 -21.78 -16.13 -0.57
N GLU E 150 -21.73 -16.91 -1.67
CA GLU E 150 -21.54 -18.36 -1.66
C GLU E 150 -20.05 -18.75 -1.82
N VAL E 151 -19.13 -17.77 -1.82
CA VAL E 151 -17.70 -17.96 -2.05
C VAL E 151 -16.87 -17.22 -0.99
N ASP E 152 -17.38 -16.09 -0.46
CA ASP E 152 -16.77 -15.39 0.67
C ASP E 152 -17.06 -16.13 2.00
N ALA E 153 -18.16 -16.90 2.06
CA ALA E 153 -18.50 -17.76 3.18
C ALA E 153 -17.64 -19.03 3.26
N MET E 154 -17.01 -19.42 2.13
CA MET E 154 -16.14 -20.59 2.03
C MET E 154 -14.71 -20.32 2.54
N LEU E 155 -14.42 -19.08 2.95
CA LEU E 155 -13.14 -18.66 3.52
C LEU E 155 -13.13 -18.73 5.05
N ALA E 156 -14.31 -18.80 5.69
CA ALA E 156 -14.47 -18.64 7.13
C ALA E 156 -13.95 -19.85 7.92
N ASN A 1 -4.54 24.74 40.28
CA ASN A 1 -5.14 24.78 38.93
C ASN A 1 -6.66 24.63 39.02
N LEU A 2 -7.38 25.68 38.60
CA LEU A 2 -8.83 25.70 38.52
C LEU A 2 -9.27 24.90 37.28
N THR A 3 -10.30 24.07 37.45
CA THR A 3 -10.90 23.29 36.37
C THR A 3 -11.73 24.21 35.47
N SER A 4 -11.60 23.99 34.15
CA SER A 4 -12.14 24.87 33.12
C SER A 4 -12.16 24.18 31.74
N ASN A 5 -12.87 24.81 30.80
CA ASN A 5 -13.00 24.39 29.41
C ASN A 5 -11.71 24.62 28.60
N ARG A 6 -10.64 25.13 29.22
CA ARG A 6 -9.37 25.51 28.60
C ARG A 6 -8.74 24.38 27.78
N ARG A 7 -8.75 23.13 28.27
CA ARG A 7 -8.11 22.02 27.59
C ARG A 7 -8.99 21.44 26.46
N LEU A 8 -10.33 21.53 26.57
CA LEU A 8 -11.25 21.14 25.50
C LEU A 8 -11.23 22.17 24.35
N GLN A 9 -10.91 23.44 24.66
CA GLN A 9 -10.74 24.53 23.70
C GLN A 9 -9.39 24.41 22.97
N GLN A 10 -8.34 23.95 23.66
CA GLN A 10 -7.02 23.72 23.06
C GLN A 10 -6.95 22.41 22.28
N THR A 11 -7.86 21.46 22.52
CA THR A 11 -7.98 20.20 21.78
C THR A 11 -8.88 20.39 20.56
N GLN A 12 -9.79 21.38 20.56
CA GLN A 12 -10.50 21.84 19.38
C GLN A 12 -9.54 22.56 18.43
N ALA A 13 -8.51 23.23 18.96
CA ALA A 13 -7.47 23.91 18.19
C ALA A 13 -6.36 22.95 17.72
N GLN A 14 -6.16 21.82 18.42
CA GLN A 14 -5.21 20.79 18.03
C GLN A 14 -5.78 19.91 16.90
N VAL A 15 -7.10 19.65 16.93
CA VAL A 15 -7.80 18.95 15.86
C VAL A 15 -7.90 19.85 14.62
N ASP A 16 -7.99 21.18 14.78
CA ASP A 16 -8.00 22.13 13.68
C ASP A 16 -6.64 22.16 12.95
N GLU A 17 -5.55 21.87 13.66
CA GLU A 17 -4.20 21.82 13.11
C GLU A 17 -3.93 20.49 12.38
N VAL A 18 -4.50 19.38 12.87
CA VAL A 18 -4.37 18.04 12.26
C VAL A 18 -5.34 17.89 11.08
N VAL A 19 -6.45 18.66 11.06
CA VAL A 19 -7.34 18.80 9.91
C VAL A 19 -6.62 19.56 8.79
N ASP A 20 -5.76 20.53 9.11
CA ASP A 20 -5.01 21.29 8.11
C ASP A 20 -3.87 20.45 7.49
N ILE A 21 -3.28 19.51 8.25
CA ILE A 21 -2.30 18.55 7.73
C ILE A 21 -3.00 17.58 6.78
N MET A 22 -4.22 17.14 7.10
CA MET A 22 -4.99 16.20 6.30
C MET A 22 -5.65 16.85 5.07
N ARG A 23 -5.82 18.18 5.04
CA ARG A 23 -6.31 18.92 3.89
C ARG A 23 -5.19 19.16 2.87
N VAL A 24 -3.93 19.24 3.33
CA VAL A 24 -2.74 19.31 2.48
C VAL A 24 -2.42 17.91 1.92
N ASN A 25 -2.74 16.84 2.68
CA ASN A 25 -2.54 15.46 2.24
C ASN A 25 -3.63 15.02 1.26
N VAL A 26 -4.85 15.58 1.35
CA VAL A 26 -5.91 15.35 0.36
C VAL A 26 -5.58 16.14 -0.93
N ASP A 27 -5.00 17.34 -0.82
CA ASP A 27 -4.61 18.15 -1.97
C ASP A 27 -3.46 17.50 -2.75
N LYS A 28 -2.57 16.76 -2.07
CA LYS A 28 -1.42 16.09 -2.67
C LYS A 28 -1.77 14.69 -3.18
N VAL A 29 -2.82 14.03 -2.65
CA VAL A 29 -3.33 12.76 -3.14
C VAL A 29 -4.21 12.98 -4.38
N LEU A 30 -4.89 14.13 -4.49
CA LEU A 30 -5.59 14.54 -5.69
C LEU A 30 -4.64 15.12 -6.74
N GLU A 31 -3.40 15.49 -6.34
CA GLU A 31 -2.32 15.80 -7.27
C GLU A 31 -1.66 14.52 -7.79
N ARG A 32 -1.59 13.45 -6.98
CA ARG A 32 -1.14 12.13 -7.42
C ARG A 32 -2.14 11.53 -8.41
N ASP A 33 -3.43 11.88 -8.34
CA ASP A 33 -4.46 11.34 -9.22
C ASP A 33 -4.31 11.84 -10.65
N GLN A 34 -3.87 13.09 -10.85
CA GLN A 34 -3.63 13.68 -12.17
C GLN A 34 -2.24 13.33 -12.73
N LYS A 35 -1.26 12.99 -11.88
CA LYS A 35 0.04 12.49 -12.33
C LYS A 35 -0.04 11.00 -12.72
N LEU A 36 -0.97 10.24 -12.12
CA LEU A 36 -1.19 8.82 -12.42
C LEU A 36 -2.17 8.62 -13.57
N SER A 37 -3.01 9.62 -13.90
CA SER A 37 -3.82 9.58 -15.11
C SER A 37 -2.97 9.89 -16.36
N GLU A 38 -1.87 10.64 -16.18
CA GLU A 38 -0.87 10.88 -17.21
C GLU A 38 0.10 9.70 -17.32
N LEU A 39 0.48 9.07 -16.20
CA LEU A 39 1.45 7.96 -16.21
C LEU A 39 0.80 6.64 -16.64
N ASP A 40 -0.51 6.45 -16.42
CA ASP A 40 -1.23 5.28 -16.92
C ASP A 40 -1.50 5.39 -18.43
N ASP A 41 -1.56 6.63 -18.96
CA ASP A 41 -1.69 6.91 -20.38
C ASP A 41 -0.32 6.82 -21.09
N ARG A 42 0.77 7.17 -20.40
CA ARG A 42 2.14 7.13 -20.92
C ARG A 42 2.77 5.73 -20.79
N ALA A 43 2.27 4.89 -19.87
CA ALA A 43 2.66 3.49 -19.73
C ALA A 43 1.89 2.60 -20.70
N ASP A 44 0.69 3.02 -21.13
CA ASP A 44 -0.09 2.37 -22.17
C ASP A 44 0.43 2.75 -23.57
N ALA A 45 0.99 3.97 -23.72
CA ALA A 45 1.60 4.45 -24.95
C ALA A 45 3.05 3.96 -25.11
N LEU A 46 3.72 3.62 -24.00
CA LEU A 46 5.04 3.01 -23.99
C LEU A 46 4.92 1.50 -24.29
N GLN A 47 3.85 0.86 -23.80
CA GLN A 47 3.52 -0.53 -24.08
C GLN A 47 3.04 -0.69 -25.53
N ALA A 48 2.41 0.34 -26.11
CA ALA A 48 1.94 0.34 -27.49
C ALA A 48 3.11 0.54 -28.47
N GLY A 49 4.11 1.36 -28.11
CA GLY A 49 5.31 1.57 -28.90
C GLY A 49 6.30 0.39 -28.80
N ALA A 50 6.19 -0.40 -27.72
CA ALA A 50 7.00 -1.59 -27.49
C ALA A 50 6.41 -2.82 -28.19
N SER A 51 5.08 -2.96 -28.22
CA SER A 51 4.39 -4.07 -28.86
C SER A 51 4.46 -3.98 -30.39
N GLN A 52 4.55 -2.76 -30.95
CA GLN A 52 4.74 -2.52 -32.37
C GLN A 52 6.21 -2.77 -32.76
N PHE A 53 7.17 -2.50 -31.86
CA PHE A 53 8.59 -2.77 -32.09
C PHE A 53 8.89 -4.27 -32.00
N GLU A 54 8.08 -5.04 -31.25
CA GLU A 54 8.17 -6.50 -31.17
C GLU A 54 7.57 -7.15 -32.42
N THR A 55 6.53 -6.55 -33.01
CA THR A 55 5.91 -6.99 -34.27
C THR A 55 6.83 -6.68 -35.46
N SER A 56 7.55 -5.55 -35.41
CA SER A 56 8.48 -5.13 -36.46
C SER A 56 9.75 -5.98 -36.43
N ALA A 57 10.25 -6.34 -35.24
CA ALA A 57 11.47 -7.11 -35.06
C ALA A 57 11.28 -8.58 -35.42
N ALA A 58 10.06 -9.12 -35.21
CA ALA A 58 9.69 -10.47 -35.61
C ALA A 58 9.53 -10.59 -37.13
N LYS A 59 9.19 -9.49 -37.82
CA LYS A 59 9.02 -9.43 -39.26
C LYS A 59 10.32 -9.03 -39.97
N LEU A 60 11.28 -8.40 -39.27
CA LEU A 60 12.65 -8.20 -39.74
C LEU A 60 13.43 -9.52 -39.66
N LYS A 61 13.15 -10.36 -38.65
CA LYS A 61 13.71 -11.70 -38.53
C LYS A 61 13.08 -12.64 -39.59
N ARG A 62 11.83 -12.38 -40.01
CA ARG A 62 11.17 -13.11 -41.08
C ARG A 62 11.72 -12.71 -42.47
N LYS A 63 12.26 -11.48 -42.59
CA LYS A 63 12.79 -10.94 -43.84
C LYS A 63 14.24 -11.37 -44.08
N TYR A 64 15.08 -11.41 -43.02
CA TYR A 64 16.53 -11.45 -43.15
C TYR A 64 17.14 -12.77 -42.65
N TRP A 65 16.65 -13.33 -41.53
CA TRP A 65 17.22 -14.51 -40.89
C TRP A 65 16.56 -15.82 -41.34
N TRP A 66 15.29 -15.78 -41.78
CA TRP A 66 14.43 -16.96 -41.86
C TRP A 66 14.82 -17.97 -42.95
N LYS A 67 15.39 -17.51 -44.07
CA LYS A 67 15.74 -18.36 -45.21
C LYS A 67 17.07 -19.10 -44.98
N ASN A 68 17.91 -18.65 -44.03
CA ASN A 68 19.18 -19.27 -43.69
C ASN A 68 18.97 -20.64 -43.03
N LEU A 69 19.81 -21.61 -43.40
CA LEU A 69 19.75 -22.99 -42.91
C LEU A 69 20.44 -23.09 -41.55
N SER B 1 -36.38 29.95 35.35
CA SER B 1 -35.32 30.49 34.48
C SER B 1 -34.42 29.36 33.96
N LYS B 2 -34.19 29.35 32.64
CA LYS B 2 -33.42 28.34 31.94
C LYS B 2 -31.93 28.70 31.77
N GLN B 3 -31.47 29.85 32.30
CA GLN B 3 -30.12 30.37 32.07
C GLN B 3 -29.03 29.45 32.64
N ALA B 4 -29.28 28.83 33.80
CA ALA B 4 -28.33 27.94 34.47
C ALA B 4 -28.28 26.55 33.81
N LEU B 5 -29.37 26.12 33.14
CA LEU B 5 -29.40 24.90 32.35
C LEU B 5 -28.78 25.12 30.97
N SER B 6 -28.86 26.35 30.43
CA SER B 6 -28.23 26.73 29.17
C SER B 6 -26.70 26.80 29.30
N GLU B 7 -26.17 26.89 30.53
CA GLU B 7 -24.74 26.81 30.81
C GLU B 7 -24.24 25.37 30.75
N ILE B 8 -25.08 24.40 31.15
CA ILE B 8 -24.80 22.96 31.06
C ILE B 8 -24.93 22.51 29.58
N GLU B 9 -25.84 23.12 28.82
CA GLU B 9 -26.04 22.87 27.39
C GLU B 9 -24.86 23.41 26.56
N THR B 10 -24.24 24.53 26.99
CA THR B 10 -23.10 25.13 26.30
C THR B 10 -21.84 24.27 26.50
N ARG B 11 -21.65 23.71 27.71
CA ARG B 11 -20.51 22.85 28.04
C ARG B 11 -20.61 21.52 27.28
N HIS B 12 -21.83 20.99 27.10
CA HIS B 12 -22.11 19.82 26.27
C HIS B 12 -21.88 20.13 24.78
N SER B 13 -22.15 21.37 24.34
CA SER B 13 -22.01 21.79 22.95
C SER B 13 -20.56 21.99 22.53
N GLU B 14 -19.59 22.01 23.47
CA GLU B 14 -18.16 21.99 23.15
C GLU B 14 -17.67 20.57 22.82
N ILE B 15 -18.38 19.54 23.30
CA ILE B 15 -18.00 18.13 23.19
C ILE B 15 -18.55 17.53 21.89
N ILE B 16 -19.78 17.90 21.48
CA ILE B 16 -20.35 17.52 20.19
C ILE B 16 -19.85 18.42 19.03
N LYS B 17 -19.16 19.54 19.34
CA LYS B 17 -18.48 20.38 18.36
C LYS B 17 -17.06 19.90 18.11
N LEU B 18 -16.40 19.32 19.13
CA LEU B 18 -15.16 18.57 18.93
C LEU B 18 -15.46 17.29 18.13
N GLU B 19 -16.66 16.70 18.30
CA GLU B 19 -17.10 15.54 17.53
C GLU B 19 -17.40 15.91 16.08
N ASN B 20 -17.86 17.14 15.81
CA ASN B 20 -18.14 17.60 14.46
C ASN B 20 -16.86 17.76 13.62
N SER B 21 -15.70 17.96 14.27
CA SER B 21 -14.39 18.10 13.62
C SER B 21 -13.55 16.81 13.66
N ILE B 22 -13.86 15.85 14.55
CA ILE B 22 -13.22 14.54 14.61
C ILE B 22 -13.96 13.54 13.70
N ARG B 23 -15.26 13.74 13.46
CA ARG B 23 -16.07 12.97 12.53
C ARG B 23 -15.79 13.39 11.09
N GLU B 24 -15.49 14.68 10.86
CA GLU B 24 -15.08 15.19 9.56
C GLU B 24 -13.62 14.76 9.26
N LEU B 25 -12.77 14.65 10.29
CA LEU B 25 -11.40 14.19 10.15
C LEU B 25 -11.35 12.69 9.85
N HIS B 26 -12.22 11.88 10.48
CA HIS B 26 -12.32 10.45 10.24
C HIS B 26 -12.93 10.13 8.88
N ASP B 27 -13.88 10.97 8.40
CA ASP B 27 -14.46 10.85 7.08
C ASP B 27 -13.47 11.29 5.98
N MET B 28 -12.44 12.08 6.35
CA MET B 28 -11.35 12.50 5.47
C MET B 28 -10.23 11.45 5.44
N PHE B 29 -10.07 10.65 6.52
CA PHE B 29 -9.18 9.50 6.57
C PHE B 29 -9.78 8.27 5.88
N MET B 30 -11.12 8.18 5.82
CA MET B 30 -11.87 7.09 5.21
C MET B 30 -12.11 7.36 3.72
N ASP B 31 -12.16 8.64 3.32
CA ASP B 31 -12.12 9.06 1.93
C ASP B 31 -10.70 8.94 1.35
N MET B 32 -9.66 9.10 2.19
CA MET B 32 -8.27 8.88 1.81
C MET B 32 -7.94 7.39 1.73
N ALA B 33 -8.62 6.54 2.51
CA ALA B 33 -8.49 5.09 2.43
C ALA B 33 -9.09 4.55 1.12
N MET B 34 -10.03 5.28 0.51
CA MET B 34 -10.59 4.96 -0.80
C MET B 34 -9.68 5.53 -1.91
N LEU B 35 -9.20 6.78 -1.77
CA LEU B 35 -8.45 7.48 -2.81
C LEU B 35 -7.09 6.83 -3.09
N VAL B 36 -6.33 6.47 -2.04
CA VAL B 36 -4.99 5.89 -2.15
C VAL B 36 -5.07 4.42 -2.64
N GLU B 37 -6.19 3.72 -2.35
CA GLU B 37 -6.42 2.35 -2.78
C GLU B 37 -6.88 2.28 -4.26
N SER B 38 -7.64 3.28 -4.73
CA SER B 38 -8.11 3.39 -6.10
C SER B 38 -7.05 3.99 -7.03
N GLN B 39 -6.10 4.74 -6.48
CA GLN B 39 -4.85 5.12 -7.13
C GLN B 39 -3.80 4.00 -7.03
N GLY B 40 -4.05 2.99 -6.18
CA GLY B 40 -3.28 1.76 -6.10
C GLY B 40 -3.69 0.76 -7.20
N GLU B 41 -4.89 0.92 -7.79
CA GLU B 41 -5.29 0.21 -9.00
C GLU B 41 -4.52 0.74 -10.21
N MET B 42 -4.23 2.05 -10.24
CA MET B 42 -3.48 2.70 -11.29
C MET B 42 -2.01 2.26 -11.24
N ILE B 43 -1.41 2.21 -10.04
CA ILE B 43 -0.01 1.86 -9.82
C ILE B 43 0.24 0.37 -10.12
N ASP B 44 -0.73 -0.51 -9.84
CA ASP B 44 -0.64 -1.94 -10.15
C ASP B 44 -0.80 -2.20 -11.65
N ARG B 45 -1.58 -1.36 -12.36
CA ARG B 45 -1.80 -1.45 -13.79
C ARG B 45 -0.61 -0.88 -14.58
N ILE B 46 0.07 0.14 -14.05
CA ILE B 46 1.29 0.71 -14.61
C ILE B 46 2.43 -0.31 -14.42
N GLU B 47 2.50 -0.98 -13.26
CA GLU B 47 3.55 -1.96 -12.95
C GLU B 47 3.38 -3.25 -13.77
N TYR B 48 2.16 -3.59 -14.18
CA TYR B 48 1.88 -4.76 -15.03
C TYR B 48 2.07 -4.44 -16.51
N ASN B 49 1.82 -3.19 -16.95
CA ASN B 49 1.96 -2.77 -18.34
C ASN B 49 3.41 -2.44 -18.70
N VAL B 50 4.23 -2.02 -17.71
CA VAL B 50 5.65 -1.73 -17.88
C VAL B 50 6.47 -3.02 -17.72
N GLU B 51 5.96 -4.02 -16.99
CA GLU B 51 6.55 -5.36 -16.94
C GLU B 51 6.40 -6.08 -18.29
N HIS B 52 5.29 -5.83 -18.99
CA HIS B 52 5.03 -6.34 -20.34
C HIS B 52 5.71 -5.49 -21.42
N ALA B 53 5.98 -4.19 -21.16
CA ALA B 53 6.71 -3.33 -22.09
C ALA B 53 8.21 -3.58 -22.03
N VAL B 54 8.74 -4.02 -20.87
CA VAL B 54 10.12 -4.45 -20.70
C VAL B 54 10.33 -5.81 -21.40
N ASP B 55 9.31 -6.69 -21.39
CA ASP B 55 9.35 -7.98 -22.04
C ASP B 55 9.22 -7.85 -23.57
N TYR B 56 8.43 -6.89 -24.05
CA TYR B 56 8.30 -6.59 -25.47
C TYR B 56 9.61 -6.02 -26.03
N VAL B 57 10.28 -5.11 -25.29
CA VAL B 57 11.50 -4.44 -25.74
C VAL B 57 12.69 -5.38 -25.71
N GLU B 58 12.82 -6.26 -24.72
CA GLU B 58 13.96 -7.15 -24.58
C GLU B 58 13.98 -8.18 -25.72
N ARG B 59 12.81 -8.72 -26.10
CA ARG B 59 12.66 -9.69 -27.17
C ARG B 59 12.67 -9.02 -28.56
N ALA B 60 12.30 -7.73 -28.64
CA ALA B 60 12.36 -6.97 -29.89
C ALA B 60 13.81 -6.66 -30.26
N VAL B 61 14.67 -6.34 -29.28
CA VAL B 61 16.07 -6.04 -29.50
C VAL B 61 16.87 -7.33 -29.80
N SER B 62 16.40 -8.49 -29.34
CA SER B 62 17.02 -9.78 -29.63
C SER B 62 16.73 -10.25 -31.06
N ASP B 63 15.55 -9.93 -31.60
CA ASP B 63 15.15 -10.28 -32.96
C ASP B 63 15.55 -9.21 -33.98
N THR B 64 15.91 -7.99 -33.53
CA THR B 64 16.46 -6.93 -34.38
C THR B 64 17.94 -7.17 -34.62
N LYS B 65 18.73 -7.51 -33.57
CA LYS B 65 20.17 -7.75 -33.73
C LYS B 65 20.46 -9.09 -34.44
N LYS B 66 19.50 -10.03 -34.42
CA LYS B 66 19.57 -11.26 -35.21
C LYS B 66 19.27 -10.99 -36.69
N ALA B 67 18.36 -10.05 -37.00
CA ALA B 67 18.02 -9.66 -38.37
C ALA B 67 19.12 -8.83 -39.03
N VAL B 68 20.03 -8.22 -38.24
CA VAL B 68 21.14 -7.39 -38.69
C VAL B 68 22.39 -8.24 -38.97
N LYS B 69 22.49 -9.44 -38.36
CA LYS B 69 23.55 -10.42 -38.63
C LYS B 69 23.36 -11.16 -39.96
N TYR B 70 22.18 -11.03 -40.59
CA TYR B 70 21.84 -11.66 -41.86
C TYR B 70 21.13 -10.65 -42.79
N GLN B 71 21.53 -9.36 -42.70
CA GLN B 71 20.94 -8.22 -43.41
C GLN B 71 21.00 -8.31 -44.95
N SER B 72 21.68 -9.31 -45.52
CA SER B 72 21.74 -9.59 -46.94
C SER B 72 21.65 -11.10 -47.15
N MET C 1 -44.74 24.04 39.89
CA MET C 1 -43.27 24.07 39.86
C MET C 1 -42.66 22.72 39.51
N ARG C 2 -43.28 21.61 39.95
CA ARG C 2 -42.69 20.27 39.86
C ARG C 2 -42.38 19.87 38.42
N ASN C 3 -43.25 20.17 37.44
CA ASN C 3 -43.02 19.79 36.05
C ASN C 3 -41.92 20.63 35.39
N GLU C 4 -41.74 21.91 35.80
CA GLU C 4 -40.67 22.75 35.32
C GLU C 4 -39.31 22.23 35.83
N LEU C 5 -39.24 21.83 37.10
CA LEU C 5 -38.03 21.30 37.72
C LEU C 5 -37.70 19.88 37.19
N GLU C 6 -38.72 19.08 36.87
CA GLU C 6 -38.56 17.72 36.36
C GLU C 6 -37.97 17.74 34.95
N GLU C 7 -38.38 18.69 34.10
CA GLU C 7 -37.90 18.83 32.73
C GLU C 7 -36.46 19.37 32.69
N MET C 8 -36.01 20.10 33.71
CA MET C 8 -34.63 20.59 33.83
C MET C 8 -33.70 19.53 34.43
N GLN C 9 -34.24 18.57 35.21
CA GLN C 9 -33.50 17.46 35.80
C GLN C 9 -33.36 16.29 34.80
N ARG C 10 -34.35 16.09 33.93
CA ARG C 10 -34.32 15.12 32.84
C ARG C 10 -33.38 15.59 31.74
N ARG C 11 -33.27 16.91 31.52
CA ARG C 11 -32.38 17.49 30.54
C ARG C 11 -30.93 17.51 31.06
N ALA C 12 -30.71 17.67 32.36
CA ALA C 12 -29.37 17.61 32.96
C ALA C 12 -28.80 16.18 32.94
N ASP C 13 -29.68 15.16 33.01
CA ASP C 13 -29.33 13.75 32.88
C ASP C 13 -29.04 13.39 31.41
N GLN C 14 -29.77 14.02 30.47
CA GLN C 14 -29.64 13.81 29.03
C GLN C 14 -28.33 14.41 28.50
N LEU C 15 -27.87 15.54 29.06
CA LEU C 15 -26.66 16.24 28.65
C LEU C 15 -25.41 15.55 29.20
N ALA C 16 -25.51 14.89 30.37
CA ALA C 16 -24.43 14.11 30.96
C ALA C 16 -24.25 12.76 30.25
N ASP C 17 -25.32 12.25 29.61
CA ASP C 17 -25.29 11.01 28.84
C ASP C 17 -24.82 11.26 27.40
N GLU C 18 -25.24 12.38 26.78
CA GLU C 18 -24.92 12.69 25.40
C GLU C 18 -23.54 13.36 25.24
N SER C 19 -22.94 13.85 26.33
CA SER C 19 -21.53 14.23 26.36
C SER C 19 -20.65 12.98 26.51
N LEU C 20 -21.08 12.00 27.31
CA LEU C 20 -20.32 10.78 27.56
C LEU C 20 -20.35 9.83 26.36
N GLU C 21 -21.48 9.74 25.66
CA GLU C 21 -21.61 8.96 24.44
C GLU C 21 -20.96 9.68 23.24
N SER C 22 -20.77 11.01 23.31
CA SER C 22 -20.03 11.75 22.30
C SER C 22 -18.52 11.53 22.44
N THR C 23 -17.99 11.39 23.67
CA THR C 23 -16.57 11.12 23.90
C THR C 23 -16.20 9.66 23.64
N ARG C 24 -17.19 8.75 23.63
CA ARG C 24 -17.01 7.33 23.30
C ARG C 24 -17.13 7.09 21.79
N ARG C 25 -17.89 7.95 21.08
CA ARG C 25 -17.94 7.95 19.61
C ARG C 25 -16.70 8.65 19.04
N MET C 26 -16.19 9.71 19.68
CA MET C 26 -14.94 10.36 19.29
C MET C 26 -13.74 9.43 19.52
N LEU C 27 -13.83 8.50 20.49
CA LEU C 27 -12.79 7.52 20.79
C LEU C 27 -12.76 6.40 19.74
N GLN C 28 -13.87 6.14 19.04
CA GLN C 28 -13.92 5.22 17.91
C GLN C 28 -13.43 5.92 16.63
N LEU C 29 -13.82 7.18 16.41
CA LEU C 29 -13.54 7.93 15.19
C LEU C 29 -12.05 8.24 15.07
N VAL C 30 -11.40 8.70 16.16
CA VAL C 30 -10.01 9.17 16.14
C VAL C 30 -9.00 8.01 16.23
N GLU C 31 -9.44 6.84 16.72
CA GLU C 31 -8.63 5.63 16.81
C GLU C 31 -8.71 4.82 15.50
N GLU C 32 -9.77 5.02 14.70
CA GLU C 32 -9.89 4.50 13.34
C GLU C 32 -9.38 5.52 12.30
N SER C 33 -9.05 6.75 12.71
CA SER C 33 -8.24 7.69 11.93
C SER C 33 -6.76 7.29 12.01
N LYS C 34 -6.34 6.68 13.13
CA LYS C 34 -5.01 6.10 13.30
C LYS C 34 -4.91 4.76 12.55
N ASP C 35 -5.98 3.97 12.50
CA ASP C 35 -6.00 2.67 11.81
C ASP C 35 -6.04 2.85 10.29
N ALA C 36 -6.71 3.91 9.80
CA ALA C 36 -6.73 4.29 8.40
C ALA C 36 -5.47 5.08 7.99
N GLY C 37 -4.74 5.64 8.97
CA GLY C 37 -3.47 6.30 8.76
C GLY C 37 -2.32 5.28 8.70
N ILE C 38 -2.47 4.13 9.37
CA ILE C 38 -1.57 2.98 9.25
C ILE C 38 -1.83 2.28 7.91
N ARG C 39 -3.09 2.21 7.45
CA ARG C 39 -3.44 1.56 6.19
C ARG C 39 -2.95 2.37 4.99
N THR C 40 -2.90 3.71 5.09
CA THR C 40 -2.35 4.57 4.05
C THR C 40 -0.81 4.53 4.07
N LEU C 41 -0.18 4.41 5.24
CA LEU C 41 1.27 4.27 5.37
C LEU C 41 1.76 2.92 4.83
N VAL C 42 0.98 1.85 4.97
CA VAL C 42 1.30 0.50 4.50
C VAL C 42 1.01 0.37 3.00
N MET C 43 0.04 1.12 2.47
CA MET C 43 -0.19 1.20 1.03
C MET C 43 0.98 1.92 0.34
N LEU C 44 1.55 2.97 0.95
CA LEU C 44 2.71 3.68 0.42
C LEU C 44 4.00 2.86 0.59
N ASP C 45 4.06 1.95 1.59
CA ASP C 45 5.21 1.09 1.83
C ASP C 45 5.31 -0.04 0.79
N GLU C 46 4.23 -0.31 0.03
CA GLU C 46 4.16 -1.36 -0.99
C GLU C 46 3.98 -0.78 -2.40
N GLN C 47 3.38 0.40 -2.54
CA GLN C 47 3.19 1.10 -3.82
C GLN C 47 4.47 1.83 -4.23
N GLY C 48 5.33 2.21 -3.27
CA GLY C 48 6.65 2.77 -3.56
C GLY C 48 7.63 1.71 -4.07
N GLU C 49 7.33 0.42 -3.86
CA GLU C 49 8.10 -0.72 -4.37
C GLU C 49 7.59 -1.16 -5.75
N GLN C 50 6.30 -0.92 -6.05
CA GLN C 50 5.74 -1.10 -7.39
C GLN C 50 6.24 0.01 -8.33
N LEU C 51 6.37 1.24 -7.81
CA LEU C 51 6.92 2.39 -8.53
C LEU C 51 8.44 2.28 -8.69
N ASP C 52 9.12 1.51 -7.82
CA ASP C 52 10.55 1.23 -7.96
C ASP C 52 10.82 0.20 -9.06
N ARG C 53 9.90 -0.77 -9.26
CA ARG C 53 9.97 -1.75 -10.35
C ARG C 53 9.61 -1.11 -11.70
N VAL C 54 8.78 -0.05 -11.69
CA VAL C 54 8.43 0.72 -12.88
C VAL C 54 9.64 1.57 -13.30
N GLU C 55 10.28 2.27 -12.36
CA GLU C 55 11.40 3.17 -12.60
C GLU C 55 12.66 2.41 -13.03
N GLU C 56 12.85 1.18 -12.53
CA GLU C 56 13.91 0.27 -12.94
C GLU C 56 13.64 -0.30 -14.33
N GLY C 57 12.35 -0.40 -14.72
CA GLY C 57 11.92 -0.83 -16.04
C GLY C 57 12.02 0.29 -17.09
N MET C 58 12.02 1.56 -16.68
CA MET C 58 12.30 2.69 -17.56
C MET C 58 13.79 2.76 -17.89
N ASN C 59 14.66 2.42 -16.92
CA ASN C 59 16.10 2.39 -17.09
C ASN C 59 16.55 1.15 -17.88
N HIS C 60 15.80 0.05 -17.84
CA HIS C 60 16.08 -1.16 -18.60
C HIS C 60 15.70 -0.97 -20.07
N ILE C 61 14.62 -0.21 -20.35
CA ILE C 61 14.21 0.18 -21.69
C ILE C 61 15.22 1.17 -22.28
N ASN C 62 15.83 2.04 -21.45
CA ASN C 62 16.84 3.01 -21.89
C ASN C 62 18.14 2.30 -22.32
N GLN C 63 18.50 1.19 -21.66
CA GLN C 63 19.70 0.40 -21.95
C GLN C 63 19.48 -0.54 -23.15
N ASP C 64 18.24 -0.95 -23.44
CA ASP C 64 17.89 -1.78 -24.58
C ASP C 64 17.80 -0.93 -25.85
N MET C 65 17.34 0.33 -25.75
CA MET C 65 17.27 1.28 -26.86
C MET C 65 18.65 1.76 -27.30
N LYS C 66 19.69 1.59 -26.47
CA LYS C 66 21.07 1.93 -26.79
C LYS C 66 21.64 0.92 -27.80
N GLU C 67 21.40 -0.39 -27.58
CA GLU C 67 21.81 -1.46 -28.48
C GLU C 67 20.90 -1.53 -29.73
N ALA C 68 19.64 -1.12 -29.61
CA ALA C 68 18.69 -1.10 -30.72
C ALA C 68 19.15 -0.12 -31.81
N GLU C 69 19.57 1.08 -31.39
CA GLU C 69 19.98 2.17 -32.26
C GLU C 69 21.40 1.97 -32.82
N LYS C 70 22.21 1.10 -32.20
CA LYS C 70 23.53 0.70 -32.70
C LYS C 70 23.38 -0.30 -33.87
N ASN C 71 22.42 -1.23 -33.76
CA ASN C 71 22.13 -2.23 -34.79
C ASN C 71 21.31 -1.65 -35.95
N LEU C 72 20.50 -0.61 -35.72
CA LEU C 72 19.78 0.12 -36.77
C LEU C 72 20.71 1.01 -37.59
N LYS C 73 21.83 1.47 -37.00
CA LYS C 73 22.85 2.26 -37.69
C LYS C 73 23.72 1.35 -38.58
N ASP C 74 23.92 0.08 -38.19
CA ASP C 74 24.66 -0.92 -38.94
C ASP C 74 23.82 -1.54 -40.07
N LEU C 75 22.48 -1.46 -40.01
CA LEU C 75 21.56 -2.11 -40.92
C LEU C 75 21.54 -1.43 -42.28
N GLY C 76 22.14 -2.08 -43.28
CA GLY C 76 22.03 -1.74 -44.69
C GLY C 76 22.64 -0.37 -45.03
N LYS C 77 22.10 0.22 -46.11
CA LYS C 77 22.45 1.55 -46.62
C LYS C 77 21.17 2.22 -47.11
N GLY D 1 -6.54 15.69 35.05
CA GLY D 1 -7.82 15.84 35.75
C GLY D 1 -8.25 17.30 35.82
N GLY D 2 -9.07 17.73 34.85
CA GLY D 2 -9.48 19.11 34.67
C GLY D 2 -9.62 19.48 33.19
N PHE D 3 -9.85 18.48 32.32
CA PHE D 3 -10.03 18.65 30.87
C PHE D 3 -11.22 19.55 30.54
N ILE D 4 -12.28 19.47 31.36
CA ILE D 4 -13.44 20.34 31.32
C ILE D 4 -13.65 20.98 32.71
N ARG D 5 -14.51 22.00 32.75
CA ARG D 5 -15.00 22.61 33.98
C ARG D 5 -15.81 21.58 34.77
N ARG D 6 -15.54 21.46 36.07
CA ARG D 6 -16.32 20.63 36.98
C ARG D 6 -17.47 21.45 37.56
N VAL D 7 -18.68 20.85 37.59
CA VAL D 7 -19.92 21.53 37.95
C VAL D 7 -20.78 20.63 38.84
N THR D 8 -20.84 19.32 38.55
CA THR D 8 -21.72 18.36 39.23
C THR D 8 -20.92 17.29 39.97
N ASN D 9 -21.60 16.58 40.88
CA ASN D 9 -21.09 15.45 41.65
C ASN D 9 -21.08 14.13 40.84
N ASP D 10 -21.53 14.17 39.58
CA ASP D 10 -21.77 13.01 38.73
C ASP D 10 -20.45 12.30 38.36
N ALA D 11 -20.48 10.96 38.33
CA ALA D 11 -19.36 10.12 37.93
C ALA D 11 -19.20 10.05 36.40
N ARG D 12 -20.24 10.42 35.63
CA ARG D 12 -20.19 10.54 34.17
C ARG D 12 -19.40 11.78 33.75
N GLU D 13 -19.31 12.81 34.60
CA GLU D 13 -18.52 14.02 34.37
C GLU D 13 -17.01 13.69 34.44
N ASN D 14 -16.61 12.79 35.33
CA ASN D 14 -15.24 12.29 35.42
C ASN D 14 -14.93 11.31 34.28
N GLU D 15 -15.93 10.56 33.81
CA GLU D 15 -15.74 9.56 32.77
C GLU D 15 -15.54 10.21 31.40
N MET D 16 -16.25 11.32 31.11
CA MET D 16 -16.09 12.09 29.87
C MET D 16 -14.81 12.94 29.90
N ASP D 17 -14.30 13.30 31.08
CA ASP D 17 -13.05 14.04 31.27
C ASP D 17 -11.84 13.16 30.96
N GLU D 18 -11.93 11.87 31.29
CA GLU D 18 -10.87 10.87 31.07
C GLU D 18 -11.01 10.18 29.70
N ASN D 19 -12.18 10.29 29.03
CA ASN D 19 -12.36 9.89 27.64
C ASN D 19 -11.91 11.01 26.69
N LEU D 20 -11.90 12.28 27.15
CA LEU D 20 -11.27 13.39 26.45
C LEU D 20 -9.76 13.38 26.63
N GLU D 21 -9.26 12.81 27.73
CA GLU D 21 -7.82 12.61 27.97
C GLU D 21 -7.27 11.48 27.09
N GLN D 22 -8.09 10.45 26.82
CA GLN D 22 -7.71 9.31 25.97
C GLN D 22 -7.83 9.68 24.48
N VAL D 23 -8.82 10.51 24.12
CA VAL D 23 -8.95 11.08 22.78
C VAL D 23 -7.76 12.02 22.50
N SER D 24 -7.29 12.77 23.51
CA SER D 24 -6.15 13.67 23.40
C SER D 24 -4.80 12.93 23.32
N GLY D 25 -4.74 11.69 23.81
CA GLY D 25 -3.55 10.84 23.73
C GLY D 25 -3.43 10.14 22.37
N ILE D 26 -4.56 9.94 21.67
CA ILE D 26 -4.62 9.34 20.33
C ILE D 26 -4.53 10.44 19.27
N ILE D 27 -4.93 11.69 19.58
CA ILE D 27 -4.58 12.89 18.81
C ILE D 27 -3.08 13.18 18.99
N GLY D 28 -2.50 12.82 20.15
CA GLY D 28 -1.09 12.94 20.44
C GLY D 28 -0.23 11.91 19.68
N ASN D 29 -0.87 10.90 19.06
CA ASN D 29 -0.25 9.93 18.17
C ASN D 29 -0.52 10.30 16.70
N LEU D 30 -1.72 10.83 16.40
CA LEU D 30 -2.21 11.11 15.06
C LEU D 30 -1.61 12.40 14.47
N ARG D 31 -1.12 13.31 15.34
CA ARG D 31 -0.42 14.53 14.93
C ARG D 31 0.99 14.23 14.41
N HIS D 32 1.59 13.09 14.81
CA HIS D 32 2.88 12.62 14.37
C HIS D 32 2.75 11.65 13.19
N MET D 33 1.62 10.91 13.13
CA MET D 33 1.37 9.89 12.11
C MET D 33 0.92 10.54 10.80
N ALA D 34 0.07 11.57 10.85
CA ALA D 34 -0.40 12.32 9.68
C ALA D 34 0.69 13.25 9.13
N LEU D 35 1.68 13.61 9.95
CA LEU D 35 2.81 14.46 9.58
C LEU D 35 3.89 13.63 8.87
N ASP D 36 4.15 12.40 9.35
CA ASP D 36 5.08 11.45 8.75
C ASP D 36 4.49 10.86 7.46
N MET D 37 3.17 10.63 7.44
CA MET D 37 2.43 10.18 6.26
C MET D 37 2.35 11.32 5.23
N GLY D 38 2.36 12.58 5.65
CA GLY D 38 2.36 13.74 4.76
C GLY D 38 3.71 13.90 4.05
N ASN D 39 4.79 13.36 4.61
CA ASN D 39 6.11 13.30 3.98
C ASN D 39 6.21 12.09 3.04
N GLU D 40 5.58 10.95 3.36
CA GLU D 40 5.58 9.75 2.53
C GLU D 40 4.65 9.89 1.32
N ILE D 41 3.63 10.74 1.40
CA ILE D 41 2.74 11.08 0.30
C ILE D 41 3.48 12.02 -0.68
N ASP D 42 4.26 12.98 -0.16
CA ASP D 42 4.89 14.02 -0.95
C ASP D 42 6.18 13.55 -1.63
N THR D 43 6.96 12.68 -0.97
CA THR D 43 8.21 12.14 -1.52
C THR D 43 7.92 11.13 -2.63
N GLN D 44 6.81 10.37 -2.53
CA GLN D 44 6.38 9.40 -3.52
C GLN D 44 5.52 10.06 -4.62
N ASN D 45 4.92 11.23 -4.37
CA ASN D 45 4.32 12.07 -5.40
C ASN D 45 5.41 12.62 -6.34
N ARG D 46 6.61 12.88 -5.79
CA ARG D 46 7.77 13.38 -6.52
C ARG D 46 8.59 12.23 -7.13
N GLN D 47 8.35 10.98 -6.72
CA GLN D 47 8.82 9.79 -7.41
C GLN D 47 7.96 9.55 -8.65
N ILE D 48 6.63 9.71 -8.54
CA ILE D 48 5.68 9.58 -9.65
C ILE D 48 5.93 10.70 -10.68
N ASP D 49 6.35 11.90 -10.22
CA ASP D 49 6.65 13.05 -11.08
C ASP D 49 7.95 12.83 -11.87
N ARG D 50 8.89 12.02 -11.35
CA ARG D 50 10.11 11.65 -12.04
C ARG D 50 9.85 10.51 -13.03
N ILE D 51 8.97 9.56 -12.68
CA ILE D 51 8.67 8.38 -13.50
C ILE D 51 7.88 8.79 -14.75
N MET D 52 6.97 9.78 -14.66
CA MET D 52 6.16 10.23 -15.78
C MET D 52 6.97 11.05 -16.80
N GLU D 53 8.10 11.64 -16.38
CA GLU D 53 9.04 12.31 -17.27
C GLU D 53 9.79 11.27 -18.11
N LYS D 54 10.26 10.18 -17.48
CA LYS D 54 11.00 9.11 -18.16
C LYS D 54 10.07 8.17 -18.95
N ALA D 55 8.76 8.13 -18.63
CA ALA D 55 7.77 7.36 -19.36
C ALA D 55 7.36 8.07 -20.66
N ASP D 56 7.41 9.41 -20.67
CA ASP D 56 7.15 10.23 -21.85
C ASP D 56 8.39 10.29 -22.76
N SER D 57 9.60 10.21 -22.19
CA SER D 57 10.87 10.28 -22.92
C SER D 57 11.24 8.94 -23.55
N ASN D 58 10.84 7.80 -22.93
CA ASN D 58 10.99 6.47 -23.50
C ASN D 58 9.92 6.20 -24.55
N LYS D 59 8.74 6.85 -24.45
CA LYS D 59 7.68 6.78 -25.45
C LYS D 59 8.11 7.53 -26.72
N THR D 60 8.81 8.66 -26.57
CA THR D 60 9.34 9.43 -27.70
C THR D 60 10.51 8.70 -28.37
N ARG D 61 11.35 8.00 -27.59
CA ARG D 61 12.53 7.31 -28.09
C ARG D 61 12.17 6.01 -28.83
N ILE D 62 11.15 5.27 -28.34
CA ILE D 62 10.73 4.00 -28.92
C ILE D 62 9.80 4.18 -30.11
N ASP D 63 9.06 5.30 -30.20
CA ASP D 63 8.24 5.62 -31.35
C ASP D 63 9.13 5.99 -32.55
N GLU D 64 10.32 6.53 -32.30
CA GLU D 64 11.32 6.86 -33.31
C GLU D 64 12.13 5.62 -33.73
N ALA D 65 12.40 4.69 -32.79
CA ALA D 65 13.14 3.46 -33.06
C ALA D 65 12.28 2.38 -33.73
N ASN D 66 10.96 2.43 -33.51
CA ASN D 66 9.96 1.59 -34.16
C ASN D 66 9.63 2.12 -35.55
N GLN D 67 9.69 3.44 -35.76
CA GLN D 67 9.52 4.07 -37.06
C GLN D 67 10.69 3.71 -37.99
N ARG D 68 11.90 3.53 -37.44
CA ARG D 68 13.09 3.07 -38.16
C ARG D 68 13.04 1.55 -38.43
N ALA D 69 12.29 0.78 -37.62
CA ALA D 69 12.15 -0.66 -37.79
C ALA D 69 11.09 -1.02 -38.86
N THR D 70 10.07 -0.16 -39.03
CA THR D 70 9.07 -0.28 -40.09
C THR D 70 9.54 0.34 -41.41
N LYS D 71 10.58 1.19 -41.38
CA LYS D 71 11.18 1.80 -42.57
C LYS D 71 12.03 0.78 -43.34
N MET D 72 12.58 -0.23 -42.63
CA MET D 72 13.31 -1.35 -43.22
C MET D 72 12.39 -2.54 -43.52
N LEU D 73 11.07 -2.28 -43.63
CA LEU D 73 10.05 -3.22 -44.09
C LEU D 73 9.20 -2.55 -45.17
N GLY D 74 8.65 -3.37 -46.10
CA GLY D 74 7.78 -2.90 -47.17
C GLY D 74 7.43 -4.07 -48.10
N SER E 1 -2.62 -11.18 24.34
CA SER E 1 -1.15 -11.35 24.35
C SER E 1 -0.70 -12.35 23.26
N GLY E 2 0.63 -12.56 23.18
CA GLY E 2 1.27 -13.44 22.21
C GLY E 2 1.04 -14.92 22.54
N GLY E 3 1.27 -15.78 21.53
CA GLY E 3 1.14 -17.22 21.63
C GLY E 3 1.22 -17.89 20.25
N GLY E 4 0.59 -19.07 20.13
CA GLY E 4 0.53 -19.84 18.90
C GLY E 4 -0.71 -20.73 18.81
N GLY E 5 -1.00 -21.19 17.59
CA GLY E 5 -2.07 -22.13 17.30
C GLY E 5 -3.46 -21.47 17.30
N GLY E 6 -4.49 -22.31 17.18
CA GLY E 6 -5.89 -21.90 17.20
C GLY E 6 -6.80 -23.05 17.63
N ILE E 7 -7.99 -22.70 18.17
CA ILE E 7 -8.98 -23.66 18.66
C ILE E 7 -9.66 -24.41 17.50
N LEU E 8 -9.77 -23.78 16.32
CA LEU E 8 -10.28 -24.39 15.10
C LEU E 8 -9.19 -25.27 14.46
N GLU E 9 -9.62 -26.21 13.61
CA GLU E 9 -8.73 -27.17 12.95
C GLU E 9 -7.74 -26.45 12.03
N LYS E 10 -6.47 -26.85 12.13
CA LYS E 10 -5.35 -26.23 11.42
C LYS E 10 -5.39 -26.54 9.91
N LEU E 11 -4.77 -25.66 9.12
CA LEU E 11 -4.45 -25.90 7.72
C LEU E 11 -3.23 -26.82 7.61
N GLY E 12 -2.26 -26.66 8.51
CA GLY E 12 -1.02 -27.43 8.55
C GLY E 12 0.01 -26.77 9.47
N ASP E 13 1.29 -26.93 9.11
CA ASP E 13 2.43 -26.38 9.84
C ASP E 13 3.44 -25.76 8.86
N ILE E 14 4.48 -25.14 9.44
CA ILE E 14 5.58 -24.49 8.74
C ILE E 14 6.82 -24.55 9.63
N CYS E 15 7.94 -24.97 9.05
CA CYS E 15 9.25 -24.97 9.67
C CYS E 15 10.03 -23.74 9.25
N PHE E 16 10.83 -23.23 10.18
CA PHE E 16 11.78 -22.15 10.00
C PHE E 16 12.80 -22.19 11.15
N SER E 17 13.86 -21.38 11.03
CA SER E 17 15.09 -21.53 11.78
C SER E 17 15.76 -20.16 11.97
N LEU E 18 16.25 -19.94 13.19
CA LEU E 18 16.77 -18.66 13.66
C LEU E 18 18.18 -18.83 14.23
N ARG E 19 18.87 -17.69 14.39
CA ARG E 19 20.24 -17.57 14.89
C ARG E 19 20.52 -16.08 15.11
N TYR E 20 21.34 -15.75 16.12
CA TYR E 20 21.86 -14.40 16.31
C TYR E 20 23.38 -14.37 16.05
N VAL E 21 23.88 -13.19 15.66
CA VAL E 21 25.29 -12.91 15.40
C VAL E 21 25.64 -11.62 16.16
N PRO E 22 26.59 -11.65 17.11
CA PRO E 22 26.89 -10.51 17.97
C PRO E 22 27.89 -9.52 17.34
N THR E 23 28.75 -9.98 16.41
CA THR E 23 29.78 -9.16 15.77
C THR E 23 29.21 -8.32 14.63
N ALA E 24 28.19 -8.82 13.92
CA ALA E 24 27.44 -8.10 12.90
C ALA E 24 26.26 -7.34 13.51
N GLY E 25 25.75 -7.79 14.66
CA GLY E 25 24.60 -7.23 15.33
C GLY E 25 23.27 -7.69 14.71
N LYS E 26 23.26 -8.83 14.00
CA LYS E 26 22.16 -9.24 13.13
C LYS E 26 21.46 -10.51 13.62
N LEU E 27 20.12 -10.49 13.54
CA LEU E 27 19.27 -11.67 13.57
C LEU E 27 19.22 -12.26 12.15
N THR E 28 19.76 -13.48 12.00
CA THR E 28 19.65 -14.27 10.78
C THR E 28 18.31 -15.02 10.80
N VAL E 29 17.59 -15.01 9.66
CA VAL E 29 16.32 -15.68 9.46
C VAL E 29 16.41 -16.52 8.18
N VAL E 30 15.96 -17.79 8.29
CA VAL E 30 15.93 -18.78 7.22
C VAL E 30 14.60 -19.53 7.33
N ILE E 31 13.86 -19.63 6.22
CA ILE E 31 12.60 -20.37 6.15
C ILE E 31 12.86 -21.70 5.41
N LEU E 32 12.23 -22.76 5.93
CA LEU E 32 12.46 -24.14 5.54
C LEU E 32 11.20 -24.69 4.83
N GLU E 33 10.48 -25.62 5.46
CA GLU E 33 9.49 -26.49 4.83
C GLU E 33 8.05 -26.13 5.27
N ALA E 34 7.07 -26.91 4.77
CA ALA E 34 5.64 -26.77 5.07
C ALA E 34 4.93 -28.10 4.77
N LYS E 35 3.93 -28.45 5.59
CA LYS E 35 3.26 -29.76 5.55
C LYS E 35 2.04 -29.75 4.62
N ASN E 36 1.25 -28.68 4.64
CA ASN E 36 0.03 -28.53 3.85
C ASN E 36 -0.39 -27.05 3.79
N LEU E 37 -0.97 -26.67 2.64
CA LEU E 37 -1.33 -25.30 2.30
C LEU E 37 -2.47 -25.29 1.27
N LYS E 38 -3.11 -24.11 1.12
CA LYS E 38 -4.31 -23.92 0.30
C LYS E 38 -4.02 -24.12 -1.18
N LYS E 39 -4.93 -24.81 -1.86
CA LYS E 39 -4.82 -25.23 -3.26
C LYS E 39 -5.20 -24.07 -4.20
N MET E 40 -4.45 -23.95 -5.31
CA MET E 40 -4.79 -23.08 -6.42
C MET E 40 -5.84 -23.81 -7.26
N ASP E 41 -7.07 -23.27 -7.29
CA ASP E 41 -8.26 -23.92 -7.86
C ASP E 41 -8.60 -25.21 -7.08
N VAL E 42 -9.56 -26.00 -7.59
CA VAL E 42 -9.92 -27.29 -7.04
C VAL E 42 -8.86 -28.31 -7.50
N GLY E 43 -8.06 -28.80 -6.55
CA GLY E 43 -7.09 -29.87 -6.75
C GLY E 43 -5.73 -29.44 -7.31
N GLY E 44 -5.57 -28.18 -7.75
CA GLY E 44 -4.33 -27.68 -8.34
C GLY E 44 -3.34 -27.18 -7.28
N LEU E 45 -2.15 -26.75 -7.73
CA LEU E 45 -1.01 -26.43 -6.87
C LEU E 45 -0.67 -24.94 -6.94
N SER E 46 -0.48 -24.33 -5.76
CA SER E 46 0.06 -22.98 -5.61
C SER E 46 1.58 -22.99 -5.84
N ASP E 47 2.12 -21.80 -6.12
CA ASP E 47 3.54 -21.55 -6.31
C ASP E 47 3.99 -20.54 -5.24
N PRO E 48 4.28 -21.01 -4.01
CA PRO E 48 4.39 -20.12 -2.86
C PRO E 48 5.70 -19.34 -2.83
N TYR E 49 5.59 -18.06 -2.49
CA TYR E 49 6.67 -17.29 -1.86
C TYR E 49 6.30 -17.04 -0.40
N VAL E 50 7.32 -16.78 0.43
CA VAL E 50 7.16 -16.44 1.85
C VAL E 50 7.68 -15.03 2.10
N LYS E 51 7.02 -14.33 3.02
CA LYS E 51 7.31 -12.95 3.38
C LYS E 51 7.56 -12.86 4.89
N ILE E 52 8.72 -12.31 5.25
CA ILE E 52 9.14 -12.04 6.61
C ILE E 52 8.80 -10.58 6.94
N HIS E 53 8.41 -10.33 8.20
CA HIS E 53 8.38 -9.01 8.81
C HIS E 53 9.01 -9.14 10.19
N LEU E 54 10.11 -8.40 10.42
CA LEU E 54 10.58 -8.15 11.77
C LEU E 54 9.69 -7.06 12.39
N MET E 55 9.47 -7.17 13.70
CA MET E 55 8.68 -6.25 14.50
C MET E 55 9.34 -6.08 15.89
N GLN E 56 8.81 -5.14 16.66
CA GLN E 56 9.03 -5.03 18.09
C GLN E 56 7.82 -4.30 18.71
N ASN E 57 7.22 -4.94 19.73
CA ASN E 57 5.94 -4.54 20.33
C ASN E 57 4.80 -4.62 19.29
N GLY E 58 4.93 -5.49 18.27
CA GLY E 58 3.95 -5.68 17.21
C GLY E 58 4.02 -4.61 16.10
N LYS E 59 4.93 -3.64 16.21
CA LYS E 59 5.11 -2.53 15.29
C LYS E 59 6.24 -2.87 14.31
N ARG E 60 6.05 -2.59 13.02
CA ARG E 60 6.99 -2.92 11.94
C ARG E 60 8.39 -2.34 12.20
N LEU E 61 9.41 -3.08 11.73
CA LEU E 61 10.82 -2.78 11.99
C LEU E 61 11.65 -3.05 10.73
N LYS E 62 11.50 -4.23 10.10
CA LYS E 62 12.13 -4.63 8.83
C LYS E 62 11.19 -5.56 8.05
N LYS E 63 11.60 -5.97 6.83
CA LYS E 63 10.90 -6.92 5.98
C LYS E 63 11.78 -7.46 4.84
N LYS E 64 11.47 -8.68 4.39
CA LYS E 64 12.10 -9.40 3.27
C LYS E 64 11.09 -10.39 2.65
N LYS E 65 11.43 -10.98 1.50
CA LYS E 65 10.63 -12.00 0.81
C LYS E 65 11.42 -12.74 -0.29
N THR E 66 10.97 -13.96 -0.59
CA THR E 66 11.55 -14.88 -1.58
C THR E 66 10.83 -14.76 -2.94
N THR E 67 11.29 -15.58 -3.90
CA THR E 67 10.61 -15.86 -5.17
C THR E 67 9.61 -17.01 -4.99
N ILE E 68 8.73 -17.18 -5.99
CA ILE E 68 7.77 -18.28 -6.06
C ILE E 68 8.46 -19.60 -6.44
N LYS E 69 7.86 -20.71 -6.00
CA LYS E 69 8.33 -22.07 -6.28
C LYS E 69 7.43 -22.66 -7.36
N LYS E 70 7.89 -22.53 -8.62
CA LYS E 70 7.16 -22.91 -9.82
C LYS E 70 7.12 -24.44 -9.91
N ASN E 71 5.93 -24.99 -9.62
CA ASN E 71 5.61 -26.41 -9.43
C ASN E 71 6.31 -26.94 -8.17
N THR E 72 5.53 -27.25 -7.14
CA THR E 72 6.00 -27.80 -5.86
C THR E 72 4.83 -28.33 -5.02
N LEU E 73 5.16 -29.22 -4.07
CA LEU E 73 4.26 -29.68 -3.01
C LEU E 73 4.76 -29.13 -1.66
N ASN E 74 6.07 -29.27 -1.40
CA ASN E 74 6.77 -28.73 -0.24
C ASN E 74 7.89 -27.82 -0.75
N PRO E 75 7.86 -26.51 -0.43
CA PRO E 75 8.81 -25.54 -0.98
C PRO E 75 10.20 -25.66 -0.35
N TYR E 76 11.20 -25.18 -1.10
CA TYR E 76 12.59 -25.02 -0.68
C TYR E 76 13.04 -23.62 -1.09
N TYR E 77 13.68 -22.91 -0.16
CA TYR E 77 14.17 -21.55 -0.38
C TYR E 77 15.70 -21.54 -0.26
N ASN E 78 16.36 -21.37 -1.42
CA ASN E 78 17.79 -21.13 -1.53
C ASN E 78 18.15 -19.73 -1.01
N GLU E 79 17.18 -18.79 -1.10
CA GLU E 79 17.27 -17.44 -0.56
C GLU E 79 17.21 -17.49 0.97
N SER E 80 18.06 -16.67 1.60
CA SER E 80 18.20 -16.53 3.05
C SER E 80 18.51 -15.07 3.37
N PHE E 81 18.23 -14.67 4.62
CA PHE E 81 18.09 -13.27 5.00
C PHE E 81 18.73 -12.98 6.36
N SER E 82 18.97 -11.68 6.61
CA SER E 82 19.43 -11.16 7.88
C SER E 82 18.92 -9.71 8.05
N PHE E 83 18.45 -9.41 9.25
CA PHE E 83 18.06 -8.08 9.69
C PHE E 83 19.09 -7.59 10.72
N GLU E 84 19.43 -6.30 10.69
CA GLU E 84 20.23 -5.68 11.73
C GLU E 84 19.29 -5.20 12.85
N VAL E 85 19.59 -5.68 14.07
CA VAL E 85 18.82 -5.42 15.28
C VAL E 85 19.72 -5.78 16.49
N PRO E 86 20.28 -4.80 17.21
CA PRO E 86 21.32 -5.03 18.21
C PRO E 86 20.77 -5.69 19.49
N PHE E 87 21.64 -6.45 20.17
CA PHE E 87 21.31 -7.29 21.31
C PHE E 87 20.97 -6.48 22.58
N GLU E 88 21.49 -5.24 22.68
CA GLU E 88 21.25 -4.35 23.81
C GLU E 88 19.86 -3.69 23.74
N GLN E 89 19.13 -3.89 22.64
CA GLN E 89 17.83 -3.28 22.33
C GLN E 89 16.80 -4.34 21.91
N ILE E 90 17.13 -5.64 22.04
CA ILE E 90 16.39 -6.76 21.48
C ILE E 90 15.17 -7.18 22.34
N GLN E 91 14.86 -6.43 23.41
CA GLN E 91 13.95 -6.83 24.49
C GLN E 91 12.51 -7.08 23.99
N LYS E 92 12.00 -6.24 23.09
CA LYS E 92 10.62 -6.33 22.58
C LYS E 92 10.54 -6.95 21.18
N VAL E 93 11.69 -7.33 20.58
CA VAL E 93 11.79 -7.81 19.21
C VAL E 93 11.13 -9.18 19.06
N GLN E 94 10.50 -9.40 17.89
CA GLN E 94 9.73 -10.59 17.53
C GLN E 94 9.61 -10.66 16.00
N VAL E 95 9.88 -11.85 15.44
CA VAL E 95 9.79 -12.10 14.00
C VAL E 95 8.42 -12.71 13.64
N VAL E 96 7.95 -12.38 12.44
CA VAL E 96 6.72 -12.87 11.83
C VAL E 96 7.10 -13.50 10.48
N VAL E 97 6.53 -14.67 10.16
CA VAL E 97 6.68 -15.36 8.89
C VAL E 97 5.26 -15.65 8.35
N THR E 98 5.09 -15.51 7.02
CA THR E 98 3.79 -15.48 6.36
C THR E 98 3.85 -16.31 5.08
N VAL E 99 2.89 -17.22 4.90
CA VAL E 99 2.74 -18.06 3.70
C VAL E 99 1.93 -17.27 2.67
N LEU E 100 2.49 -17.09 1.47
CA LEU E 100 1.90 -16.37 0.36
C LEU E 100 2.08 -17.17 -0.96
N ASP E 101 1.69 -16.55 -2.07
CA ASP E 101 1.63 -17.11 -3.42
C ASP E 101 1.29 -15.96 -4.36
N TYR E 102 2.01 -15.87 -5.51
CA TYR E 102 1.84 -14.79 -6.48
C TYR E 102 0.66 -15.01 -7.43
N ASP E 103 -0.38 -15.73 -6.98
CA ASP E 103 -1.72 -15.58 -7.51
C ASP E 103 -2.19 -14.16 -7.15
N LYS E 104 -2.08 -13.26 -8.12
CA LYS E 104 -2.27 -11.82 -7.96
C LYS E 104 -3.72 -11.38 -8.18
N ILE E 105 -4.65 -12.34 -8.30
CA ILE E 105 -6.08 -12.11 -8.47
C ILE E 105 -6.63 -11.53 -7.16
N GLY E 106 -7.24 -10.33 -7.25
CA GLY E 106 -7.75 -9.60 -6.10
C GLY E 106 -6.62 -8.93 -5.30
N LYS E 107 -6.92 -8.60 -4.04
CA LYS E 107 -5.97 -8.02 -3.08
C LYS E 107 -4.95 -9.07 -2.60
N ASN E 108 -3.89 -8.58 -1.94
CA ASN E 108 -2.93 -9.42 -1.22
C ASN E 108 -3.60 -9.96 0.04
N ASP E 109 -3.42 -11.28 0.26
CA ASP E 109 -3.96 -12.01 1.39
C ASP E 109 -3.21 -13.34 1.51
N ALA E 110 -2.79 -13.67 2.75
CA ALA E 110 -1.97 -14.83 3.05
C ALA E 110 -2.80 -16.10 3.21
N ILE E 111 -2.17 -17.23 2.86
CA ILE E 111 -2.65 -18.58 3.10
C ILE E 111 -2.51 -18.94 4.59
N GLY E 112 -1.49 -18.40 5.27
CA GLY E 112 -1.24 -18.60 6.69
C GLY E 112 -0.22 -17.61 7.25
N LYS E 113 0.03 -17.69 8.56
CA LYS E 113 0.90 -16.80 9.31
C LYS E 113 1.26 -17.42 10.66
N VAL E 114 2.49 -17.16 11.12
CA VAL E 114 3.07 -17.58 12.40
C VAL E 114 4.00 -16.47 12.91
N PHE E 115 4.39 -16.56 14.19
CA PHE E 115 5.26 -15.58 14.85
C PHE E 115 5.79 -16.14 16.18
N VAL E 116 6.99 -15.69 16.56
CA VAL E 116 7.70 -16.09 17.78
C VAL E 116 8.46 -14.89 18.37
N GLY E 117 8.66 -14.92 19.70
CA GLY E 117 9.47 -13.97 20.44
C GLY E 117 8.70 -13.30 21.55
N TYR E 118 8.84 -11.96 21.63
CA TYR E 118 8.30 -11.11 22.68
C TYR E 118 6.77 -11.26 22.79
N ASN E 119 6.32 -11.33 24.05
CA ASN E 119 4.92 -11.40 24.49
C ASN E 119 4.30 -12.80 24.30
N SER E 120 4.96 -13.69 23.53
CA SER E 120 4.56 -15.07 23.31
C SER E 120 5.03 -15.98 24.44
N THR E 121 4.52 -17.22 24.44
CA THR E 121 4.75 -18.23 25.48
C THR E 121 4.89 -19.63 24.86
N GLY E 122 5.44 -20.57 25.65
CA GLY E 122 5.51 -21.98 25.31
C GLY E 122 6.61 -22.25 24.29
N ALA E 123 6.27 -23.00 23.24
CA ALA E 123 7.16 -23.30 22.12
C ALA E 123 7.44 -22.06 21.26
N GLU E 124 6.49 -21.12 21.21
CA GLU E 124 6.63 -19.85 20.48
C GLU E 124 7.52 -18.84 21.24
N LEU E 125 7.94 -19.17 22.47
CA LEU E 125 8.96 -18.43 23.21
C LEU E 125 10.28 -19.22 23.24
N ARG E 126 10.24 -20.56 23.15
CA ARG E 126 11.42 -21.42 23.20
C ARG E 126 12.27 -21.29 21.93
N HIS E 127 11.65 -21.03 20.76
CA HIS E 127 12.34 -20.83 19.50
C HIS E 127 13.18 -19.53 19.49
N TRP E 128 12.85 -18.59 20.38
CA TRP E 128 13.47 -17.27 20.47
C TRP E 128 14.42 -17.14 21.67
N SER E 129 14.12 -17.84 22.78
CA SER E 129 14.83 -17.71 24.05
C SER E 129 16.02 -18.64 24.14
N ASP E 130 16.01 -19.78 23.43
CA ASP E 130 17.16 -20.69 23.31
C ASP E 130 18.09 -20.25 22.16
N MET E 131 17.58 -19.46 21.21
CA MET E 131 18.35 -18.79 20.17
C MET E 131 19.17 -17.63 20.76
N LEU E 132 18.67 -16.99 21.83
CA LEU E 132 19.33 -15.91 22.55
C LEU E 132 19.98 -16.38 23.86
N ALA E 133 19.82 -17.66 24.25
CA ALA E 133 20.52 -18.26 25.39
C ALA E 133 22.01 -18.46 25.09
N ASN E 134 22.37 -18.55 23.80
CA ASN E 134 23.75 -18.56 23.32
C ASN E 134 23.77 -18.03 21.88
N PRO E 135 24.53 -16.96 21.58
CA PRO E 135 24.66 -16.44 20.23
C PRO E 135 25.58 -17.34 19.40
N ARG E 136 25.34 -17.30 18.07
CA ARG E 136 26.00 -18.08 17.01
C ARG E 136 25.47 -19.51 16.93
N ARG E 137 24.80 -20.01 17.99
CA ARG E 137 24.22 -21.34 18.04
C ARG E 137 22.88 -21.34 17.27
N PRO E 138 22.70 -22.23 16.27
CA PRO E 138 21.47 -22.30 15.49
C PRO E 138 20.34 -23.03 16.25
N ILE E 139 19.12 -22.93 15.70
CA ILE E 139 17.92 -23.60 16.18
C ILE E 139 16.95 -23.75 15.00
N ALA E 140 16.08 -24.77 15.07
CA ALA E 140 15.02 -25.02 14.10
C ALA E 140 13.91 -25.84 14.74
N GLN E 141 12.65 -25.51 14.40
CA GLN E 141 11.44 -26.16 14.91
C GLN E 141 10.20 -25.70 14.13
N TRP E 142 9.19 -26.60 14.11
CA TRP E 142 7.90 -26.40 13.47
C TRP E 142 6.96 -25.56 14.33
N HIS E 143 5.95 -24.96 13.67
CA HIS E 143 4.90 -24.14 14.27
C HIS E 143 3.62 -24.27 13.45
N THR E 144 2.48 -24.38 14.14
CA THR E 144 1.16 -24.55 13.53
C THR E 144 0.69 -23.23 12.93
N LEU E 145 0.14 -23.30 11.70
CA LEU E 145 -0.38 -22.16 10.94
C LEU E 145 -1.59 -21.53 11.63
N GLN E 146 -1.73 -20.22 11.46
CA GLN E 146 -2.77 -19.38 12.05
C GLN E 146 -3.27 -18.37 10.99
N VAL E 147 -4.49 -17.86 11.18
CA VAL E 147 -5.08 -16.81 10.36
C VAL E 147 -4.39 -15.47 10.67
N GLU E 148 -4.30 -14.59 9.66
CA GLU E 148 -3.59 -13.30 9.74
C GLU E 148 -4.17 -12.37 10.82
N GLU E 149 -5.50 -12.32 10.94
CA GLU E 149 -6.21 -11.43 11.85
C GLU E 149 -6.32 -12.03 13.26
N GLU E 150 -6.16 -13.36 13.40
CA GLU E 150 -6.02 -14.02 14.68
C GLU E 150 -4.62 -13.84 15.26
N VAL E 151 -3.62 -13.57 14.41
CA VAL E 151 -2.26 -13.21 14.80
C VAL E 151 -2.16 -11.69 15.02
N ASP E 152 -2.99 -10.87 14.35
CA ASP E 152 -3.01 -9.42 14.53
C ASP E 152 -3.60 -9.04 15.91
N ALA E 153 -4.48 -9.88 16.46
CA ALA E 153 -5.03 -9.75 17.81
C ALA E 153 -3.99 -10.08 18.89
N MET E 154 -2.93 -10.82 18.55
CA MET E 154 -1.84 -11.20 19.44
C MET E 154 -0.66 -10.23 19.33
N LEU E 155 -0.48 -9.60 18.15
CA LEU E 155 0.46 -8.51 17.89
C LEU E 155 -0.09 -7.15 18.37
N ALA E 156 -1.28 -7.13 18.98
CA ALA E 156 -1.90 -5.95 19.57
C ALA E 156 -1.19 -5.49 20.86
N ASN A 1 -8.54 23.36 43.79
CA ASN A 1 -7.98 24.20 42.73
C ASN A 1 -8.97 24.46 41.59
N LEU A 2 -8.77 25.57 40.88
CA LEU A 2 -9.60 25.98 39.75
C LEU A 2 -9.34 25.11 38.53
N THR A 3 -10.35 25.03 37.66
CA THR A 3 -10.36 24.29 36.39
C THR A 3 -10.94 25.17 35.28
N SER A 4 -10.66 24.80 34.03
CA SER A 4 -11.03 25.55 32.84
C SER A 4 -11.15 24.65 31.60
N ASN A 5 -11.83 25.18 30.58
CA ASN A 5 -12.10 24.52 29.31
C ASN A 5 -10.92 24.59 28.32
N ARG A 6 -9.74 25.05 28.75
CA ARG A 6 -8.59 25.33 27.88
C ARG A 6 -8.13 24.10 27.09
N ARG A 7 -8.18 22.89 27.66
CA ARG A 7 -7.71 21.68 26.99
C ARG A 7 -8.73 21.15 25.97
N LEU A 8 -10.04 21.37 26.21
CA LEU A 8 -11.09 21.07 25.23
C LEU A 8 -11.03 22.05 24.04
N GLN A 9 -10.61 23.29 24.30
CA GLN A 9 -10.46 24.36 23.31
C GLN A 9 -9.19 24.17 22.46
N GLN A 10 -8.15 23.55 23.03
CA GLN A 10 -6.89 23.23 22.36
C GLN A 10 -6.96 21.89 21.61
N THR A 11 -7.88 20.99 21.99
CA THR A 11 -8.14 19.73 21.28
C THR A 11 -9.15 19.96 20.14
N GLN A 12 -9.99 21.00 20.23
CA GLN A 12 -10.79 21.49 19.12
C GLN A 12 -9.89 22.16 18.08
N ALA A 13 -8.81 22.83 18.51
CA ALA A 13 -7.81 23.44 17.66
C ALA A 13 -6.81 22.41 17.10
N GLN A 14 -6.65 21.25 17.75
CA GLN A 14 -5.75 20.19 17.29
C GLN A 14 -6.44 19.35 16.21
N VAL A 15 -7.74 19.07 16.36
CA VAL A 15 -8.55 18.38 15.36
C VAL A 15 -8.75 19.29 14.13
N ASP A 16 -8.80 20.63 14.31
CA ASP A 16 -8.87 21.59 13.23
C ASP A 16 -7.56 21.64 12.40
N GLU A 17 -6.42 21.37 13.04
CA GLU A 17 -5.10 21.38 12.40
C GLU A 17 -4.72 20.04 11.78
N VAL A 18 -5.34 18.93 12.21
CA VAL A 18 -5.15 17.60 11.62
C VAL A 18 -6.21 17.36 10.53
N VAL A 19 -7.32 18.11 10.56
CA VAL A 19 -8.19 18.31 9.40
C VAL A 19 -7.40 19.06 8.32
N ASP A 20 -6.59 20.07 8.69
CA ASP A 20 -5.82 20.86 7.73
C ASP A 20 -4.67 20.04 7.10
N ILE A 21 -4.15 19.01 7.80
CA ILE A 21 -3.15 18.09 7.24
C ILE A 21 -3.85 17.12 6.28
N MET A 22 -5.03 16.60 6.65
CA MET A 22 -5.77 15.61 5.86
C MET A 22 -6.51 16.22 4.66
N ARG A 23 -6.74 17.54 4.63
CA ARG A 23 -7.29 18.24 3.47
C ARG A 23 -6.22 18.40 2.38
N VAL A 24 -4.96 18.57 2.78
CA VAL A 24 -3.81 18.64 1.88
C VAL A 24 -3.45 17.24 1.38
N ASN A 25 -3.63 16.18 2.19
CA ASN A 25 -3.35 14.81 1.79
C ASN A 25 -4.41 14.29 0.81
N VAL A 26 -5.69 14.68 0.99
CA VAL A 26 -6.78 14.34 0.08
C VAL A 26 -6.58 15.04 -1.26
N ASP A 27 -6.05 16.27 -1.28
CA ASP A 27 -5.78 17.03 -2.50
C ASP A 27 -4.57 16.46 -3.26
N LYS A 28 -3.58 15.89 -2.55
CA LYS A 28 -2.41 15.25 -3.14
C LYS A 28 -2.72 13.85 -3.66
N VAL A 29 -3.74 13.18 -3.11
CA VAL A 29 -4.21 11.86 -3.55
C VAL A 29 -5.15 12.01 -4.75
N LEU A 30 -5.91 13.11 -4.84
CA LEU A 30 -6.69 13.44 -6.04
C LEU A 30 -5.80 13.99 -7.16
N GLU A 31 -4.59 14.46 -6.85
CA GLU A 31 -3.57 14.82 -7.83
C GLU A 31 -2.84 13.56 -8.34
N ARG A 32 -2.63 12.56 -7.47
CA ARG A 32 -2.12 11.25 -7.85
C ARG A 32 -3.12 10.49 -8.73
N ASP A 33 -4.43 10.74 -8.57
CA ASP A 33 -5.47 10.10 -9.37
C ASP A 33 -5.41 10.57 -10.83
N GLN A 34 -5.09 11.85 -11.04
CA GLN A 34 -4.96 12.47 -12.36
C GLN A 34 -3.63 12.13 -13.04
N LYS A 35 -2.59 11.75 -12.27
CA LYS A 35 -1.27 11.41 -12.76
C LYS A 35 -1.14 9.90 -13.06
N LEU A 36 -1.89 9.05 -12.34
CA LEU A 36 -1.90 7.59 -12.51
C LEU A 36 -2.91 7.16 -13.59
N SER A 37 -3.94 7.97 -13.86
CA SER A 37 -4.87 7.75 -14.97
C SER A 37 -4.19 8.02 -16.31
N GLU A 38 -3.24 8.97 -16.34
CA GLU A 38 -2.44 9.29 -17.52
C GLU A 38 -1.24 8.37 -17.65
N LEU A 39 -0.69 7.82 -16.55
CA LEU A 39 0.45 6.91 -16.59
C LEU A 39 0.03 5.49 -16.98
N ASP A 40 -1.23 5.11 -16.72
CA ASP A 40 -1.78 3.84 -17.17
C ASP A 40 -2.05 3.84 -18.68
N ASP A 41 -2.26 5.02 -19.28
CA ASP A 41 -2.47 5.21 -20.71
C ASP A 41 -1.15 5.52 -21.46
N ARG A 42 -0.14 6.06 -20.76
CA ARG A 42 1.17 6.39 -21.32
C ARG A 42 2.11 5.20 -21.28
N ALA A 43 1.93 4.28 -20.31
CA ALA A 43 2.56 2.97 -20.30
C ALA A 43 1.95 2.08 -21.38
N ASP A 44 0.65 2.26 -21.68
CA ASP A 44 -0.04 1.52 -22.74
C ASP A 44 0.28 2.09 -24.13
N ALA A 45 0.70 3.35 -24.24
CA ALA A 45 1.19 3.97 -25.47
C ALA A 45 2.66 3.62 -25.73
N LEU A 46 3.41 3.31 -24.66
CA LEU A 46 4.76 2.75 -24.72
C LEU A 46 4.66 1.29 -25.17
N GLN A 47 3.69 0.53 -24.63
CA GLN A 47 3.41 -0.86 -24.98
C GLN A 47 2.90 -0.99 -26.42
N ALA A 48 2.19 0.02 -26.94
CA ALA A 48 1.71 0.06 -28.32
C ALA A 48 2.87 0.28 -29.29
N GLY A 49 3.87 1.09 -28.89
CA GLY A 49 5.11 1.29 -29.65
C GLY A 49 6.09 0.13 -29.46
N ALA A 50 5.88 -0.74 -28.46
CA ALA A 50 6.74 -1.90 -28.16
C ALA A 50 6.27 -3.14 -28.92
N SER A 51 4.94 -3.31 -29.05
CA SER A 51 4.33 -4.43 -29.76
C SER A 51 4.50 -4.29 -31.27
N GLN A 52 4.53 -3.04 -31.79
CA GLN A 52 4.80 -2.74 -33.18
C GLN A 52 6.31 -2.82 -33.48
N PHE A 53 7.18 -2.49 -32.50
CA PHE A 53 8.63 -2.61 -32.65
C PHE A 53 9.08 -4.08 -32.60
N GLU A 54 8.34 -4.96 -31.91
CA GLU A 54 8.62 -6.38 -31.81
C GLU A 54 8.16 -7.11 -33.08
N THR A 55 7.04 -6.67 -33.69
CA THR A 55 6.53 -7.19 -34.95
C THR A 55 7.41 -6.72 -36.13
N SER A 56 7.96 -5.49 -36.05
CA SER A 56 8.83 -4.93 -37.08
C SER A 56 10.28 -5.45 -36.94
N ALA A 57 10.69 -5.92 -35.76
CA ALA A 57 11.99 -6.55 -35.53
C ALA A 57 12.01 -8.02 -35.97
N ALA A 58 10.83 -8.66 -36.05
CA ALA A 58 10.66 -10.00 -36.61
C ALA A 58 10.71 -9.98 -38.13
N LYS A 59 10.29 -8.86 -38.75
CA LYS A 59 10.39 -8.62 -40.19
C LYS A 59 11.78 -8.04 -40.56
N LEU A 60 12.49 -7.44 -39.59
CA LEU A 60 13.88 -7.00 -39.76
C LEU A 60 14.79 -8.22 -39.86
N LYS A 61 14.51 -9.24 -39.04
CA LYS A 61 15.15 -10.54 -39.07
C LYS A 61 14.78 -11.32 -40.35
N ARG A 62 13.62 -11.06 -40.95
CA ARG A 62 13.15 -11.76 -42.15
C ARG A 62 13.75 -11.19 -43.44
N LYS A 63 14.12 -9.89 -43.47
CA LYS A 63 14.80 -9.30 -44.62
C LYS A 63 16.27 -9.71 -44.63
N TYR A 64 16.96 -9.51 -43.50
CA TYR A 64 18.40 -9.59 -43.40
C TYR A 64 18.85 -10.99 -43.02
N TRP A 65 18.68 -11.39 -41.75
CA TRP A 65 19.24 -12.62 -41.18
C TRP A 65 18.72 -13.90 -41.85
N TRP A 66 17.46 -13.92 -42.28
CA TRP A 66 16.80 -15.12 -42.80
C TRP A 66 17.25 -15.46 -44.23
N LYS A 67 17.80 -14.46 -44.96
CA LYS A 67 18.30 -14.60 -46.32
C LYS A 67 19.83 -14.62 -46.37
N ASN A 68 20.53 -14.29 -45.27
CA ASN A 68 21.97 -14.13 -45.21
C ASN A 68 22.65 -15.31 -44.51
N LEU A 69 22.03 -15.86 -43.45
CA LEU A 69 22.48 -17.05 -42.75
C LEU A 69 21.70 -18.27 -43.26
N SER B 1 -29.61 37.12 34.16
CA SER B 1 -29.06 36.16 33.19
C SER B 1 -29.68 34.77 33.33
N LYS B 2 -29.41 33.90 32.34
CA LYS B 2 -29.82 32.50 32.32
C LYS B 2 -29.12 31.69 33.42
N GLN B 3 -29.74 30.55 33.79
CA GLN B 3 -29.30 29.64 34.84
C GLN B 3 -27.93 29.01 34.49
N ALA B 4 -27.21 28.53 35.51
CA ALA B 4 -25.90 27.88 35.41
C ALA B 4 -25.93 26.51 34.68
N LEU B 5 -27.12 26.08 34.23
CA LEU B 5 -27.33 25.02 33.24
C LEU B 5 -26.64 25.36 31.91
N SER B 6 -26.32 26.64 31.66
CA SER B 6 -25.61 27.12 30.49
C SER B 6 -24.15 26.66 30.44
N GLU B 7 -23.53 26.31 31.58
CA GLU B 7 -22.16 25.79 31.64
C GLU B 7 -22.10 24.27 31.45
N ILE B 8 -23.26 23.60 31.43
CA ILE B 8 -23.43 22.19 31.11
C ILE B 8 -23.83 22.08 29.62
N GLU B 9 -24.60 23.05 29.11
CA GLU B 9 -25.19 23.06 27.78
C GLU B 9 -24.22 23.59 26.72
N THR B 10 -23.39 24.60 27.05
CA THR B 10 -22.36 25.13 26.16
C THR B 10 -21.14 24.20 26.13
N ARG B 11 -20.88 23.46 27.22
CA ARG B 11 -19.85 22.42 27.25
C ARG B 11 -20.28 21.23 26.38
N HIS B 12 -21.58 20.90 26.35
CA HIS B 12 -22.14 19.89 25.46
C HIS B 12 -22.12 20.37 24.01
N SER B 13 -22.25 21.68 23.76
CA SER B 13 -22.23 22.26 22.42
C SER B 13 -20.82 22.25 21.81
N GLU B 14 -19.77 22.28 22.66
CA GLU B 14 -18.37 22.17 22.24
C GLU B 14 -17.93 20.70 22.11
N ILE B 15 -18.69 19.75 22.68
CA ILE B 15 -18.45 18.31 22.61
C ILE B 15 -19.10 17.71 21.36
N ILE B 16 -20.25 18.24 20.91
CA ILE B 16 -20.85 17.83 19.64
C ILE B 16 -20.21 18.59 18.46
N LYS B 17 -19.49 19.69 18.72
CA LYS B 17 -18.67 20.39 17.74
C LYS B 17 -17.33 19.66 17.54
N LEU B 18 -16.75 19.12 18.63
CA LEU B 18 -15.51 18.35 18.58
C LEU B 18 -15.77 16.98 17.96
N GLU B 19 -16.94 16.37 18.19
CA GLU B 19 -17.34 15.12 17.57
C GLU B 19 -17.64 15.33 16.08
N ASN B 20 -18.23 16.48 15.69
CA ASN B 20 -18.51 16.81 14.30
C ASN B 20 -17.22 17.06 13.50
N SER B 21 -16.15 17.53 14.17
CA SER B 21 -14.85 17.76 13.57
C SER B 21 -13.99 16.48 13.53
N ILE B 22 -14.28 15.51 14.42
CA ILE B 22 -13.69 14.17 14.40
C ILE B 22 -14.41 13.31 13.34
N ARG B 23 -15.67 13.60 13.00
CA ARG B 23 -16.41 12.96 11.92
C ARG B 23 -16.02 13.55 10.56
N GLU B 24 -15.61 14.82 10.52
CA GLU B 24 -15.06 15.47 9.33
C GLU B 24 -13.64 14.95 9.05
N LEU B 25 -12.89 14.61 10.11
CA LEU B 25 -11.54 14.09 10.02
C LEU B 25 -11.56 12.60 9.63
N HIS B 26 -12.50 11.82 10.20
CA HIS B 26 -12.65 10.39 9.91
C HIS B 26 -13.28 10.17 8.52
N ASP B 27 -14.01 11.15 7.99
CA ASP B 27 -14.49 11.14 6.61
C ASP B 27 -13.32 11.21 5.63
N MET B 28 -12.23 11.91 5.98
CA MET B 28 -11.02 11.99 5.15
C MET B 28 -10.09 10.80 5.36
N PHE B 29 -10.09 10.15 6.53
CA PHE B 29 -9.30 8.94 6.76
C PHE B 29 -9.90 7.73 6.04
N MET B 30 -11.23 7.70 5.84
CA MET B 30 -11.92 6.61 5.17
C MET B 30 -12.01 6.84 3.66
N ASP B 31 -12.29 8.08 3.21
CA ASP B 31 -12.41 8.39 1.79
C ASP B 31 -11.06 8.37 1.09
N MET B 32 -9.97 8.76 1.79
CA MET B 32 -8.62 8.71 1.25
C MET B 32 -8.03 7.29 1.33
N ALA B 33 -8.50 6.44 2.24
CA ALA B 33 -8.14 5.02 2.26
C ALA B 33 -8.81 4.25 1.12
N MET B 34 -9.96 4.73 0.62
CA MET B 34 -10.64 4.20 -0.55
C MET B 34 -10.01 4.70 -1.85
N LEU B 35 -9.47 5.94 -1.86
CA LEU B 35 -8.81 6.53 -3.02
C LEU B 35 -7.41 5.95 -3.21
N VAL B 36 -6.66 5.68 -2.13
CA VAL B 36 -5.34 5.07 -2.16
C VAL B 36 -5.45 3.59 -2.57
N GLU B 37 -6.56 2.91 -2.25
CA GLU B 37 -6.83 1.54 -2.67
C GLU B 37 -7.20 1.48 -4.16
N SER B 38 -7.95 2.47 -4.66
CA SER B 38 -8.36 2.58 -6.06
C SER B 38 -7.22 3.09 -6.96
N GLN B 39 -6.18 3.68 -6.38
CA GLN B 39 -4.95 4.10 -7.05
C GLN B 39 -3.84 3.07 -6.87
N GLY B 40 -4.00 2.11 -5.93
CA GLY B 40 -3.18 0.92 -5.83
C GLY B 40 -3.60 -0.11 -6.89
N GLU B 41 -4.82 0.00 -7.42
CA GLU B 41 -5.29 -0.74 -8.58
C GLU B 41 -4.64 -0.18 -9.86
N MET B 42 -4.43 1.14 -9.93
CA MET B 42 -3.75 1.78 -11.06
C MET B 42 -2.27 1.43 -11.06
N ILE B 43 -1.60 1.39 -9.90
CA ILE B 43 -0.17 1.12 -9.76
C ILE B 43 0.13 -0.35 -10.05
N ASP B 44 -0.77 -1.28 -9.70
CA ASP B 44 -0.65 -2.70 -9.99
C ASP B 44 -0.88 -3.00 -11.48
N ARG B 45 -1.71 -2.18 -12.15
CA ARG B 45 -2.02 -2.31 -13.57
C ARG B 45 -0.96 -1.63 -14.44
N ILE B 46 -0.30 -0.57 -13.95
CA ILE B 46 0.86 0.05 -14.59
C ILE B 46 2.05 -0.91 -14.48
N GLU B 47 2.21 -1.61 -13.35
CA GLU B 47 3.29 -2.57 -13.15
C GLU B 47 3.14 -3.78 -14.08
N TYR B 48 1.91 -4.26 -14.31
CA TYR B 48 1.64 -5.39 -15.19
C TYR B 48 1.73 -5.02 -16.67
N ASN B 49 1.46 -3.74 -17.01
CA ASN B 49 1.55 -3.19 -18.36
C ASN B 49 3.02 -2.93 -18.74
N VAL B 50 3.85 -2.54 -17.77
CA VAL B 50 5.28 -2.26 -17.96
C VAL B 50 6.08 -3.58 -17.90
N GLU B 51 5.59 -4.63 -17.24
CA GLU B 51 6.17 -5.97 -17.33
C GLU B 51 5.97 -6.57 -18.73
N HIS B 52 4.86 -6.21 -19.40
CA HIS B 52 4.54 -6.66 -20.75
C HIS B 52 5.29 -5.82 -21.79
N ALA B 53 5.59 -4.55 -21.50
CA ALA B 53 6.35 -3.66 -22.37
C ALA B 53 7.87 -3.88 -22.23
N VAL B 54 8.34 -4.40 -21.09
CA VAL B 54 9.71 -4.88 -20.90
C VAL B 54 9.89 -6.19 -21.70
N ASP B 55 8.85 -7.03 -21.77
CA ASP B 55 8.87 -8.29 -22.49
C ASP B 55 8.86 -8.08 -24.01
N TYR B 56 8.14 -7.05 -24.51
CA TYR B 56 8.16 -6.67 -25.92
C TYR B 56 9.51 -6.08 -26.33
N VAL B 57 10.16 -5.29 -25.45
CA VAL B 57 11.41 -4.59 -25.73
C VAL B 57 12.60 -5.56 -25.76
N GLU B 58 12.68 -6.49 -24.81
CA GLU B 58 13.81 -7.41 -24.71
C GLU B 58 13.83 -8.43 -25.85
N ARG B 59 12.66 -8.77 -26.41
CA ARG B 59 12.53 -9.66 -27.56
C ARG B 59 12.76 -8.91 -28.88
N ALA B 60 12.36 -7.64 -28.95
CA ALA B 60 12.55 -6.81 -30.14
C ALA B 60 14.03 -6.49 -30.37
N VAL B 61 14.80 -6.30 -29.30
CA VAL B 61 16.21 -5.94 -29.36
C VAL B 61 17.10 -7.18 -29.51
N SER B 62 16.64 -8.37 -29.05
CA SER B 62 17.32 -9.63 -29.29
C SER B 62 17.22 -10.09 -30.75
N ASP B 63 16.20 -9.62 -31.50
CA ASP B 63 16.01 -9.93 -32.92
C ASP B 63 16.42 -8.77 -33.84
N THR B 64 16.65 -7.57 -33.30
CA THR B 64 17.30 -6.48 -34.03
C THR B 64 18.82 -6.69 -34.04
N LYS B 65 19.41 -7.18 -32.94
CA LYS B 65 20.82 -7.55 -32.89
C LYS B 65 21.13 -8.71 -33.85
N LYS B 66 20.20 -9.65 -34.01
CA LYS B 66 20.36 -10.81 -34.88
C LYS B 66 20.19 -10.43 -36.35
N ALA B 67 19.35 -9.43 -36.67
CA ALA B 67 19.17 -8.88 -38.01
C ALA B 67 20.38 -8.05 -38.47
N VAL B 68 21.12 -7.46 -37.52
CA VAL B 68 22.22 -6.51 -37.78
C VAL B 68 23.56 -7.25 -37.88
N LYS B 69 23.73 -8.38 -37.18
CA LYS B 69 24.93 -9.24 -37.29
C LYS B 69 24.96 -10.02 -38.61
N TYR B 70 23.85 -10.03 -39.37
CA TYR B 70 23.70 -10.77 -40.62
C TYR B 70 22.95 -9.91 -41.65
N GLN B 71 23.31 -8.62 -41.72
CA GLN B 71 22.87 -7.69 -42.76
C GLN B 71 23.63 -7.88 -44.08
N SER B 72 24.82 -8.51 -44.04
CA SER B 72 25.75 -8.68 -45.15
C SER B 72 26.66 -9.89 -44.89
N MET C 1 -41.42 27.48 41.22
CA MET C 1 -40.02 27.17 41.54
C MET C 1 -39.72 25.69 41.27
N ARG C 2 -40.55 24.79 41.82
CA ARG C 2 -40.33 23.34 41.81
C ARG C 2 -40.36 22.75 40.40
N ASN C 3 -41.16 23.30 39.47
CA ASN C 3 -41.23 22.82 38.09
C ASN C 3 -40.04 23.34 37.27
N GLU C 4 -39.53 24.55 37.55
CA GLU C 4 -38.36 25.11 36.89
C GLU C 4 -37.08 24.40 37.35
N LEU C 5 -37.06 23.89 38.60
CA LEU C 5 -35.97 23.11 39.16
C LEU C 5 -35.99 21.68 38.61
N GLU C 6 -37.19 21.10 38.38
CA GLU C 6 -37.36 19.76 37.84
C GLU C 6 -37.00 19.71 36.34
N GLU C 7 -37.27 20.79 35.60
CA GLU C 7 -36.93 20.92 34.18
C GLU C 7 -35.45 21.25 33.99
N MET C 8 -34.79 21.87 34.99
CA MET C 8 -33.36 22.10 35.00
C MET C 8 -32.61 20.79 35.27
N GLN C 9 -33.13 19.96 36.20
CA GLN C 9 -32.55 18.69 36.60
C GLN C 9 -32.70 17.60 35.52
N ARG C 10 -33.78 17.62 34.74
CA ARG C 10 -34.04 16.66 33.68
C ARG C 10 -33.31 17.01 32.38
N ARG C 11 -33.05 18.31 32.15
CA ARG C 11 -32.22 18.78 31.05
C ARG C 11 -30.73 18.59 31.38
N ALA C 12 -30.34 18.71 32.66
CA ALA C 12 -28.96 18.48 33.11
C ALA C 12 -28.63 16.98 33.16
N ASP C 13 -29.62 16.11 33.39
CA ASP C 13 -29.47 14.66 33.38
C ASP C 13 -29.34 14.16 31.93
N GLN C 14 -30.10 14.77 31.00
CA GLN C 14 -30.05 14.46 29.58
C GLN C 14 -28.72 14.93 28.98
N LEU C 15 -28.24 16.13 29.36
CA LEU C 15 -26.99 16.71 28.84
C LEU C 15 -25.77 16.00 29.41
N ALA C 16 -25.82 15.48 30.64
CA ALA C 16 -24.71 14.78 31.28
C ALA C 16 -24.57 13.35 30.74
N ASP C 17 -25.67 12.73 30.31
CA ASP C 17 -25.69 11.40 29.72
C ASP C 17 -25.35 11.45 28.23
N GLU C 18 -25.71 12.54 27.52
CA GLU C 18 -25.49 12.70 26.10
C GLU C 18 -24.09 13.29 25.81
N SER C 19 -23.48 14.02 26.76
CA SER C 19 -22.08 14.42 26.70
C SER C 19 -21.17 13.23 26.98
N LEU C 20 -21.56 12.34 27.92
CA LEU C 20 -20.78 11.17 28.27
C LEU C 20 -20.81 10.12 27.16
N GLU C 21 -21.96 9.97 26.48
CA GLU C 21 -22.12 9.06 25.35
C GLU C 21 -21.45 9.64 24.09
N SER C 22 -21.37 10.97 23.95
CA SER C 22 -20.74 11.62 22.82
C SER C 22 -19.20 11.56 22.91
N THR C 23 -18.62 11.65 24.11
CA THR C 23 -17.17 11.52 24.30
C THR C 23 -16.74 10.05 24.22
N ARG C 24 -17.61 9.11 24.65
CA ARG C 24 -17.41 7.68 24.50
C ARG C 24 -17.57 7.23 23.03
N ARG C 25 -18.22 8.07 22.19
CA ARG C 25 -18.39 7.85 20.76
C ARG C 25 -17.32 8.60 19.94
N MET C 26 -16.66 9.64 20.48
CA MET C 26 -15.42 10.18 19.91
C MET C 26 -14.32 9.12 19.97
N LEU C 27 -14.30 8.33 21.06
CA LEU C 27 -13.30 7.31 21.33
C LEU C 27 -13.41 6.11 20.38
N GLN C 28 -14.59 5.92 19.76
CA GLN C 28 -14.79 4.96 18.68
C GLN C 28 -14.22 5.52 17.36
N LEU C 29 -14.56 6.78 17.04
CA LEU C 29 -14.31 7.39 15.73
C LEU C 29 -12.82 7.71 15.51
N VAL C 30 -12.12 8.19 16.54
CA VAL C 30 -10.71 8.59 16.46
C VAL C 30 -9.77 7.38 16.47
N GLU C 31 -10.20 6.26 17.08
CA GLU C 31 -9.49 4.99 17.13
C GLU C 31 -9.66 4.22 15.81
N GLU C 32 -10.77 4.45 15.10
CA GLU C 32 -11.02 3.91 13.76
C GLU C 32 -10.42 4.81 12.67
N SER C 33 -10.09 6.08 12.99
CA SER C 33 -9.29 6.94 12.12
C SER C 33 -7.81 6.53 12.16
N LYS C 34 -7.35 5.95 13.28
CA LYS C 34 -6.02 5.37 13.42
C LYS C 34 -5.96 4.00 12.74
N ASP C 35 -7.06 3.23 12.75
CA ASP C 35 -7.18 1.95 12.05
C ASP C 35 -7.22 2.15 10.53
N ALA C 36 -7.74 3.30 10.06
CA ALA C 36 -7.79 3.67 8.65
C ALA C 36 -6.51 4.37 8.20
N GLY C 37 -5.73 4.94 9.14
CA GLY C 37 -4.47 5.64 8.86
C GLY C 37 -3.30 4.66 8.81
N ILE C 38 -3.37 3.53 9.52
CA ILE C 38 -2.38 2.46 9.46
C ILE C 38 -2.66 1.51 8.29
N ARG C 39 -3.93 1.39 7.84
CA ARG C 39 -4.27 0.68 6.62
C ARG C 39 -3.81 1.45 5.38
N THR C 40 -3.74 2.80 5.46
CA THR C 40 -3.20 3.63 4.39
C THR C 40 -1.67 3.52 4.35
N LEU C 41 -0.99 3.35 5.50
CA LEU C 41 0.47 3.19 5.57
C LEU C 41 0.93 1.79 5.11
N VAL C 42 0.08 0.76 5.25
CA VAL C 42 0.35 -0.60 4.76
C VAL C 42 0.10 -0.68 3.25
N MET C 43 -0.84 0.12 2.73
CA MET C 43 -1.09 0.25 1.29
C MET C 43 0.02 1.06 0.60
N LEU C 44 0.63 2.04 1.29
CA LEU C 44 1.74 2.84 0.79
C LEU C 44 3.08 2.11 0.93
N ASP C 45 3.18 1.09 1.81
CA ASP C 45 4.35 0.23 1.89
C ASP C 45 4.39 -0.72 0.68
N GLU C 46 3.21 -1.13 0.17
CA GLU C 46 3.08 -2.01 -0.98
C GLU C 46 3.16 -1.23 -2.30
N GLN C 47 2.61 0.00 -2.36
CA GLN C 47 2.57 0.82 -3.56
C GLN C 47 3.90 1.56 -3.80
N GLY C 48 4.69 1.81 -2.75
CA GLY C 48 6.03 2.38 -2.86
C GLY C 48 7.04 1.32 -3.31
N GLU C 49 6.75 0.03 -3.04
CA GLU C 49 7.53 -1.11 -3.48
C GLU C 49 7.27 -1.40 -4.97
N GLN C 50 6.06 -1.11 -5.47
CA GLN C 50 5.65 -1.34 -6.84
C GLN C 50 6.08 -0.20 -7.77
N LEU C 51 6.11 1.06 -7.28
CA LEU C 51 6.54 2.22 -8.06
C LEU C 51 8.07 2.22 -8.26
N ASP C 52 8.82 1.53 -7.38
CA ASP C 52 10.25 1.33 -7.54
C ASP C 52 10.55 0.27 -8.60
N ARG C 53 9.62 -0.68 -8.85
CA ARG C 53 9.73 -1.69 -9.90
C ARG C 53 9.19 -1.22 -11.25
N VAL C 54 8.30 -0.20 -11.26
CA VAL C 54 7.90 0.49 -12.48
C VAL C 54 9.06 1.38 -12.94
N GLU C 55 9.79 2.00 -12.00
CA GLU C 55 10.98 2.81 -12.29
C GLU C 55 12.15 1.94 -12.79
N GLU C 56 12.24 0.69 -12.29
CA GLU C 56 13.26 -0.28 -12.70
C GLU C 56 12.91 -0.92 -14.05
N GLY C 57 11.61 -1.01 -14.39
CA GLY C 57 11.14 -1.51 -15.68
C GLY C 57 11.28 -0.45 -16.77
N MET C 58 11.23 0.83 -16.41
CA MET C 58 11.54 1.95 -17.29
C MET C 58 13.06 2.11 -17.48
N ASN C 59 13.87 1.66 -16.50
CA ASN C 59 15.32 1.68 -16.59
C ASN C 59 15.84 0.54 -17.46
N HIS C 60 15.16 -0.61 -17.46
CA HIS C 60 15.48 -1.75 -18.32
C HIS C 60 15.16 -1.41 -19.79
N ILE C 61 14.05 -0.70 -20.04
CA ILE C 61 13.68 -0.25 -21.38
C ILE C 61 14.64 0.84 -21.85
N ASN C 62 15.13 1.73 -20.96
CA ASN C 62 16.05 2.80 -21.31
C ASN C 62 17.43 2.27 -21.71
N GLN C 63 17.87 1.13 -21.17
CA GLN C 63 19.15 0.50 -21.48
C GLN C 63 19.06 -0.38 -22.75
N ASP C 64 17.87 -0.88 -23.11
CA ASP C 64 17.62 -1.58 -24.36
C ASP C 64 17.35 -0.61 -25.51
N MET C 65 16.91 0.63 -25.22
CA MET C 65 16.76 1.71 -26.19
C MET C 65 18.11 2.43 -26.43
N LYS C 66 19.03 2.38 -25.46
CA LYS C 66 20.40 2.86 -25.58
C LYS C 66 21.23 1.89 -26.43
N GLU C 67 20.94 0.58 -26.34
CA GLU C 67 21.61 -0.46 -27.11
C GLU C 67 21.06 -0.51 -28.54
N ALA C 68 19.75 -0.31 -28.72
CA ALA C 68 19.10 -0.26 -30.02
C ALA C 68 19.47 1.00 -30.81
N GLU C 69 19.93 2.07 -30.13
CA GLU C 69 20.40 3.29 -30.78
C GLU C 69 21.65 3.03 -31.64
N LYS C 70 22.45 2.02 -31.26
CA LYS C 70 23.72 1.67 -31.90
C LYS C 70 23.51 0.62 -33.00
N ASN C 71 22.57 -0.32 -32.82
CA ASN C 71 22.30 -1.40 -33.78
C ASN C 71 21.48 -0.91 -34.98
N LEU C 72 20.50 -0.02 -34.76
CA LEU C 72 19.66 0.54 -35.82
C LEU C 72 20.44 1.53 -36.70
N LYS C 73 21.49 2.17 -36.16
CA LYS C 73 22.38 3.06 -36.90
C LYS C 73 23.39 2.26 -37.74
N ASP C 74 23.83 1.09 -37.24
CA ASP C 74 24.76 0.20 -37.95
C ASP C 74 24.09 -0.48 -39.16
N LEU C 75 22.75 -0.58 -39.17
CA LEU C 75 22.00 -1.24 -40.23
C LEU C 75 21.92 -0.33 -41.46
N GLY C 76 22.33 -0.87 -42.61
CA GLY C 76 22.34 -0.16 -43.87
C GLY C 76 23.47 0.87 -43.91
N LYS C 77 23.13 2.07 -44.44
CA LYS C 77 24.05 3.19 -44.58
C LYS C 77 23.24 4.49 -44.69
N GLY D 1 -4.90 14.23 34.53
CA GLY D 1 -5.13 15.66 34.84
C GLY D 1 -6.59 16.06 34.65
N GLY D 2 -6.78 17.29 34.16
CA GLY D 2 -8.08 17.86 33.82
C GLY D 2 -8.34 17.80 32.32
N PHE D 3 -9.43 18.45 31.89
CA PHE D 3 -9.78 18.62 30.48
C PHE D 3 -10.81 19.73 30.28
N ILE D 4 -11.69 19.94 31.28
CA ILE D 4 -12.90 20.76 31.19
C ILE D 4 -13.11 21.50 32.52
N ARG D 5 -13.90 22.59 32.46
CA ARG D 5 -14.31 23.33 33.63
C ARG D 5 -15.33 22.49 34.42
N ARG D 6 -14.94 22.09 35.63
CA ARG D 6 -15.77 21.30 36.53
C ARG D 6 -16.82 22.21 37.19
N VAL D 7 -18.06 21.72 37.26
CA VAL D 7 -19.23 22.48 37.73
C VAL D 7 -20.22 21.59 38.48
N THR D 8 -20.48 20.35 38.00
CA THR D 8 -21.39 19.39 38.64
C THR D 8 -20.59 18.39 39.49
N ASN D 9 -21.17 18.02 40.64
CA ASN D 9 -20.59 17.05 41.58
C ASN D 9 -20.79 15.59 41.11
N ASP D 10 -21.65 15.37 40.10
CA ASP D 10 -22.03 14.05 39.62
C ASP D 10 -20.85 13.33 38.92
N ALA D 11 -20.90 11.99 38.95
CA ALA D 11 -19.84 11.10 38.45
C ALA D 11 -19.69 11.11 36.93
N ARG D 12 -20.71 11.56 36.17
CA ARG D 12 -20.67 11.61 34.71
C ARG D 12 -19.71 12.69 34.18
N GLU D 13 -19.34 13.68 35.04
CA GLU D 13 -18.34 14.70 34.73
C GLU D 13 -16.91 14.16 34.86
N ASN D 14 -16.70 13.18 35.74
CA ASN D 14 -15.40 12.54 35.95
C ASN D 14 -15.16 11.38 34.95
N GLU D 15 -16.24 10.80 34.40
CA GLU D 15 -16.20 9.70 33.45
C GLU D 15 -15.99 10.18 32.00
N MET D 16 -16.45 11.40 31.66
CA MET D 16 -16.23 12.01 30.35
C MET D 16 -14.81 12.59 30.24
N ASP D 17 -14.11 12.80 31.36
CA ASP D 17 -12.72 13.23 31.41
C ASP D 17 -11.78 12.09 30.99
N GLU D 18 -12.15 10.83 31.29
CA GLU D 18 -11.40 9.63 30.88
C GLU D 18 -11.51 9.41 29.37
N ASN D 19 -12.68 9.68 28.78
CA ASN D 19 -12.91 9.54 27.34
C ASN D 19 -12.16 10.63 26.56
N LEU D 20 -12.14 11.87 27.06
CA LEU D 20 -11.46 12.99 26.42
C LEU D 20 -9.93 12.87 26.53
N GLU D 21 -9.42 12.21 27.58
CA GLU D 21 -8.00 11.96 27.78
C GLU D 21 -7.46 10.94 26.76
N GLN D 22 -8.27 9.92 26.42
CA GLN D 22 -7.91 8.89 25.45
C GLN D 22 -8.14 9.35 24.00
N VAL D 23 -9.03 10.33 23.78
CA VAL D 23 -9.20 10.99 22.48
C VAL D 23 -8.01 11.93 22.23
N SER D 24 -7.46 12.56 23.28
CA SER D 24 -6.28 13.41 23.21
C SER D 24 -4.99 12.60 23.03
N GLY D 25 -4.99 11.33 23.47
CA GLY D 25 -3.84 10.43 23.39
C GLY D 25 -3.72 9.75 22.03
N ILE D 26 -4.86 9.54 21.34
CA ILE D 26 -4.89 8.94 20.01
C ILE D 26 -4.69 10.03 18.95
N ILE D 27 -5.26 11.23 19.12
CA ILE D 27 -5.09 12.36 18.20
C ILE D 27 -3.69 13.00 18.38
N GLY D 28 -3.01 12.71 19.51
CA GLY D 28 -1.63 13.10 19.77
C GLY D 28 -0.60 12.18 19.10
N ASN D 29 -1.06 11.16 18.36
CA ASN D 29 -0.26 10.20 17.60
C ASN D 29 -0.73 10.14 16.14
N LEU D 30 -2.01 10.43 15.89
CA LEU D 30 -2.65 10.46 14.58
C LEU D 30 -2.34 11.75 13.82
N ARG D 31 -1.92 12.81 14.55
CA ARG D 31 -1.40 14.04 13.98
C ARG D 31 -0.04 13.81 13.29
N HIS D 32 0.75 12.84 13.79
CA HIS D 32 2.04 12.44 13.23
C HIS D 32 1.88 11.36 12.17
N MET D 33 0.82 10.54 12.25
CA MET D 33 0.52 9.48 11.30
C MET D 33 0.00 10.07 9.98
N ALA D 34 -0.76 11.17 10.04
CA ALA D 34 -1.25 11.91 8.89
C ALA D 34 -0.13 12.68 8.21
N LEU D 35 0.82 13.24 8.98
CA LEU D 35 1.92 14.05 8.48
C LEU D 35 3.01 13.18 7.83
N ASP D 36 3.18 11.93 8.29
CA ASP D 36 4.20 11.01 7.82
C ASP D 36 3.72 10.15 6.64
N MET D 37 2.40 9.85 6.56
CA MET D 37 1.82 9.22 5.38
C MET D 37 1.55 10.25 4.28
N GLY D 38 1.45 11.54 4.63
CA GLY D 38 1.34 12.65 3.70
C GLY D 38 2.69 12.99 3.07
N ASN D 39 3.80 12.66 3.76
CA ASN D 39 5.16 12.70 3.23
C ASN D 39 5.35 11.56 2.21
N GLU D 40 4.83 10.35 2.51
CA GLU D 40 4.98 9.18 1.64
C GLU D 40 4.06 9.27 0.41
N ILE D 41 2.94 10.00 0.51
CA ILE D 41 2.04 10.33 -0.58
C ILE D 41 2.74 11.31 -1.53
N ASP D 42 3.45 12.31 -1.00
CA ASP D 42 4.09 13.36 -1.79
C ASP D 42 5.39 12.86 -2.45
N THR D 43 6.10 11.93 -1.81
CA THR D 43 7.33 11.33 -2.35
C THR D 43 6.99 10.36 -3.48
N GLN D 44 5.88 9.60 -3.36
CA GLN D 44 5.40 8.73 -4.41
C GLN D 44 4.73 9.53 -5.54
N ASN D 45 4.17 10.71 -5.28
CA ASN D 45 3.54 11.55 -6.31
C ASN D 45 4.61 12.25 -7.16
N ARG D 46 5.77 12.58 -6.57
CA ARG D 46 6.93 13.11 -7.27
C ARG D 46 7.76 11.99 -7.94
N GLN D 47 7.52 10.72 -7.56
CA GLN D 47 8.05 9.56 -8.27
C GLN D 47 7.13 9.19 -9.45
N ILE D 48 5.81 9.37 -9.33
CA ILE D 48 4.84 9.11 -10.40
C ILE D 48 4.98 10.18 -11.49
N ASP D 49 5.29 11.43 -11.11
CA ASP D 49 5.50 12.55 -12.03
C ASP D 49 6.85 12.44 -12.75
N ARG D 50 7.84 11.78 -12.12
CA ARG D 50 9.15 11.51 -12.71
C ARG D 50 9.11 10.25 -13.59
N ILE D 51 8.22 9.31 -13.31
CA ILE D 51 7.96 8.12 -14.12
C ILE D 51 7.02 8.48 -15.29
N MET D 52 6.22 9.56 -15.20
CA MET D 52 5.45 10.10 -16.31
C MET D 52 6.40 10.72 -17.33
N GLU D 53 7.45 11.42 -16.87
CA GLU D 53 8.49 12.00 -17.73
C GLU D 53 9.38 10.90 -18.33
N LYS D 54 9.59 9.78 -17.62
CA LYS D 54 10.40 8.67 -18.07
C LYS D 54 9.63 7.76 -19.04
N ALA D 55 8.30 7.65 -18.87
CA ALA D 55 7.41 6.90 -19.75
C ALA D 55 7.12 7.68 -21.03
N ASP D 56 7.27 9.02 -21.01
CA ASP D 56 7.14 9.86 -22.19
C ASP D 56 8.42 9.78 -23.03
N SER D 57 9.60 9.70 -22.39
CA SER D 57 10.89 9.66 -23.07
C SER D 57 11.21 8.25 -23.61
N ASN D 58 10.71 7.18 -22.95
CA ASN D 58 10.80 5.82 -23.47
C ASN D 58 9.75 5.58 -24.58
N LYS D 59 8.61 6.28 -24.55
CA LYS D 59 7.62 6.21 -25.62
C LYS D 59 8.13 6.95 -26.88
N THR D 60 8.92 8.02 -26.70
CA THR D 60 9.56 8.75 -27.79
C THR D 60 10.66 7.90 -28.44
N ARG D 61 11.47 7.19 -27.64
CA ARG D 61 12.58 6.39 -28.13
C ARG D 61 12.13 5.08 -28.80
N ILE D 62 10.98 4.52 -28.40
CA ILE D 62 10.50 3.23 -28.90
C ILE D 62 9.57 3.38 -30.11
N ASP D 63 8.88 4.52 -30.23
CA ASP D 63 8.13 4.88 -31.43
C ASP D 63 9.09 5.30 -32.54
N GLU D 64 10.27 5.83 -32.18
CA GLU D 64 11.36 6.13 -33.11
C GLU D 64 12.13 4.85 -33.48
N ALA D 65 12.24 3.87 -32.56
CA ALA D 65 12.89 2.59 -32.84
C ALA D 65 12.04 1.72 -33.78
N ASN D 66 10.71 1.87 -33.72
CA ASN D 66 9.77 1.26 -34.65
C ASN D 66 9.83 1.96 -36.02
N GLN D 67 10.10 3.28 -36.03
CA GLN D 67 10.21 4.07 -37.26
C GLN D 67 11.54 3.81 -37.98
N ARG D 68 12.60 3.44 -37.23
CA ARG D 68 13.92 3.08 -37.74
C ARG D 68 14.00 1.61 -38.16
N ALA D 69 13.10 0.75 -37.67
CA ALA D 69 12.95 -0.62 -38.14
C ALA D 69 12.24 -0.61 -39.50
N THR D 70 11.19 0.22 -39.66
CA THR D 70 10.44 0.38 -40.90
C THR D 70 11.14 1.31 -41.91
N LYS D 71 12.22 2.00 -41.51
CA LYS D 71 13.10 2.75 -42.41
C LYS D 71 13.87 1.78 -43.33
N MET D 72 14.06 0.54 -42.88
CA MET D 72 14.83 -0.50 -43.56
C MET D 72 13.93 -1.59 -44.16
N LEU D 73 12.58 -1.44 -44.12
CA LEU D 73 11.62 -2.47 -44.51
C LEU D 73 10.49 -1.92 -45.37
N GLY D 74 9.81 -2.84 -46.06
CA GLY D 74 8.64 -2.59 -46.90
C GLY D 74 8.06 -3.88 -47.50
N SER E 1 12.71 -18.11 19.60
CA SER E 1 13.83 -17.14 19.54
C SER E 1 15.17 -17.85 19.47
N GLY E 2 16.06 -17.33 18.61
CA GLY E 2 17.37 -17.91 18.32
C GLY E 2 17.27 -19.02 17.28
N GLY E 3 18.44 -19.54 16.86
CA GLY E 3 18.57 -20.55 15.81
C GLY E 3 18.13 -21.96 16.23
N GLY E 4 17.90 -22.19 17.54
CA GLY E 4 17.46 -23.47 18.07
C GLY E 4 15.97 -23.69 17.80
N GLY E 5 15.63 -24.91 17.36
CA GLY E 5 14.28 -25.32 17.01
C GLY E 5 13.62 -26.16 18.11
N GLY E 6 12.44 -26.69 17.79
CA GLY E 6 11.61 -27.50 18.69
C GLY E 6 11.71 -29.00 18.40
N ILE E 7 10.70 -29.74 18.91
CA ILE E 7 10.60 -31.19 18.82
C ILE E 7 10.26 -31.69 17.40
N LEU E 8 9.55 -30.87 16.61
CA LEU E 8 9.08 -31.23 15.28
C LEU E 8 10.24 -31.25 14.27
N GLU E 9 10.09 -32.12 13.25
CA GLU E 9 11.04 -32.25 12.15
C GLU E 9 11.00 -30.99 11.28
N LYS E 10 12.18 -30.54 10.84
CA LYS E 10 12.35 -29.30 10.09
C LYS E 10 11.69 -29.37 8.70
N LEU E 11 11.15 -28.22 8.27
CA LEU E 11 10.54 -28.00 6.97
C LEU E 11 11.60 -27.99 5.84
N GLY E 12 12.88 -27.76 6.20
CA GLY E 12 14.01 -27.70 5.30
C GLY E 12 15.07 -26.72 5.81
N ASP E 13 16.13 -26.55 5.01
CA ASP E 13 17.20 -25.60 5.25
C ASP E 13 17.29 -24.61 4.08
N ILE E 14 18.18 -23.62 4.23
CA ILE E 14 18.32 -22.48 3.32
C ILE E 14 19.68 -21.82 3.53
N CYS E 15 20.47 -21.77 2.44
CA CYS E 15 21.76 -21.11 2.36
C CYS E 15 21.61 -19.73 1.71
N PHE E 16 22.48 -18.81 2.14
CA PHE E 16 22.61 -17.45 1.63
C PHE E 16 24.00 -16.91 1.99
N SER E 17 24.33 -15.72 1.46
CA SER E 17 25.67 -15.15 1.49
C SER E 17 25.62 -13.63 1.47
N LEU E 18 26.59 -13.02 2.16
CA LEU E 18 26.72 -11.57 2.30
C LEU E 18 28.20 -11.15 2.23
N ARG E 19 28.41 -9.88 1.85
CA ARG E 19 29.69 -9.18 1.83
C ARG E 19 29.46 -7.74 2.32
N TYR E 20 30.54 -7.02 2.67
CA TYR E 20 30.50 -5.58 2.90
C TYR E 20 31.60 -4.89 2.08
N VAL E 21 31.30 -3.65 1.63
CA VAL E 21 32.21 -2.80 0.87
C VAL E 21 32.37 -1.49 1.68
N PRO E 22 33.61 -1.09 2.05
CA PRO E 22 33.85 0.06 2.90
C PRO E 22 33.82 1.40 2.16
N THR E 23 34.12 1.41 0.84
CA THR E 23 34.19 2.64 0.04
C THR E 23 32.82 3.06 -0.48
N ALA E 24 31.96 2.09 -0.83
CA ALA E 24 30.63 2.31 -1.37
C ALA E 24 29.54 2.25 -0.28
N GLY E 25 29.86 1.72 0.90
CA GLY E 25 28.93 1.54 2.00
C GLY E 25 27.97 0.36 1.78
N LYS E 26 28.19 -0.47 0.73
CA LYS E 26 27.26 -1.50 0.33
C LYS E 26 27.36 -2.72 1.26
N LEU E 27 26.26 -2.99 1.97
CA LEU E 27 25.90 -4.36 2.32
C LEU E 27 25.50 -5.07 1.02
N THR E 28 25.92 -6.34 0.89
CA THR E 28 25.58 -7.21 -0.22
C THR E 28 24.76 -8.39 0.33
N VAL E 29 23.75 -8.82 -0.44
CA VAL E 29 22.82 -9.88 -0.06
C VAL E 29 22.48 -10.69 -1.32
N VAL E 30 22.46 -12.02 -1.18
CA VAL E 30 22.12 -12.97 -2.24
C VAL E 30 21.80 -14.33 -1.61
N ILE E 31 20.86 -15.08 -2.22
CA ILE E 31 20.41 -16.38 -1.73
C ILE E 31 21.01 -17.46 -2.65
N LEU E 32 21.71 -18.42 -2.03
CA LEU E 32 22.46 -19.47 -2.72
C LEU E 32 21.53 -20.65 -3.03
N GLU E 33 21.12 -21.40 -2.01
CA GLU E 33 20.43 -22.69 -2.16
C GLU E 33 19.32 -22.85 -1.10
N ALA E 34 18.59 -23.96 -1.19
CA ALA E 34 17.55 -24.37 -0.25
C ALA E 34 17.16 -25.83 -0.51
N LYS E 35 16.87 -26.56 0.58
CA LYS E 35 16.37 -27.93 0.54
C LYS E 35 14.85 -27.97 0.33
N ASN E 36 14.14 -26.92 0.76
CA ASN E 36 12.70 -26.75 0.60
C ASN E 36 12.36 -26.24 -0.80
N LEU E 37 11.16 -26.60 -1.27
CA LEU E 37 10.56 -26.11 -2.51
C LEU E 37 9.03 -26.15 -2.38
N LYS E 38 8.37 -25.14 -2.98
CA LYS E 38 6.94 -24.93 -2.84
C LYS E 38 6.14 -26.03 -3.57
N LYS E 39 4.87 -26.19 -3.18
CA LYS E 39 3.95 -27.16 -3.75
C LYS E 39 2.96 -26.44 -4.67
N MET E 40 2.73 -27.03 -5.86
CA MET E 40 1.85 -26.48 -6.88
C MET E 40 0.39 -26.72 -6.49
N ASP E 41 -0.45 -25.69 -6.67
CA ASP E 41 -1.81 -25.62 -6.12
C ASP E 41 -2.77 -26.58 -6.81
N VAL E 42 -2.74 -26.66 -8.15
CA VAL E 42 -3.61 -27.54 -8.94
C VAL E 42 -3.12 -28.99 -8.91
N GLY E 43 -1.85 -29.23 -8.57
CA GLY E 43 -1.22 -30.53 -8.51
C GLY E 43 0.22 -30.47 -9.06
N GLY E 44 1.09 -31.31 -8.48
CA GLY E 44 2.52 -31.33 -8.75
C GLY E 44 3.30 -30.61 -7.66
N LEU E 45 4.55 -30.24 -7.98
CA LEU E 45 5.48 -29.60 -7.06
C LEU E 45 6.21 -28.46 -7.79
N SER E 46 6.06 -27.24 -7.29
CA SER E 46 6.65 -26.02 -7.83
C SER E 46 7.96 -25.66 -7.10
N ASP E 47 8.27 -24.37 -6.98
CA ASP E 47 9.59 -23.85 -6.61
C ASP E 47 9.45 -22.70 -5.61
N PRO E 48 10.43 -22.48 -4.71
CA PRO E 48 10.31 -21.54 -3.60
C PRO E 48 10.52 -20.10 -4.07
N TYR E 49 9.68 -19.19 -3.54
CA TYR E 49 9.98 -17.77 -3.51
C TYR E 49 10.48 -17.43 -2.11
N VAL E 50 11.58 -16.67 -2.08
CA VAL E 50 12.28 -16.22 -0.89
C VAL E 50 12.70 -14.77 -1.11
N LYS E 51 12.25 -13.90 -0.19
CA LYS E 51 12.34 -12.46 -0.29
C LYS E 51 13.26 -11.92 0.80
N ILE E 52 14.09 -10.93 0.43
CA ILE E 52 15.04 -10.29 1.33
C ILE E 52 14.39 -9.03 1.94
N HIS E 53 14.67 -8.81 3.23
CA HIS E 53 14.16 -7.69 4.01
C HIS E 53 15.29 -7.17 4.90
N LEU E 54 15.60 -5.88 4.73
CA LEU E 54 16.51 -5.15 5.60
C LEU E 54 15.74 -4.63 6.81
N MET E 55 16.40 -4.65 7.97
CA MET E 55 15.87 -4.24 9.27
C MET E 55 16.98 -3.59 10.10
N GLN E 56 16.59 -3.02 11.25
CA GLN E 56 17.45 -2.28 12.16
C GLN E 56 16.71 -2.12 13.49
N ASN E 57 17.25 -2.74 14.55
CA ASN E 57 16.68 -2.76 15.90
C ASN E 57 15.33 -3.49 15.95
N GLY E 58 15.11 -4.44 15.03
CA GLY E 58 13.88 -5.22 14.90
C GLY E 58 12.83 -4.53 14.02
N LYS E 59 12.92 -3.19 13.85
CA LYS E 59 12.04 -2.37 13.02
C LYS E 59 12.44 -2.51 11.55
N ARG E 60 11.46 -2.40 10.64
CA ARG E 60 11.67 -2.42 9.20
C ARG E 60 12.53 -1.22 8.77
N LEU E 61 13.42 -1.46 7.80
CA LEU E 61 14.26 -0.44 7.19
C LEU E 61 13.99 -0.37 5.69
N LYS E 62 14.18 -1.48 4.95
CA LYS E 62 13.89 -1.61 3.53
C LYS E 62 13.46 -3.06 3.19
N LYS E 63 13.17 -3.32 1.91
CA LYS E 63 12.79 -4.62 1.36
C LYS E 63 12.89 -4.62 -0.17
N LYS E 64 13.15 -5.80 -0.75
CA LYS E 64 13.29 -6.02 -2.19
C LYS E 64 12.73 -7.38 -2.58
N LYS E 65 12.04 -7.41 -3.73
CA LYS E 65 11.58 -8.61 -4.42
C LYS E 65 12.75 -9.26 -5.18
N THR E 66 12.68 -10.60 -5.32
CA THR E 66 13.53 -11.37 -6.21
C THR E 66 12.64 -12.23 -7.13
N THR E 67 13.08 -12.46 -8.37
CA THR E 67 12.38 -13.29 -9.33
C THR E 67 12.66 -14.78 -9.06
N ILE E 68 11.67 -15.64 -9.36
CA ILE E 68 11.82 -17.10 -9.31
C ILE E 68 11.89 -17.69 -10.72
N LYS E 69 12.39 -18.92 -10.79
CA LYS E 69 12.51 -19.73 -12.01
C LYS E 69 11.78 -21.05 -11.77
N LYS E 70 10.99 -21.49 -12.76
CA LYS E 70 10.23 -22.73 -12.66
C LYS E 70 11.08 -23.96 -13.02
N ASN E 71 10.83 -25.05 -12.29
CA ASN E 71 11.51 -26.34 -12.36
C ASN E 71 13.03 -26.23 -12.04
N THR E 72 13.44 -25.18 -11.32
CA THR E 72 14.83 -24.89 -10.98
C THR E 72 15.34 -25.80 -9.85
N LEU E 73 16.67 -25.94 -9.78
CA LEU E 73 17.36 -26.69 -8.74
C LEU E 73 17.45 -25.84 -7.47
N ASN E 74 17.88 -24.57 -7.62
CA ASN E 74 18.11 -23.61 -6.54
C ASN E 74 17.99 -22.17 -7.07
N PRO E 75 17.76 -21.16 -6.20
CA PRO E 75 17.68 -19.76 -6.59
C PRO E 75 18.97 -19.26 -7.27
N TYR E 76 18.79 -18.44 -8.31
CA TYR E 76 19.87 -17.80 -9.06
C TYR E 76 19.33 -16.56 -9.78
N TYR E 77 20.22 -15.58 -10.00
CA TYR E 77 19.87 -14.22 -10.40
C TYR E 77 20.82 -13.67 -11.47
N ASN E 78 20.38 -12.56 -12.09
CA ASN E 78 21.19 -11.77 -13.02
C ASN E 78 22.40 -11.13 -12.32
N GLU E 79 22.26 -10.81 -11.02
CA GLU E 79 23.28 -10.19 -10.18
C GLU E 79 22.84 -10.23 -8.70
N SER E 80 23.82 -10.13 -7.80
CA SER E 80 23.59 -10.04 -6.37
C SER E 80 23.02 -8.66 -6.02
N PHE E 81 22.05 -8.65 -5.09
CA PHE E 81 21.40 -7.45 -4.59
C PHE E 81 22.32 -6.73 -3.59
N SER E 82 22.04 -5.44 -3.34
CA SER E 82 22.79 -4.60 -2.40
C SER E 82 21.88 -3.52 -1.81
N PHE E 83 22.15 -3.20 -0.54
CA PHE E 83 21.58 -2.08 0.21
C PHE E 83 22.71 -1.17 0.67
N GLU E 84 22.45 0.14 0.71
CA GLU E 84 23.37 1.12 1.31
C GLU E 84 23.12 1.12 2.82
N VAL E 85 24.19 0.84 3.58
CA VAL E 85 24.16 0.65 5.02
C VAL E 85 25.37 1.37 5.63
N PRO E 86 25.17 2.32 6.57
CA PRO E 86 26.27 3.02 7.22
C PRO E 86 26.95 2.10 8.24
N PHE E 87 28.28 2.24 8.37
CA PHE E 87 29.10 1.46 9.29
C PHE E 87 28.89 1.86 10.76
N GLU E 88 28.19 2.98 11.00
CA GLU E 88 27.83 3.48 12.33
C GLU E 88 26.67 2.66 12.94
N GLN E 89 25.87 2.01 12.09
CA GLN E 89 24.69 1.23 12.49
C GLN E 89 24.80 -0.23 12.03
N ILE E 90 25.91 -0.68 11.40
CA ILE E 90 25.97 -1.98 10.75
C ILE E 90 25.87 -3.16 11.74
N GLN E 91 26.25 -2.95 13.02
CA GLN E 91 26.04 -3.90 14.11
C GLN E 91 24.54 -3.99 14.45
N LYS E 92 23.85 -2.84 14.49
CA LYS E 92 22.45 -2.70 14.83
C LYS E 92 21.50 -3.06 13.67
N VAL E 93 22.03 -3.18 12.44
CA VAL E 93 21.33 -3.60 11.23
C VAL E 93 21.37 -5.14 11.15
N GLN E 94 20.37 -5.70 10.45
CA GLN E 94 20.10 -7.14 10.37
C GLN E 94 19.26 -7.44 9.12
N VAL E 95 19.40 -8.64 8.57
CA VAL E 95 18.64 -9.10 7.40
C VAL E 95 17.85 -10.35 7.78
N VAL E 96 16.55 -10.32 7.47
CA VAL E 96 15.62 -11.44 7.55
C VAL E 96 15.35 -11.91 6.12
N VAL E 97 15.44 -13.22 5.90
CA VAL E 97 15.05 -13.87 4.65
C VAL E 97 13.78 -14.68 4.95
N THR E 98 12.62 -14.13 4.53
CA THR E 98 11.32 -14.76 4.65
C THR E 98 11.04 -15.67 3.43
N VAL E 99 10.05 -16.57 3.59
CA VAL E 99 9.61 -17.52 2.58
C VAL E 99 8.11 -17.28 2.34
N LEU E 100 7.67 -17.42 1.08
CA LEU E 100 6.31 -17.10 0.63
C LEU E 100 6.03 -17.66 -0.79
N ASP E 101 4.91 -17.23 -1.40
CA ASP E 101 4.45 -17.60 -2.73
C ASP E 101 4.51 -16.37 -3.65
N TYR E 102 4.97 -16.58 -4.89
CA TYR E 102 5.10 -15.56 -5.94
C TYR E 102 3.75 -15.10 -6.49
N ASP E 103 2.64 -15.75 -6.10
CA ASP E 103 1.27 -15.36 -6.41
C ASP E 103 0.95 -13.98 -5.83
N LYS E 104 0.25 -13.16 -6.62
CA LYS E 104 -0.02 -11.75 -6.34
C LYS E 104 -1.41 -11.52 -5.72
N ILE E 105 -2.28 -12.55 -5.66
CA ILE E 105 -3.68 -12.40 -5.27
C ILE E 105 -3.80 -12.33 -3.74
N GLY E 106 -4.38 -11.22 -3.27
CA GLY E 106 -4.98 -11.09 -1.94
C GLY E 106 -3.98 -11.29 -0.80
N LYS E 107 -4.47 -11.95 0.27
CA LYS E 107 -3.70 -12.30 1.45
C LYS E 107 -2.59 -13.31 1.10
N ASN E 108 -1.46 -13.18 1.81
CA ASN E 108 -0.32 -14.08 1.71
C ASN E 108 0.14 -14.45 3.13
N ASP E 109 0.39 -15.75 3.33
CA ASP E 109 0.95 -16.31 4.55
C ASP E 109 2.43 -16.62 4.33
N ALA E 110 3.26 -16.34 5.35
CA ALA E 110 4.67 -16.68 5.36
C ALA E 110 4.83 -18.17 5.68
N ILE E 111 5.58 -18.87 4.82
CA ILE E 111 5.89 -20.29 4.95
C ILE E 111 6.97 -20.50 6.04
N GLY E 112 7.86 -19.51 6.24
CA GLY E 112 8.89 -19.52 7.27
C GLY E 112 9.76 -18.28 7.24
N LYS E 113 10.78 -18.26 8.11
CA LYS E 113 11.74 -17.17 8.27
C LYS E 113 13.05 -17.72 8.85
N VAL E 114 14.16 -17.10 8.40
CA VAL E 114 15.49 -17.17 8.99
C VAL E 114 16.05 -15.74 9.08
N PHE E 115 17.16 -15.56 9.82
CA PHE E 115 17.64 -14.24 10.21
C PHE E 115 19.12 -14.27 10.63
N VAL E 116 19.78 -13.12 10.45
CA VAL E 116 21.16 -12.86 10.82
C VAL E 116 21.32 -11.38 11.20
N GLY E 117 22.24 -11.09 12.13
CA GLY E 117 22.65 -9.72 12.47
C GLY E 117 22.46 -9.38 13.93
N TYR E 118 21.84 -8.22 14.19
CA TYR E 118 21.72 -7.59 15.49
C TYR E 118 21.03 -8.48 16.52
N ASN E 119 21.64 -8.53 17.71
CA ASN E 119 21.14 -9.18 18.92
C ASN E 119 21.14 -10.72 18.83
N SER E 120 21.60 -11.28 17.70
CA SER E 120 21.68 -12.72 17.45
C SER E 120 22.83 -13.36 18.25
N THR E 121 22.83 -14.70 18.28
CA THR E 121 23.86 -15.53 18.91
C THR E 121 24.10 -16.77 18.06
N GLY E 122 25.31 -17.36 18.20
CA GLY E 122 25.68 -18.60 17.53
C GLY E 122 25.94 -18.35 16.05
N ALA E 123 25.42 -19.25 15.20
CA ALA E 123 25.54 -19.19 13.75
C ALA E 123 24.84 -17.96 13.13
N GLU E 124 23.82 -17.42 13.81
CA GLU E 124 23.04 -16.27 13.33
C GLU E 124 23.81 -14.96 13.54
N LEU E 125 24.82 -14.93 14.43
CA LEU E 125 25.72 -13.80 14.61
C LEU E 125 27.02 -13.99 13.81
N ARG E 126 27.48 -15.23 13.63
CA ARG E 126 28.76 -15.55 12.98
C ARG E 126 28.67 -15.53 11.45
N HIS E 127 27.46 -15.51 10.88
CA HIS E 127 27.25 -15.20 9.47
C HIS E 127 27.51 -13.71 9.22
N TRP E 128 27.03 -12.87 10.14
CA TRP E 128 27.02 -11.42 9.99
C TRP E 128 28.37 -10.78 10.34
N SER E 129 29.04 -11.27 11.40
CA SER E 129 30.19 -10.62 12.01
C SER E 129 31.53 -11.02 11.37
N ASP E 130 31.54 -12.01 10.46
CA ASP E 130 32.76 -12.45 9.78
C ASP E 130 33.16 -11.47 8.67
N MET E 131 32.20 -10.97 7.88
CA MET E 131 32.43 -9.95 6.87
C MET E 131 32.64 -8.55 7.47
N LEU E 132 32.42 -8.38 8.79
CA LEU E 132 32.64 -7.14 9.52
C LEU E 132 33.95 -7.21 10.35
N ALA E 133 34.50 -8.42 10.55
CA ALA E 133 35.84 -8.63 11.09
C ALA E 133 36.93 -8.44 10.01
N ASN E 134 36.54 -8.42 8.72
CA ASN E 134 37.40 -8.16 7.59
C ASN E 134 36.54 -7.70 6.41
N PRO E 135 36.70 -6.45 5.91
CA PRO E 135 35.90 -5.91 4.82
C PRO E 135 36.32 -6.52 3.47
N ARG E 136 35.34 -6.56 2.54
CA ARG E 136 35.43 -7.09 1.17
C ARG E 136 35.51 -8.62 1.13
N ARG E 137 35.58 -9.31 2.28
CA ARG E 137 35.59 -10.76 2.38
C ARG E 137 34.14 -11.26 2.47
N PRO E 138 33.67 -12.09 1.52
CA PRO E 138 32.33 -12.68 1.56
C PRO E 138 32.31 -13.89 2.50
N ILE E 139 31.08 -14.36 2.82
CA ILE E 139 30.85 -15.44 3.76
C ILE E 139 29.43 -16.01 3.55
N ALA E 140 29.33 -17.34 3.58
CA ALA E 140 28.11 -18.10 3.34
C ALA E 140 27.97 -19.26 4.32
N GLN E 141 26.71 -19.63 4.62
CA GLN E 141 26.35 -20.72 5.54
C GLN E 141 24.83 -20.97 5.54
N TRP E 142 24.46 -22.20 5.97
CA TRP E 142 23.09 -22.71 6.03
C TRP E 142 22.40 -22.33 7.36
N HIS E 143 21.06 -22.36 7.32
CA HIS E 143 20.16 -22.05 8.43
C HIS E 143 18.87 -22.87 8.28
N THR E 144 18.25 -23.24 9.41
CA THR E 144 17.02 -24.05 9.47
C THR E 144 15.80 -23.13 9.57
N LEU E 145 14.75 -23.46 8.80
CA LEU E 145 13.48 -22.72 8.75
C LEU E 145 12.75 -22.75 10.10
N GLN E 146 12.08 -21.64 10.43
CA GLN E 146 11.33 -21.43 11.67
C GLN E 146 10.04 -20.65 11.39
N VAL E 147 9.08 -20.71 12.33
CA VAL E 147 7.78 -20.06 12.25
C VAL E 147 7.94 -18.53 12.29
N GLU E 148 7.02 -17.81 11.64
CA GLU E 148 7.02 -16.36 11.53
C GLU E 148 6.91 -15.68 12.90
N GLU E 149 6.08 -16.22 13.81
CA GLU E 149 5.87 -15.70 15.16
C GLU E 149 7.02 -16.05 16.11
N GLU E 150 7.79 -17.11 15.80
CA GLU E 150 8.97 -17.52 16.56
C GLU E 150 10.15 -16.58 16.28
N VAL E 151 10.23 -16.04 15.04
CA VAL E 151 11.23 -15.07 14.62
C VAL E 151 10.77 -13.65 14.98
N ASP E 152 9.46 -13.39 15.13
CA ASP E 152 8.93 -12.12 15.63
C ASP E 152 9.27 -11.91 17.11
N ALA E 153 9.38 -13.00 17.88
CA ALA E 153 9.81 -12.98 19.27
C ALA E 153 11.32 -12.74 19.40
N MET E 154 12.11 -13.01 18.35
CA MET E 154 13.53 -12.72 18.30
C MET E 154 13.79 -11.27 17.83
N LEU E 155 12.91 -10.73 16.98
CA LEU E 155 12.93 -9.34 16.51
C LEU E 155 12.33 -8.38 17.57
N ALA E 156 11.84 -8.89 18.70
CA ALA E 156 11.36 -8.08 19.82
C ALA E 156 12.50 -7.33 20.54
#